data_2FIQ
#
_entry.id   2FIQ
#
_cell.length_a   92.352
_cell.length_b   100.001
_cell.length_c   206.549
_cell.angle_alpha   90.00
_cell.angle_beta   90.00
_cell.angle_gamma   90.00
#
_symmetry.space_group_name_H-M   'P 21 21 21'
#
loop_
_entity.id
_entity.type
_entity.pdbx_description
1 polymer 'putative tagatose 6-phosphate kinase 1'
2 water water
#
_entity_poly.entity_id   1
_entity_poly.type   'polypeptide(L)'
_entity_poly.pdbx_seq_one_letter_code
;(MSE)KTLIARHKAGEHIGICSVCSAHPLVIEAALAFDRNSTRKVLIEATSNQVNQFGGYTG(MSE)TPADFREFVFAIA
DKVGFARERIILGGDHLGPNCWQQENVDAA(MSE)EKSVELVKAYVRAGFSKIHLDAS(MSE)SCAGDPIPLAPETVAER
AAVLCFAAESVATDCQREQLSYVIGTEVPVPGGEASAIQSVHITHVEDAANTLRTHQKAFIARGLTEALTRVIAIVVQPG
VEFDHSNIIHYQPQEAQALAQWIENTR(MSE)VYEAHSTDYQTRTAYWELVRDHFAILKVGPALTFALREAIFALAQIEQ
ELIAPENRSGCLAVIEEV(MSE)LDEPQYWKKYYRTGFNDSLLDIRYSLSDRIRYYWPHSRIKNSVET(MSE)(MSE)VN
LQGVDIPLG(MSE)ISQYLPKQFERIQSGELSAIPHQLI(MSE)DKIYDVLRAYRYGCAE
;
_entity_poly.pdbx_strand_id   A,B,C,D
#
# COMPACT_ATOMS: atom_id res chain seq x y z
N LYS A 2 35.67 -34.53 -22.14
CA LYS A 2 35.79 -35.74 -22.90
C LYS A 2 35.71 -36.99 -22.03
N THR A 3 36.28 -36.97 -20.82
CA THR A 3 36.26 -38.19 -20.01
C THR A 3 34.86 -38.53 -19.56
N LEU A 4 34.11 -37.50 -19.16
CA LEU A 4 32.74 -37.65 -18.69
C LEU A 4 31.87 -38.21 -19.81
N ILE A 5 31.99 -37.65 -21.00
CA ILE A 5 31.30 -38.18 -22.17
C ILE A 5 31.71 -39.62 -22.49
N ALA A 6 33.01 -39.90 -22.41
CA ALA A 6 33.48 -41.28 -22.60
C ALA A 6 32.86 -42.23 -21.56
N ARG A 7 32.74 -41.77 -20.31
CA ARG A 7 32.07 -42.62 -19.30
C ARG A 7 30.60 -42.83 -19.67
N HIS A 8 29.93 -41.79 -20.15
CA HIS A 8 28.56 -41.91 -20.64
C HIS A 8 28.44 -42.95 -21.79
N LYS A 9 29.33 -42.82 -22.79
CA LYS A 9 29.37 -43.73 -23.96
C LYS A 9 29.71 -45.15 -23.60
N ALA A 10 30.45 -45.33 -22.50
CA ALA A 10 30.75 -46.68 -22.00
C ALA A 10 29.60 -47.25 -21.14
N GLY A 11 28.53 -46.46 -20.95
CA GLY A 11 27.30 -46.99 -20.36
C GLY A 11 26.99 -46.54 -18.95
N GLU A 12 27.80 -45.62 -18.44
CA GLU A 12 27.55 -45.03 -17.14
C GLU A 12 26.48 -43.94 -17.27
N HIS A 13 25.54 -43.95 -16.31
CA HIS A 13 24.55 -42.91 -16.21
C HIS A 13 25.20 -41.68 -15.62
N ILE A 14 25.57 -40.75 -16.50
CA ILE A 14 26.24 -39.54 -16.10
C ILE A 14 25.97 -38.50 -17.19
N GLY A 15 25.65 -37.29 -16.74
CA GLY A 15 25.49 -36.17 -17.64
C GLY A 15 26.13 -34.94 -17.02
N ILE A 16 26.01 -33.81 -17.71
CA ILE A 16 26.53 -32.57 -17.16
C ILE A 16 25.50 -31.47 -17.28
N CYS A 17 25.36 -30.69 -16.21
CA CYS A 17 24.50 -29.52 -16.18
C CYS A 17 25.30 -28.34 -16.69
N SER A 18 24.82 -27.71 -17.75
CA SER A 18 25.50 -26.56 -18.32
C SER A 18 24.81 -25.29 -17.83
N VAL A 19 25.51 -24.52 -17.00
CA VAL A 19 24.96 -23.31 -16.37
C VAL A 19 25.09 -22.12 -17.31
N CYS A 20 23.97 -21.70 -17.90
CA CYS A 20 23.95 -20.59 -18.85
C CYS A 20 23.40 -19.34 -18.19
N SER A 21 24.16 -18.81 -17.26
CA SER A 21 23.73 -17.60 -16.57
C SER A 21 24.96 -16.72 -16.41
N ALA A 22 24.75 -15.42 -16.51
CA ALA A 22 25.79 -14.46 -16.23
C ALA A 22 25.58 -13.82 -14.84
N HIS A 23 24.59 -14.28 -14.08
CA HIS A 23 24.31 -13.66 -12.79
C HIS A 23 25.35 -14.11 -11.77
N PRO A 24 26.05 -13.15 -11.14
CA PRO A 24 27.14 -13.50 -10.22
C PRO A 24 26.71 -14.44 -9.06
N LEU A 25 25.50 -14.27 -8.53
CA LEU A 25 25.00 -15.13 -7.45
C LEU A 25 24.71 -16.55 -7.91
N VAL A 26 24.26 -16.67 -9.15
CA VAL A 26 23.98 -17.97 -9.76
C VAL A 26 25.28 -18.75 -9.99
N ILE A 27 26.29 -18.03 -10.47
CA ILE A 27 27.60 -18.60 -10.69
C ILE A 27 28.22 -18.98 -9.34
N GLU A 28 28.02 -18.12 -8.33
CA GLU A 28 28.49 -18.41 -6.99
C GLU A 28 27.82 -19.69 -6.48
N ALA A 29 26.50 -19.79 -6.62
CA ALA A 29 25.78 -21.00 -6.23
C ALA A 29 26.20 -22.24 -7.00
N ALA A 30 26.44 -22.11 -8.31
CA ALA A 30 26.86 -23.27 -9.11
C ALA A 30 28.19 -23.85 -8.61
N LEU A 31 29.09 -22.95 -8.22
CA LEU A 31 30.42 -23.33 -7.80
C LEU A 31 30.42 -23.86 -6.38
N ALA A 32 29.75 -23.13 -5.50
CA ALA A 32 29.53 -23.52 -4.11
C ALA A 32 28.84 -24.88 -3.98
N PHE A 33 27.83 -25.12 -4.82
CA PHE A 33 27.06 -26.37 -4.80
C PHE A 33 27.96 -27.61 -5.01
N ASP A 34 29.01 -27.46 -5.81
CA ASP A 34 29.96 -28.54 -6.05
C ASP A 34 31.30 -28.38 -5.33
N ARG A 35 31.40 -27.40 -4.44
CA ARG A 35 32.68 -27.13 -3.77
C ARG A 35 33.35 -28.40 -3.25
N ASN A 36 32.58 -29.27 -2.61
CA ASN A 36 33.10 -30.46 -1.93
C ASN A 36 32.89 -31.78 -2.66
N SER A 37 32.48 -31.72 -3.92
CA SER A 37 32.41 -32.90 -4.76
C SER A 37 33.70 -33.00 -5.61
N THR A 38 33.75 -33.95 -6.54
CA THR A 38 34.82 -33.95 -7.52
C THR A 38 34.35 -33.57 -8.93
N ARG A 39 33.09 -33.16 -9.07
CA ARG A 39 32.56 -32.83 -10.39
C ARG A 39 33.10 -31.51 -10.92
N LYS A 40 33.30 -31.48 -12.23
CA LYS A 40 33.58 -30.28 -12.99
C LYS A 40 32.30 -29.46 -13.09
N VAL A 41 32.45 -28.14 -13.05
CA VAL A 41 31.33 -27.24 -13.24
C VAL A 41 31.48 -26.54 -14.59
N LEU A 42 30.40 -26.58 -15.38
CA LEU A 42 30.33 -25.99 -16.72
C LEU A 42 29.48 -24.72 -16.73
N ILE A 43 30.11 -23.59 -17.08
CA ILE A 43 29.47 -22.29 -17.22
C ILE A 43 29.70 -21.76 -18.64
N GLU A 44 28.62 -21.35 -19.29
CA GLU A 44 28.69 -20.95 -20.69
C GLU A 44 28.10 -19.56 -20.88
N ALA A 45 28.70 -18.81 -21.80
CA ALA A 45 28.19 -17.50 -22.23
C ALA A 45 27.66 -17.62 -23.67
N THR A 46 26.68 -16.80 -24.00
CA THR A 46 26.20 -16.69 -25.39
C THR A 46 26.90 -15.51 -26.07
N SER A 47 26.97 -15.52 -27.40
CA SER A 47 27.69 -14.47 -28.13
C SER A 47 27.09 -13.09 -27.86
N ASN A 48 25.83 -13.05 -27.45
CA ASN A 48 25.16 -11.78 -27.07
C ASN A 48 25.61 -11.28 -25.73
N GLN A 49 25.71 -12.18 -24.75
CA GLN A 49 26.16 -11.83 -23.42
C GLN A 49 27.59 -11.33 -23.49
N VAL A 50 28.46 -12.14 -24.08
CA VAL A 50 29.87 -11.80 -24.14
C VAL A 50 30.49 -12.08 -25.52
N ASN A 51 31.13 -11.06 -26.07
CA ASN A 51 31.82 -11.15 -27.34
C ASN A 51 32.94 -10.12 -27.32
N GLN A 52 33.62 -9.96 -28.47
CA GLN A 52 34.77 -9.07 -28.58
C GLN A 52 34.46 -7.59 -28.32
N PHE A 53 33.18 -7.21 -28.41
CA PHE A 53 32.74 -5.83 -28.16
C PHE A 53 32.13 -5.66 -26.76
N GLY A 54 32.06 -6.74 -25.99
CA GLY A 54 31.48 -6.73 -24.65
C GLY A 54 30.05 -7.22 -24.57
N GLY A 55 29.50 -7.68 -25.69
CA GLY A 55 28.10 -8.10 -25.75
C GLY A 55 27.15 -7.09 -25.14
N TYR A 56 26.31 -7.53 -24.20
CA TYR A 56 25.48 -6.58 -23.46
C TYR A 56 25.85 -6.53 -21.99
N THR A 57 26.80 -7.37 -21.58
CA THR A 57 27.28 -7.38 -20.19
C THR A 57 28.54 -6.51 -20.02
N GLY A 58 29.02 -5.94 -21.11
CA GLY A 58 30.31 -5.25 -21.11
C GLY A 58 31.50 -6.19 -20.86
N THR A 60 34.23 -8.99 -22.42
CA THR A 60 34.87 -9.82 -23.44
C THR A 60 34.97 -11.25 -22.88
N PRO A 61 35.25 -12.25 -23.74
CA PRO A 61 35.50 -13.59 -23.22
C PRO A 61 36.57 -13.63 -22.12
N ALA A 62 37.70 -12.94 -22.35
CA ALA A 62 38.72 -12.82 -21.31
C ALA A 62 38.15 -12.23 -20.00
N ASP A 63 37.28 -11.21 -20.11
CA ASP A 63 36.63 -10.59 -18.95
C ASP A 63 35.77 -11.58 -18.19
N PHE A 64 34.94 -12.28 -18.95
CA PHE A 64 34.04 -13.30 -18.39
C PHE A 64 34.79 -14.38 -17.62
N ARG A 65 35.93 -14.83 -18.17
CA ARG A 65 36.77 -15.82 -17.51
C ARG A 65 37.21 -15.35 -16.13
N GLU A 66 37.73 -14.13 -16.05
CA GLU A 66 38.26 -13.58 -14.80
C GLU A 66 37.13 -13.31 -13.80
N PHE A 67 35.97 -12.94 -14.34
CA PHE A 67 34.75 -12.73 -13.59
C PHE A 67 34.34 -14.05 -12.89
N VAL A 68 34.31 -15.14 -13.65
CA VAL A 68 33.99 -16.43 -13.07
C VAL A 68 35.08 -16.91 -12.08
N PHE A 69 36.35 -16.73 -12.46
CA PHE A 69 37.50 -17.10 -11.62
C PHE A 69 37.53 -16.41 -10.27
N ALA A 70 37.17 -15.12 -10.26
CA ALA A 70 37.15 -14.32 -9.05
C ALA A 70 36.06 -14.82 -8.10
N ILE A 71 34.91 -15.18 -8.66
CA ILE A 71 33.86 -15.83 -7.88
C ILE A 71 34.33 -17.19 -7.32
N ALA A 72 35.06 -17.96 -8.14
CA ALA A 72 35.58 -19.28 -7.73
C ALA A 72 36.55 -19.17 -6.56
N ASP A 73 37.49 -18.24 -6.65
CA ASP A 73 38.43 -17.95 -5.57
C ASP A 73 37.74 -17.64 -4.25
N LYS A 74 36.64 -16.88 -4.31
CA LYS A 74 35.94 -16.44 -3.09
C LYS A 74 35.21 -17.62 -2.45
N VAL A 75 34.88 -18.60 -3.28
CA VAL A 75 34.12 -19.78 -2.87
C VAL A 75 35.06 -20.89 -2.34
N GLY A 76 36.28 -20.95 -2.86
CA GLY A 76 37.20 -22.03 -2.55
C GLY A 76 37.11 -23.15 -3.56
N PHE A 77 36.76 -22.80 -4.81
CA PHE A 77 36.56 -23.76 -5.88
C PHE A 77 37.73 -23.63 -6.84
N ALA A 78 38.53 -24.70 -6.96
CA ALA A 78 39.72 -24.73 -7.83
C ALA A 78 39.37 -24.38 -9.27
N ARG A 79 40.10 -23.41 -9.81
CA ARG A 79 39.88 -22.91 -11.18
C ARG A 79 39.91 -24.00 -12.23
N GLU A 80 40.70 -25.04 -11.99
CA GLU A 80 40.86 -26.16 -12.93
C GLU A 80 39.63 -27.08 -13.03
N ARG A 81 38.77 -27.05 -12.00
CA ARG A 81 37.51 -27.80 -12.02
C ARG A 81 36.43 -27.07 -12.83
N ILE A 82 36.81 -25.96 -13.45
CA ILE A 82 35.85 -25.17 -14.23
C ILE A 82 35.97 -25.37 -15.73
N ILE A 83 34.86 -25.73 -16.36
CA ILE A 83 34.82 -25.75 -17.83
C ILE A 83 34.10 -24.50 -18.30
N LEU A 84 34.74 -23.73 -19.18
CA LEU A 84 34.07 -22.57 -19.79
C LEU A 84 33.62 -22.85 -21.22
N GLY A 85 32.39 -22.43 -21.54
CA GLY A 85 31.79 -22.70 -22.82
C GLY A 85 31.19 -21.52 -23.58
N GLY A 86 31.21 -21.63 -24.90
CA GLY A 86 30.57 -20.65 -25.75
C GLY A 86 29.32 -21.29 -26.33
N ASP A 87 28.21 -20.57 -26.20
CA ASP A 87 26.88 -21.03 -26.60
C ASP A 87 26.49 -20.28 -27.89
N HIS A 88 25.99 -21.03 -28.87
CA HIS A 88 25.51 -20.46 -30.16
C HIS A 88 26.49 -19.45 -30.79
N LEU A 89 27.78 -19.81 -30.88
CA LEU A 89 28.79 -18.96 -31.50
C LEU A 89 28.65 -19.02 -33.04
N GLY A 90 28.71 -17.85 -33.66
CA GLY A 90 28.34 -17.67 -35.06
C GLY A 90 27.87 -16.24 -35.27
N PRO A 91 27.24 -15.95 -36.44
CA PRO A 91 26.77 -14.60 -36.77
C PRO A 91 25.50 -14.11 -36.05
N ASN A 92 25.13 -14.76 -34.95
CA ASN A 92 23.84 -14.54 -34.30
C ASN A 92 23.37 -13.08 -34.15
N CYS A 93 24.19 -12.25 -33.49
CA CYS A 93 23.82 -10.86 -33.27
C CYS A 93 24.34 -9.89 -34.32
N TRP A 94 24.87 -10.41 -35.43
CA TRP A 94 25.24 -9.56 -36.57
C TRP A 94 24.40 -9.96 -37.77
N GLN A 95 23.29 -10.62 -37.47
CA GLN A 95 22.31 -11.13 -38.42
C GLN A 95 21.81 -10.10 -39.44
N GLN A 96 21.71 -8.84 -39.02
CA GLN A 96 21.16 -7.79 -39.87
C GLN A 96 22.17 -7.35 -40.93
N GLU A 97 23.44 -7.70 -40.71
CA GLU A 97 24.53 -7.36 -41.63
C GLU A 97 24.65 -8.41 -42.73
N ASN A 98 25.39 -8.08 -43.79
CA ASN A 98 25.63 -9.03 -44.87
C ASN A 98 26.55 -10.15 -44.44
N VAL A 99 26.58 -11.23 -45.23
CA VAL A 99 27.35 -12.46 -44.93
C VAL A 99 28.79 -12.16 -44.51
N ASP A 100 29.48 -11.39 -45.35
CA ASP A 100 30.90 -11.07 -45.16
C ASP A 100 31.20 -10.45 -43.81
N ALA A 101 30.40 -9.45 -43.45
CA ALA A 101 30.60 -8.69 -42.22
C ALA A 101 30.21 -9.49 -41.00
N ALA A 102 29.11 -10.22 -41.08
CA ALA A 102 28.66 -11.07 -39.98
C ALA A 102 29.63 -12.22 -39.74
N GLU A 104 32.86 -12.25 -40.61
CA GLU A 104 34.11 -11.66 -40.13
C GLU A 104 34.09 -11.48 -38.61
N LYS A 105 32.97 -10.99 -38.07
CA LYS A 105 32.83 -10.80 -36.64
C LYS A 105 32.76 -12.14 -35.93
N SER A 106 32.04 -13.10 -36.51
CA SER A 106 31.95 -14.47 -35.99
C SER A 106 33.29 -15.18 -35.88
N VAL A 107 34.15 -15.02 -36.89
CA VAL A 107 35.50 -15.57 -36.86
C VAL A 107 36.33 -15.00 -35.69
N GLU A 108 36.27 -13.68 -35.51
CA GLU A 108 36.96 -13.04 -34.39
C GLU A 108 36.33 -13.39 -33.03
N LEU A 109 35.02 -13.58 -33.03
CA LEU A 109 34.29 -14.08 -31.86
C LEU A 109 34.82 -15.45 -31.40
N VAL A 110 34.81 -16.42 -32.32
CA VAL A 110 35.35 -17.76 -32.03
C VAL A 110 36.80 -17.70 -31.57
N LYS A 111 37.58 -16.84 -32.20
CA LYS A 111 38.97 -16.68 -31.82
C LYS A 111 39.10 -16.10 -30.43
N ALA A 112 38.31 -15.06 -30.14
CA ALA A 112 38.27 -14.47 -28.79
C ALA A 112 37.97 -15.53 -27.71
N TYR A 113 36.95 -16.34 -27.96
CA TYR A 113 36.57 -17.40 -27.01
C TYR A 113 37.70 -18.42 -26.84
N VAL A 114 38.30 -18.84 -27.96
CA VAL A 114 39.31 -19.88 -27.89
C VAL A 114 40.57 -19.37 -27.18
N ARG A 115 41.03 -18.18 -27.58
CA ARG A 115 42.19 -17.54 -26.92
C ARG A 115 42.00 -17.35 -25.41
N ALA A 116 40.77 -17.05 -24.98
CA ALA A 116 40.46 -16.86 -23.57
C ALA A 116 40.39 -18.18 -22.77
N GLY A 117 40.65 -19.31 -23.42
CA GLY A 117 40.63 -20.62 -22.75
C GLY A 117 39.27 -21.30 -22.56
N PHE A 118 38.24 -20.82 -23.27
CA PHE A 118 36.99 -21.56 -23.45
C PHE A 118 37.23 -22.83 -24.28
N SER A 119 36.89 -23.98 -23.70
CA SER A 119 37.20 -25.27 -24.32
C SER A 119 35.95 -25.95 -24.91
N LYS A 120 34.77 -25.47 -24.56
CA LYS A 120 33.58 -26.06 -25.16
C LYS A 120 33.00 -25.04 -26.10
N ILE A 121 32.95 -25.39 -27.39
CA ILE A 121 32.61 -24.41 -28.43
C ILE A 121 31.44 -24.90 -29.24
N HIS A 122 30.30 -24.23 -29.11
CA HIS A 122 29.12 -24.52 -29.92
C HIS A 122 29.13 -23.66 -31.19
N LEU A 123 29.27 -24.32 -32.34
CA LEU A 123 29.33 -23.64 -33.64
C LEU A 123 27.95 -23.67 -34.29
N ASP A 124 27.36 -22.49 -34.48
CA ASP A 124 26.00 -22.35 -34.99
C ASP A 124 25.92 -21.15 -35.93
N ALA A 125 26.07 -21.44 -37.22
CA ALA A 125 25.85 -20.43 -38.25
C ALA A 125 24.68 -20.86 -39.11
N SER A 126 23.61 -21.29 -38.43
CA SER A 126 22.38 -21.67 -39.11
C SER A 126 21.48 -20.50 -39.52
N SER A 128 20.21 -17.00 -41.29
CA SER A 128 20.44 -16.29 -42.54
C SER A 128 20.77 -14.85 -42.21
N CYS A 129 21.80 -14.33 -42.86
CA CYS A 129 22.16 -12.91 -42.75
C CYS A 129 21.54 -12.15 -43.93
N ALA A 130 21.85 -10.86 -44.06
CA ALA A 130 21.26 -10.03 -45.11
C ALA A 130 21.73 -10.46 -46.50
N GLY A 131 20.77 -10.75 -47.36
CA GLY A 131 21.07 -11.20 -48.71
C GLY A 131 21.04 -12.71 -48.83
N ASP A 132 21.10 -13.39 -47.69
CA ASP A 132 21.03 -14.85 -47.63
C ASP A 132 19.63 -15.36 -47.99
N PRO A 133 19.53 -16.61 -48.50
CA PRO A 133 18.20 -17.17 -48.70
C PRO A 133 17.63 -17.60 -47.35
N ILE A 134 16.32 -17.77 -47.28
CA ILE A 134 15.68 -18.23 -46.04
C ILE A 134 14.84 -19.47 -46.33
N PRO A 135 15.22 -20.62 -45.75
CA PRO A 135 16.38 -20.77 -44.88
C PRO A 135 17.67 -21.10 -45.65
N LEU A 136 18.78 -21.21 -44.92
CA LEU A 136 20.05 -21.64 -45.50
C LEU A 136 19.98 -23.06 -46.04
N ALA A 137 20.68 -23.32 -47.14
CA ALA A 137 20.93 -24.68 -47.56
C ALA A 137 21.75 -25.37 -46.44
N PRO A 138 21.41 -26.63 -46.12
CA PRO A 138 22.06 -27.28 -44.98
C PRO A 138 23.59 -27.39 -45.17
N GLU A 139 24.01 -27.47 -46.44
CA GLU A 139 25.41 -27.46 -46.86
C GLU A 139 26.11 -26.13 -46.53
N THR A 140 25.37 -25.03 -46.65
CA THR A 140 25.84 -23.69 -46.29
C THR A 140 26.00 -23.54 -44.78
N VAL A 141 25.05 -24.08 -44.01
CA VAL A 141 25.18 -24.12 -42.55
C VAL A 141 26.49 -24.83 -42.13
N ALA A 142 26.75 -25.99 -42.74
CA ALA A 142 27.92 -26.82 -42.45
C ALA A 142 29.23 -26.14 -42.81
N GLU A 143 29.27 -25.50 -43.99
CA GLU A 143 30.46 -24.82 -44.51
C GLU A 143 30.90 -23.69 -43.59
N ARG A 144 29.91 -22.92 -43.16
CA ARG A 144 30.11 -21.79 -42.27
C ARG A 144 30.60 -22.25 -40.89
N ALA A 145 30.03 -23.36 -40.41
CA ALA A 145 30.54 -24.00 -39.22
C ALA A 145 32.01 -24.44 -39.38
N ALA A 146 32.37 -24.97 -40.56
CA ALA A 146 33.75 -25.40 -40.82
C ALA A 146 34.72 -24.21 -40.83
N VAL A 147 34.28 -23.08 -41.38
CA VAL A 147 35.06 -21.84 -41.34
C VAL A 147 35.36 -21.45 -39.87
N LEU A 148 34.34 -21.54 -39.03
CA LEU A 148 34.44 -21.20 -37.61
C LEU A 148 35.34 -22.17 -36.83
N CYS A 149 35.23 -23.46 -37.12
CA CYS A 149 36.10 -24.48 -36.54
C CYS A 149 37.56 -24.25 -36.99
N PHE A 150 37.74 -23.97 -38.28
CA PHE A 150 39.09 -23.66 -38.81
C PHE A 150 39.71 -22.51 -38.03
N ALA A 151 38.92 -21.47 -37.76
CA ALA A 151 39.38 -20.31 -36.99
C ALA A 151 39.80 -20.71 -35.57
N ALA A 152 38.96 -21.50 -34.90
CA ALA A 152 39.26 -22.01 -33.56
C ALA A 152 40.57 -22.79 -33.56
N GLU A 153 40.68 -23.77 -34.45
CA GLU A 153 41.86 -24.63 -34.54
C GLU A 153 43.14 -23.87 -34.82
N SER A 154 43.05 -22.79 -35.60
CA SER A 154 44.22 -22.03 -36.04
C SER A 154 44.81 -21.17 -34.92
N VAL A 155 43.97 -20.64 -34.03
CA VAL A 155 44.46 -19.82 -32.90
C VAL A 155 44.79 -20.65 -31.66
N ALA A 156 44.28 -21.88 -31.62
CA ALA A 156 44.47 -22.74 -30.46
C ALA A 156 45.94 -23.04 -30.29
N THR A 157 46.40 -23.01 -29.05
CA THR A 157 47.71 -23.58 -28.75
C THR A 157 47.54 -25.09 -28.85
N ASP A 158 48.65 -25.81 -28.99
CA ASP A 158 48.64 -27.27 -28.96
C ASP A 158 47.83 -27.83 -27.78
N CYS A 159 48.06 -27.28 -26.59
N CYS A 159 48.05 -27.25 -26.60
CA CYS A 159 47.38 -27.74 -25.38
CA CYS A 159 47.42 -27.68 -25.35
C CYS A 159 45.87 -27.49 -25.46
C CYS A 159 45.92 -27.43 -25.34
N GLN A 160 45.49 -26.28 -25.88
CA GLN A 160 44.07 -25.92 -25.98
C GLN A 160 43.36 -26.75 -27.05
N ARG A 161 44.06 -27.01 -28.16
CA ARG A 161 43.46 -27.68 -29.30
C ARG A 161 43.03 -29.10 -28.93
N GLU A 162 43.88 -29.79 -28.16
CA GLU A 162 43.58 -31.15 -27.76
C GLU A 162 42.40 -31.20 -26.81
N GLN A 163 42.19 -30.11 -26.07
CA GLN A 163 41.08 -30.04 -25.12
C GLN A 163 39.82 -29.45 -25.71
N LEU A 164 39.86 -28.97 -26.95
CA LEU A 164 38.67 -28.34 -27.52
C LEU A 164 37.58 -29.35 -27.88
N SER A 165 36.35 -29.08 -27.48
CA SER A 165 35.18 -29.88 -27.83
C SER A 165 34.22 -29.01 -28.64
N TYR A 166 33.75 -29.53 -29.78
CA TYR A 166 32.76 -28.80 -30.57
C TYR A 166 31.39 -29.39 -30.42
N VAL A 167 30.40 -28.49 -30.34
CA VAL A 167 28.99 -28.83 -30.45
C VAL A 167 28.49 -28.26 -31.79
N ILE A 168 27.67 -29.05 -32.49
CA ILE A 168 27.08 -28.58 -33.75
C ILE A 168 25.56 -28.63 -33.68
N GLY A 169 24.90 -27.99 -34.64
CA GLY A 169 23.45 -28.07 -34.77
C GLY A 169 22.77 -27.00 -33.93
N THR A 170 21.43 -26.97 -34.02
CA THR A 170 20.63 -26.01 -33.28
C THR A 170 19.27 -26.60 -32.84
N GLU A 171 18.66 -26.03 -31.80
CA GLU A 171 17.33 -26.45 -31.35
C GLU A 171 16.25 -25.79 -32.20
N VAL A 172 16.62 -24.66 -32.82
CA VAL A 172 15.71 -23.88 -33.66
C VAL A 172 15.24 -24.71 -34.88
N PRO A 173 13.90 -24.88 -35.04
CA PRO A 173 13.43 -25.63 -36.21
C PRO A 173 13.65 -24.84 -37.50
N VAL A 174 14.01 -25.53 -38.59
CA VAL A 174 14.29 -24.90 -39.88
C VAL A 174 13.09 -24.09 -40.39
N VAL A 185 6.16 -27.54 -29.93
CA VAL A 185 7.43 -28.24 -29.93
C VAL A 185 7.46 -29.40 -30.92
N HIS A 186 8.52 -29.46 -31.71
CA HIS A 186 8.66 -30.44 -32.76
C HIS A 186 9.93 -31.23 -32.54
N ILE A 187 9.78 -32.45 -32.03
CA ILE A 187 10.91 -33.35 -31.81
C ILE A 187 11.70 -33.57 -33.11
N THR A 188 13.00 -33.29 -33.05
CA THR A 188 13.93 -33.50 -34.17
C THR A 188 13.79 -34.91 -34.78
N HIS A 189 13.68 -34.96 -36.12
CA HIS A 189 13.71 -36.22 -36.86
C HIS A 189 15.14 -36.75 -36.91
N VAL A 190 15.27 -38.07 -36.75
CA VAL A 190 16.57 -38.72 -36.86
C VAL A 190 17.27 -38.41 -38.17
N GLU A 191 16.53 -38.37 -39.28
CA GLU A 191 17.15 -38.10 -40.57
C GLU A 191 17.69 -36.68 -40.72
N ASP A 192 17.09 -35.72 -40.01
CA ASP A 192 17.62 -34.37 -39.98
C ASP A 192 18.89 -34.28 -39.13
N ALA A 193 18.90 -34.92 -37.95
CA ALA A 193 20.15 -35.03 -37.17
C ALA A 193 21.25 -35.73 -37.97
N ALA A 194 20.87 -36.80 -38.67
CA ALA A 194 21.82 -37.53 -39.51
C ALA A 194 22.38 -36.60 -40.59
N ASN A 195 21.48 -35.83 -41.23
CA ASN A 195 21.89 -34.94 -42.30
C ASN A 195 22.76 -33.81 -41.80
N THR A 196 22.42 -33.29 -40.63
CA THR A 196 23.23 -32.26 -39.99
C THR A 196 24.67 -32.77 -39.76
N LEU A 197 24.82 -33.99 -39.24
CA LEU A 197 26.16 -34.61 -39.07
C LEU A 197 26.88 -34.81 -40.40
N ARG A 198 26.17 -35.37 -41.38
CA ARG A 198 26.80 -35.77 -42.64
C ARG A 198 27.40 -34.55 -43.35
N THR A 199 26.62 -33.49 -43.42
CA THR A 199 27.04 -32.24 -44.07
C THR A 199 28.15 -31.51 -43.29
N HIS A 200 28.11 -31.57 -41.96
CA HIS A 200 29.24 -31.07 -41.17
C HIS A 200 30.51 -31.89 -41.40
N GLN A 201 30.39 -33.21 -41.35
CA GLN A 201 31.48 -34.05 -41.77
C GLN A 201 32.07 -33.60 -43.12
N LYS A 202 31.21 -33.43 -44.12
CA LYS A 202 31.70 -33.14 -45.46
C LYS A 202 32.40 -31.78 -45.52
N ALA A 203 31.85 -30.80 -44.80
CA ALA A 203 32.40 -29.44 -44.78
C ALA A 203 33.73 -29.38 -44.02
N PHE A 204 33.84 -30.17 -42.96
CA PHE A 204 35.08 -30.33 -42.21
C PHE A 204 36.18 -30.96 -43.06
N ILE A 205 35.88 -32.09 -43.69
CA ILE A 205 36.83 -32.80 -44.55
C ILE A 205 37.31 -31.90 -45.69
N ALA A 206 36.39 -31.16 -46.31
CA ALA A 206 36.74 -30.21 -47.39
C ALA A 206 37.75 -29.12 -46.97
N ARG A 207 37.92 -28.90 -45.67
CA ARG A 207 38.85 -27.87 -45.15
C ARG A 207 40.04 -28.50 -44.47
N GLY A 208 40.17 -29.82 -44.61
CA GLY A 208 41.26 -30.59 -43.99
C GLY A 208 41.12 -30.76 -42.47
N LEU A 209 39.91 -30.56 -41.95
CA LEU A 209 39.71 -30.65 -40.51
C LEU A 209 39.39 -32.08 -40.05
N THR A 210 40.27 -33.03 -40.37
CA THR A 210 40.08 -34.45 -40.06
C THR A 210 40.17 -34.77 -38.55
N GLU A 211 41.16 -34.18 -37.87
CA GLU A 211 41.31 -34.34 -36.42
C GLU A 211 40.20 -33.56 -35.71
N ALA A 212 39.97 -32.33 -36.14
CA ALA A 212 38.98 -31.48 -35.48
C ALA A 212 37.59 -32.14 -35.51
N LEU A 213 37.34 -32.93 -36.55
CA LEU A 213 36.07 -33.64 -36.69
C LEU A 213 35.83 -34.66 -35.58
N THR A 214 36.88 -35.31 -35.11
CA THR A 214 36.80 -36.22 -33.97
C THR A 214 36.55 -35.48 -32.66
N ARG A 215 36.69 -34.16 -32.68
CA ARG A 215 36.41 -33.36 -31.49
C ARG A 215 34.99 -32.79 -31.44
N VAL A 216 34.18 -33.08 -32.46
CA VAL A 216 32.73 -32.77 -32.41
C VAL A 216 32.09 -33.82 -31.50
N ILE A 217 31.69 -33.40 -30.30
CA ILE A 217 31.33 -34.32 -29.21
C ILE A 217 29.83 -34.39 -29.02
N ALA A 218 29.12 -33.43 -29.57
CA ALA A 218 27.70 -33.34 -29.29
C ALA A 218 26.99 -32.68 -30.44
N ILE A 219 25.73 -33.06 -30.63
CA ILE A 219 24.83 -32.36 -31.52
C ILE A 219 23.59 -31.85 -30.75
N VAL A 220 23.14 -30.66 -31.12
CA VAL A 220 21.96 -30.05 -30.49
C VAL A 220 20.71 -30.51 -31.20
N VAL A 221 19.79 -31.10 -30.45
CA VAL A 221 18.49 -31.51 -30.98
C VAL A 221 17.37 -31.08 -30.03
N GLN A 222 16.14 -31.22 -30.50
CA GLN A 222 14.97 -30.96 -29.66
C GLN A 222 14.37 -32.31 -29.26
N PRO A 223 14.56 -32.70 -27.98
CA PRO A 223 14.02 -33.97 -27.48
C PRO A 223 12.53 -33.91 -27.03
N GLY A 224 11.93 -32.72 -27.08
CA GLY A 224 10.57 -32.49 -26.60
C GLY A 224 10.50 -31.75 -25.26
N VAL A 225 11.33 -30.72 -25.10
CA VAL A 225 11.26 -29.86 -23.90
C VAL A 225 11.23 -28.37 -24.23
N GLU A 226 10.40 -27.65 -23.49
CA GLU A 226 10.26 -26.20 -23.63
C GLU A 226 9.43 -25.64 -22.52
N PHE A 227 9.48 -24.31 -22.41
CA PHE A 227 8.65 -23.55 -21.52
C PHE A 227 8.34 -22.21 -22.21
N ASP A 228 7.18 -21.63 -21.93
CA ASP A 228 7.01 -20.18 -22.12
C ASP A 228 6.69 -19.53 -20.77
N HIS A 229 5.62 -18.76 -20.69
CA HIS A 229 5.38 -17.92 -19.51
C HIS A 229 4.74 -18.67 -18.33
N SER A 230 3.76 -19.51 -18.62
CA SER A 230 3.02 -20.22 -17.58
C SER A 230 2.85 -21.70 -17.98
N ASN A 231 3.72 -22.17 -18.87
CA ASN A 231 3.60 -23.53 -19.38
C ASN A 231 4.91 -24.23 -19.62
N ILE A 232 4.99 -25.47 -19.16
CA ILE A 232 6.15 -26.33 -19.39
C ILE A 232 5.75 -27.48 -20.31
N ILE A 233 6.58 -27.73 -21.32
CA ILE A 233 6.46 -28.93 -22.17
C ILE A 233 7.37 -30.00 -21.57
N HIS A 234 6.74 -30.97 -20.93
CA HIS A 234 7.44 -32.00 -20.21
C HIS A 234 7.95 -33.06 -21.16
N TYR A 235 9.19 -33.47 -20.91
CA TYR A 235 9.83 -34.53 -21.67
C TYR A 235 8.96 -35.78 -21.78
N GLN A 236 8.79 -36.28 -22.99
N GLN A 236 8.80 -36.28 -23.00
CA GLN A 236 8.09 -37.56 -23.16
CA GLN A 236 8.13 -37.55 -23.23
C GLN A 236 9.07 -38.59 -23.74
C GLN A 236 9.14 -38.57 -23.76
N PRO A 237 9.67 -39.42 -22.87
CA PRO A 237 10.69 -40.42 -23.28
C PRO A 237 10.27 -41.31 -24.46
N GLN A 238 9.05 -41.86 -24.45
CA GLN A 238 8.58 -42.72 -25.55
C GLN A 238 8.74 -42.02 -26.91
N GLU A 239 8.57 -40.71 -26.95
CA GLU A 239 8.61 -39.98 -28.22
C GLU A 239 10.01 -39.67 -28.72
N ALA A 240 11.01 -39.81 -27.83
CA ALA A 240 12.42 -39.53 -28.16
C ALA A 240 13.28 -40.78 -28.34
N GLN A 241 12.67 -41.95 -28.36
CA GLN A 241 13.46 -43.18 -28.37
C GLN A 241 14.22 -43.35 -29.68
N ALA A 242 13.64 -42.95 -30.81
CA ALA A 242 14.36 -43.01 -32.09
C ALA A 242 15.67 -42.19 -32.07
N LEU A 243 15.57 -40.93 -31.65
CA LEU A 243 16.73 -40.06 -31.43
C LEU A 243 17.74 -40.66 -30.50
N ALA A 244 17.27 -41.11 -29.33
CA ALA A 244 18.16 -41.72 -28.34
C ALA A 244 18.97 -42.84 -28.96
N GLN A 245 18.30 -43.70 -29.72
CA GLN A 245 18.97 -44.85 -30.30
C GLN A 245 19.97 -44.48 -31.40
N TRP A 246 19.67 -43.46 -32.19
CA TRP A 246 20.53 -43.08 -33.32
C TRP A 246 21.92 -42.68 -32.84
N ILE A 247 21.98 -41.88 -31.79
CA ILE A 247 23.23 -41.33 -31.29
C ILE A 247 24.20 -42.38 -30.75
N GLU A 248 23.68 -43.55 -30.35
CA GLU A 248 24.49 -44.59 -29.69
C GLU A 248 25.59 -45.12 -30.56
N ASN A 249 25.37 -45.17 -31.86
CA ASN A 249 26.38 -45.67 -32.81
C ASN A 249 27.27 -44.56 -33.36
N THR A 250 27.49 -43.54 -32.51
CA THR A 250 28.42 -42.44 -32.79
C THR A 250 29.27 -42.22 -31.54
N ARG A 251 30.28 -41.36 -31.64
CA ARG A 251 31.08 -40.96 -30.49
C ARG A 251 30.41 -39.84 -29.67
N VAL A 253 27.19 -37.36 -27.87
CA VAL A 253 25.99 -37.31 -27.06
C VAL A 253 25.15 -36.15 -27.62
N TYR A 254 23.92 -36.01 -27.14
CA TYR A 254 23.10 -34.84 -27.48
C TYR A 254 23.28 -33.73 -26.46
N GLU A 255 23.15 -32.50 -26.92
CA GLU A 255 23.02 -31.37 -26.03
C GLU A 255 21.60 -30.83 -26.14
N ALA A 256 20.96 -30.61 -24.99
CA ALA A 256 19.62 -30.07 -25.05
C ALA A 256 19.56 -28.68 -24.41
N HIS A 257 18.82 -27.79 -25.07
CA HIS A 257 18.64 -26.43 -24.60
C HIS A 257 17.27 -26.26 -24.00
N SER A 258 17.11 -25.21 -23.19
CA SER A 258 15.82 -24.85 -22.64
C SER A 258 15.25 -26.02 -21.86
N THR A 259 16.10 -26.63 -21.02
CA THR A 259 15.70 -27.80 -20.24
C THR A 259 15.11 -27.40 -18.87
N ASP A 260 15.01 -26.09 -18.67
CA ASP A 260 14.52 -25.48 -17.44
C ASP A 260 13.11 -25.97 -17.06
N TYR A 261 12.91 -26.19 -15.77
CA TYR A 261 11.60 -26.45 -15.17
C TYR A 261 11.08 -27.89 -15.37
N GLN A 262 11.92 -28.82 -15.80
CA GLN A 262 11.49 -30.21 -15.90
C GLN A 262 11.51 -30.86 -14.51
N THR A 263 10.78 -31.96 -14.36
CA THR A 263 10.88 -32.73 -13.11
C THR A 263 12.27 -33.43 -13.04
N ARG A 264 12.70 -33.75 -11.82
CA ARG A 264 13.95 -34.44 -11.65
C ARG A 264 13.93 -35.83 -12.27
N THR A 265 12.74 -36.43 -12.39
CA THR A 265 12.59 -37.68 -13.14
C THR A 265 12.92 -37.50 -14.62
N ALA A 266 12.42 -36.42 -15.21
CA ALA A 266 12.69 -36.09 -16.62
C ALA A 266 14.17 -35.89 -16.88
N TYR A 267 14.88 -35.22 -15.97
CA TYR A 267 16.33 -35.04 -16.13
C TYR A 267 17.08 -36.36 -16.15
N TRP A 268 16.63 -37.29 -15.31
CA TRP A 268 17.22 -38.59 -15.24
C TRP A 268 16.93 -39.35 -16.53
N GLU A 269 15.67 -39.30 -16.97
CA GLU A 269 15.28 -39.91 -18.24
C GLU A 269 16.05 -39.33 -19.42
N LEU A 270 16.25 -38.03 -19.37
CA LEU A 270 16.95 -37.32 -20.43
C LEU A 270 18.35 -37.84 -20.55
N VAL A 271 19.05 -37.95 -19.43
CA VAL A 271 20.45 -38.45 -19.42
C VAL A 271 20.51 -39.92 -19.87
N ARG A 272 19.55 -40.71 -19.41
CA ARG A 272 19.43 -42.11 -19.84
C ARG A 272 19.38 -42.19 -21.37
N ASP A 273 18.64 -41.26 -21.98
CA ASP A 273 18.34 -41.26 -23.42
C ASP A 273 19.37 -40.46 -24.21
N HIS A 274 20.50 -40.19 -23.55
CA HIS A 274 21.71 -39.61 -24.14
C HIS A 274 21.71 -38.09 -24.38
N PHE A 275 20.71 -37.40 -23.80
CA PHE A 275 20.73 -35.96 -23.70
C PHE A 275 21.52 -35.64 -22.43
N ALA A 276 22.85 -35.68 -22.59
CA ALA A 276 23.79 -35.77 -21.48
C ALA A 276 24.40 -34.43 -21.11
N ILE A 277 24.18 -33.43 -21.98
CA ILE A 277 24.57 -32.07 -21.66
C ILE A 277 23.26 -31.32 -21.62
N LEU A 278 22.89 -30.82 -20.44
CA LEU A 278 21.58 -30.18 -20.27
C LEU A 278 21.80 -28.72 -19.89
N LYS A 279 21.44 -27.82 -20.78
CA LYS A 279 21.60 -26.39 -20.55
C LYS A 279 20.47 -25.82 -19.73
N VAL A 280 20.83 -25.11 -18.66
CA VAL A 280 19.83 -24.46 -17.78
C VAL A 280 20.16 -22.97 -17.69
N GLY A 281 19.17 -22.11 -17.50
CA GLY A 281 19.47 -20.70 -17.34
C GLY A 281 18.44 -19.92 -16.59
N PRO A 282 17.31 -19.64 -17.27
CA PRO A 282 16.16 -18.99 -16.71
C PRO A 282 15.69 -19.54 -15.35
N ALA A 283 15.66 -20.86 -15.20
CA ALA A 283 15.25 -21.49 -13.95
C ALA A 283 16.12 -21.06 -12.74
N LEU A 284 17.41 -20.86 -13.00
CA LEU A 284 18.37 -20.46 -11.97
C LEU A 284 18.12 -19.03 -11.46
N THR A 285 17.97 -18.08 -12.39
CA THR A 285 17.59 -16.71 -12.03
C THR A 285 16.13 -16.56 -11.63
N PHE A 286 15.27 -17.44 -12.14
CA PHE A 286 13.90 -17.51 -11.68
C PHE A 286 13.89 -17.83 -10.17
N ALA A 287 14.70 -18.79 -9.75
CA ALA A 287 14.83 -19.16 -8.34
C ALA A 287 15.44 -18.04 -7.54
N LEU A 288 16.45 -17.37 -8.09
CA LEU A 288 17.06 -16.22 -7.43
C LEU A 288 16.01 -15.11 -7.18
N ARG A 289 15.19 -14.87 -8.18
CA ARG A 289 14.18 -13.84 -8.14
C ARG A 289 13.11 -14.16 -7.09
N GLU A 290 12.67 -15.41 -7.02
CA GLU A 290 11.78 -15.82 -5.97
C GLU A 290 12.37 -15.57 -4.58
N ALA A 291 13.66 -15.86 -4.40
CA ALA A 291 14.38 -15.52 -3.15
C ALA A 291 14.32 -14.01 -2.84
N ILE A 292 14.64 -13.18 -3.84
CA ILE A 292 14.64 -11.73 -3.64
C ILE A 292 13.26 -11.21 -3.30
N PHE A 293 12.23 -11.74 -3.98
CA PHE A 293 10.84 -11.33 -3.78
C PHE A 293 10.40 -11.74 -2.39
N ALA A 294 10.65 -12.99 -2.03
CA ALA A 294 10.40 -13.46 -0.66
C ALA A 294 11.07 -12.58 0.39
N LEU A 295 12.37 -12.29 0.21
CA LEU A 295 13.10 -11.47 1.16
C LEU A 295 12.57 -10.02 1.25
N ALA A 296 12.12 -9.50 0.11
CA ALA A 296 11.55 -8.17 0.01
C ALA A 296 10.20 -8.04 0.73
N GLN A 297 9.39 -9.10 0.66
CA GLN A 297 8.13 -9.17 1.40
C GLN A 297 8.43 -9.21 2.89
N ILE A 298 9.40 -10.05 3.26
CA ILE A 298 9.90 -10.08 4.65
C ILE A 298 10.36 -8.69 5.10
N GLU A 299 11.21 -8.04 4.30
CA GLU A 299 11.71 -6.71 4.66
C GLU A 299 10.59 -5.68 4.83
N GLN A 300 9.53 -5.77 4.03
CA GLN A 300 8.42 -4.81 4.11
C GLN A 300 7.76 -4.80 5.48
N GLU A 301 7.72 -5.95 6.15
CA GLU A 301 7.05 -6.08 7.43
C GLU A 301 8.00 -6.04 8.63
N LEU A 302 9.22 -6.50 8.43
CA LEU A 302 10.20 -6.60 9.50
C LEU A 302 10.97 -5.30 9.77
N ILE A 303 11.14 -4.47 8.74
CA ILE A 303 12.03 -3.32 8.86
C ILE A 303 11.20 -2.07 9.09
N ALA A 304 11.79 -1.09 9.77
CA ALA A 304 11.07 0.16 10.07
C ALA A 304 10.78 0.91 8.77
N PRO A 305 9.63 1.61 8.70
CA PRO A 305 9.20 2.26 7.46
C PRO A 305 10.19 3.26 6.85
N GLU A 306 10.89 4.04 7.68
CA GLU A 306 11.87 4.99 7.18
C GLU A 306 13.13 4.34 6.59
N ASN A 307 13.32 3.06 6.85
CA ASN A 307 14.53 2.33 6.43
C ASN A 307 14.32 1.32 5.27
N ARG A 308 13.07 0.99 4.98
CA ARG A 308 12.75 0.00 3.94
C ARG A 308 13.33 0.40 2.59
N SER A 309 13.86 -0.59 1.87
CA SER A 309 14.52 -0.38 0.57
C SER A 309 13.57 0.05 -0.56
N GLY A 310 12.28 -0.31 -0.48
CA GLY A 310 11.35 -0.13 -1.59
C GLY A 310 11.74 -0.91 -2.85
N CYS A 311 12.39 -2.04 -2.69
CA CYS A 311 13.02 -2.63 -3.87
C CYS A 311 12.05 -3.26 -4.88
N LEU A 312 10.99 -3.91 -4.42
CA LEU A 312 9.94 -4.37 -5.34
C LEU A 312 9.31 -3.24 -6.16
N ALA A 313 9.02 -2.10 -5.51
CA ALA A 313 8.53 -0.94 -6.25
C ALA A 313 9.58 -0.38 -7.23
N VAL A 314 10.85 -0.41 -6.83
CA VAL A 314 11.96 0.00 -7.71
C VAL A 314 12.05 -0.93 -8.96
N ILE A 315 12.04 -2.23 -8.72
CA ILE A 315 12.13 -3.20 -9.81
C ILE A 315 11.00 -2.95 -10.81
N GLU A 316 9.79 -2.87 -10.31
CA GLU A 316 8.64 -2.65 -11.16
C GLU A 316 8.75 -1.35 -11.97
N GLU A 317 9.15 -0.26 -11.32
CA GLU A 317 9.27 1.03 -12.00
C GLU A 317 10.30 0.94 -13.13
N VAL A 318 11.47 0.38 -12.85
CA VAL A 318 12.52 0.27 -13.84
C VAL A 318 12.06 -0.50 -15.09
N LEU A 320 9.03 -1.20 -16.14
CA LEU A 320 8.00 -0.44 -16.87
C LEU A 320 8.57 0.70 -17.71
N ASP A 321 9.61 1.41 -17.23
CA ASP A 321 10.20 2.51 -18.01
C ASP A 321 11.28 2.14 -19.01
N GLU A 322 11.83 0.93 -18.90
CA GLU A 322 12.84 0.46 -19.83
C GLU A 322 12.40 -0.92 -20.24
N PRO A 323 11.30 -0.99 -20.99
CA PRO A 323 10.68 -2.28 -21.23
C PRO A 323 11.34 -3.19 -22.29
N GLN A 324 12.39 -2.70 -22.95
N GLN A 324 12.38 -2.71 -22.97
CA GLN A 324 12.99 -3.31 -24.15
CA GLN A 324 12.92 -3.38 -24.18
C GLN A 324 13.33 -4.80 -24.11
C GLN A 324 13.15 -4.88 -24.05
N TYR A 325 13.79 -5.30 -22.96
CA TYR A 325 14.13 -6.73 -22.78
C TYR A 325 12.96 -7.63 -22.48
N TRP A 326 11.78 -7.05 -22.20
CA TRP A 326 10.57 -7.87 -21.92
C TRP A 326 9.39 -7.66 -22.87
N LYS A 327 9.33 -6.50 -23.51
CA LYS A 327 8.17 -6.02 -24.22
C LYS A 327 7.65 -6.96 -25.33
N LYS A 328 8.56 -7.68 -25.97
CA LYS A 328 8.17 -8.62 -27.05
C LYS A 328 7.74 -10.01 -26.52
N TYR A 329 7.80 -10.20 -25.20
CA TYR A 329 7.51 -11.49 -24.58
C TYR A 329 6.17 -11.52 -23.84
N TYR A 330 5.80 -10.39 -23.25
CA TYR A 330 4.71 -10.38 -22.29
C TYR A 330 3.42 -9.88 -22.88
N ARG A 331 2.34 -9.97 -22.10
CA ARG A 331 1.00 -9.53 -22.54
C ARG A 331 0.82 -8.01 -22.50
N THR A 332 -0.20 -7.52 -23.21
CA THR A 332 -0.50 -6.07 -23.31
C THR A 332 -1.30 -5.43 -22.14
N GLY A 333 -2.36 -6.09 -21.65
CA GLY A 333 -3.14 -5.58 -20.52
C GLY A 333 -2.17 -5.22 -19.40
N PHE A 334 -2.47 -4.15 -18.66
CA PHE A 334 -1.52 -3.65 -17.70
C PHE A 334 -1.22 -4.63 -16.55
N ASN A 335 -2.25 -5.15 -15.91
CA ASN A 335 -2.01 -6.07 -14.79
C ASN A 335 -1.41 -7.40 -15.24
N ASP A 336 -1.85 -7.88 -16.40
CA ASP A 336 -1.29 -9.05 -17.08
C ASP A 336 0.21 -8.88 -17.33
N SER A 337 0.62 -7.69 -17.76
CA SER A 337 2.04 -7.41 -17.98
C SER A 337 2.84 -7.46 -16.68
N LEU A 338 2.23 -7.06 -15.57
CA LEU A 338 2.89 -7.09 -14.24
C LEU A 338 3.03 -8.51 -13.73
N LEU A 339 2.01 -9.31 -13.94
CA LEU A 339 2.01 -10.72 -13.62
C LEU A 339 3.09 -11.42 -14.41
N ASP A 340 3.22 -11.12 -15.70
CA ASP A 340 4.33 -11.65 -16.51
C ASP A 340 5.70 -11.17 -16.05
N ILE A 341 5.86 -9.86 -15.90
CA ILE A 341 7.10 -9.31 -15.39
C ILE A 341 7.55 -10.08 -14.14
N ARG A 342 6.60 -10.38 -13.26
CA ARG A 342 6.87 -11.06 -11.99
C ARG A 342 7.09 -12.57 -12.11
N TYR A 343 6.22 -13.26 -12.87
CA TYR A 343 6.07 -14.70 -12.66
C TYR A 343 6.28 -15.52 -13.88
N SER A 344 6.51 -14.89 -15.03
CA SER A 344 6.71 -15.64 -16.23
C SER A 344 7.96 -16.53 -16.14
N LEU A 345 7.80 -17.79 -16.50
CA LEU A 345 8.89 -18.77 -16.59
C LEU A 345 10.02 -18.28 -17.50
N SER A 346 9.63 -17.50 -18.49
CA SER A 346 10.51 -16.75 -19.38
C SER A 346 11.56 -15.86 -18.66
N ASP A 347 11.25 -15.35 -17.47
CA ASP A 347 12.25 -14.73 -16.58
C ASP A 347 12.97 -13.52 -17.21
N ARG A 348 12.24 -12.68 -17.89
CA ARG A 348 12.84 -11.50 -18.51
C ARG A 348 13.38 -10.47 -17.49
N ILE A 349 12.95 -10.60 -16.24
CA ILE A 349 13.52 -9.85 -15.13
C ILE A 349 15.06 -10.05 -15.03
N ARG A 350 15.55 -11.19 -15.49
CA ARG A 350 16.99 -11.48 -15.36
C ARG A 350 17.91 -10.41 -16.01
N TYR A 351 17.39 -9.69 -16.99
CA TYR A 351 18.18 -8.70 -17.72
C TYR A 351 18.32 -7.38 -16.96
N TYR A 352 17.61 -7.26 -15.84
CA TYR A 352 17.50 -5.99 -15.10
C TYR A 352 18.22 -5.95 -13.77
N TRP A 353 18.69 -7.10 -13.30
CA TRP A 353 19.46 -7.14 -12.06
C TRP A 353 20.69 -6.21 -12.10
N PRO A 354 21.38 -6.09 -13.26
CA PRO A 354 22.51 -5.17 -13.32
C PRO A 354 22.13 -3.68 -13.19
N HIS A 355 20.86 -3.32 -13.42
CA HIS A 355 20.43 -1.91 -13.36
C HIS A 355 20.76 -1.29 -11.99
N SER A 356 21.36 -0.09 -12.01
CA SER A 356 21.90 0.54 -10.80
C SER A 356 20.89 0.75 -9.67
N ARG A 357 19.67 1.16 -10.02
CA ARG A 357 18.62 1.36 -9.03
C ARG A 357 18.23 0.06 -8.34
N ILE A 358 18.23 -1.02 -9.11
CA ILE A 358 17.80 -2.32 -8.64
C ILE A 358 18.90 -2.89 -7.75
N LYS A 359 20.12 -2.86 -8.25
CA LYS A 359 21.29 -3.24 -7.47
C LYS A 359 21.40 -2.50 -6.12
N ASN A 360 21.25 -1.18 -6.15
CA ASN A 360 21.25 -0.39 -4.92
C ASN A 360 20.14 -0.73 -3.91
N SER A 361 18.92 -0.95 -4.40
CA SER A 361 17.82 -1.22 -3.47
C SER A 361 17.87 -2.62 -2.92
N VAL A 362 18.26 -3.59 -3.76
CA VAL A 362 18.48 -4.95 -3.29
C VAL A 362 19.56 -5.01 -2.23
N GLU A 363 20.67 -4.30 -2.43
CA GLU A 363 21.73 -4.23 -1.40
C GLU A 363 21.27 -3.58 -0.09
N THR A 364 20.56 -2.45 -0.18
CA THR A 364 19.90 -1.85 1.00
C THR A 364 19.05 -2.89 1.78
N VAL A 367 21.42 -5.55 3.44
CA VAL A 367 22.01 -4.95 4.64
C VAL A 367 21.00 -4.84 5.82
N ASN A 368 19.76 -4.43 5.51
CA ASN A 368 18.66 -4.35 6.47
C ASN A 368 18.37 -5.68 7.13
N LEU A 369 18.17 -6.71 6.29
CA LEU A 369 17.82 -8.04 6.77
C LEU A 369 18.98 -8.76 7.51
N GLN A 370 20.21 -8.41 7.18
CA GLN A 370 21.36 -8.95 7.88
C GLN A 370 21.51 -8.37 9.30
N GLY A 371 20.87 -7.23 9.56
CA GLY A 371 20.91 -6.59 10.89
C GLY A 371 19.87 -7.06 11.89
N VAL A 372 19.01 -8.00 11.48
CA VAL A 372 17.91 -8.46 12.33
C VAL A 372 17.68 -9.97 12.13
N ASP A 373 17.23 -10.67 13.17
CA ASP A 373 16.93 -12.11 13.04
C ASP A 373 15.58 -12.28 12.33
N ILE A 374 15.54 -13.04 11.25
CA ILE A 374 14.26 -13.26 10.60
C ILE A 374 13.47 -14.33 11.35
N PRO A 375 12.26 -13.97 11.86
CA PRO A 375 11.44 -14.96 12.54
C PRO A 375 11.23 -16.20 11.67
N LEU A 376 11.35 -17.37 12.29
CA LEU A 376 11.13 -18.66 11.65
C LEU A 376 9.81 -18.78 10.88
N GLY A 377 8.75 -18.23 11.47
CA GLY A 377 7.45 -18.24 10.83
C GLY A 377 7.42 -17.47 9.52
N ILE A 379 10.04 -17.26 7.51
CA ILE A 379 10.68 -18.17 6.59
C ILE A 379 9.73 -19.28 6.12
N SER A 380 8.98 -19.88 7.03
CA SER A 380 7.98 -20.89 6.68
C SER A 380 6.96 -20.35 5.63
N GLN A 381 6.40 -19.16 5.90
CA GLN A 381 5.49 -18.50 4.96
C GLN A 381 6.07 -18.26 3.56
N TYR A 382 7.21 -17.58 3.51
CA TYR A 382 7.76 -17.09 2.25
C TYR A 382 8.79 -17.99 1.61
N LEU A 383 9.47 -18.79 2.44
CA LEU A 383 10.49 -19.68 1.96
C LEU A 383 10.37 -21.06 2.61
N PRO A 384 9.25 -21.75 2.33
CA PRO A 384 8.92 -22.99 3.05
C PRO A 384 10.00 -24.07 2.96
N LYS A 385 10.63 -24.25 1.81
CA LYS A 385 11.56 -25.34 1.65
C LYS A 385 12.85 -25.02 2.37
N GLN A 386 13.15 -23.72 2.46
CA GLN A 386 14.29 -23.28 3.29
C GLN A 386 13.97 -23.47 4.77
N PHE A 387 12.72 -23.21 5.15
CA PHE A 387 12.31 -23.38 6.54
C PHE A 387 12.54 -24.82 7.00
N GLU A 388 12.17 -25.77 6.15
CA GLU A 388 12.34 -27.19 6.47
C GLU A 388 13.80 -27.57 6.66
N ARG A 389 14.67 -27.03 5.79
CA ARG A 389 16.12 -27.24 5.94
C ARG A 389 16.70 -26.60 7.20
N ILE A 390 16.12 -25.49 7.65
CA ILE A 390 16.47 -24.90 8.94
C ILE A 390 16.02 -25.83 10.08
N GLN A 391 14.77 -26.31 10.01
CA GLN A 391 14.24 -27.31 10.95
C GLN A 391 15.18 -28.51 11.13
N SER A 392 15.70 -29.03 10.03
CA SER A 392 16.56 -30.21 10.08
C SER A 392 18.02 -29.85 10.33
N GLY A 393 18.28 -28.59 10.69
CA GLY A 393 19.63 -28.14 11.04
C GLY A 393 20.63 -28.02 9.91
N GLU A 394 20.16 -28.01 8.65
CA GLU A 394 21.03 -28.00 7.45
C GLU A 394 21.26 -26.62 6.81
N LEU A 395 20.64 -25.61 7.40
CA LEU A 395 20.62 -24.29 6.80
C LEU A 395 20.39 -23.29 7.91
N SER A 396 20.95 -22.11 7.73
CA SER A 396 20.69 -20.98 8.60
C SER A 396 19.70 -19.98 7.98
N ALA A 397 19.20 -19.09 8.83
CA ALA A 397 18.30 -18.01 8.41
C ALA A 397 19.02 -16.73 7.95
N ILE A 398 20.19 -16.88 7.32
CA ILE A 398 21.01 -15.77 6.82
C ILE A 398 20.49 -15.51 5.40
N PRO A 399 20.13 -14.23 5.08
CA PRO A 399 19.54 -13.93 3.77
C PRO A 399 20.31 -14.51 2.56
N HIS A 400 21.63 -14.35 2.55
CA HIS A 400 22.51 -14.88 1.47
C HIS A 400 22.43 -16.41 1.33
N GLN A 401 22.30 -17.11 2.44
CA GLN A 401 22.19 -18.57 2.42
C GLN A 401 20.81 -19.02 1.93
N LEU A 402 19.79 -18.21 2.21
CA LEU A 402 18.44 -18.48 1.75
C LEU A 402 18.37 -18.35 0.22
N ILE A 403 19.03 -17.35 -0.34
CA ILE A 403 19.16 -17.20 -1.79
C ILE A 403 19.92 -18.38 -2.44
N ASP A 405 20.29 -21.38 -1.25
CA ASP A 405 19.50 -22.61 -1.15
C ASP A 405 18.40 -22.67 -2.20
N LYS A 406 17.78 -21.52 -2.48
CA LYS A 406 16.80 -21.40 -3.54
C LYS A 406 17.38 -21.82 -4.89
N ILE A 407 18.55 -21.32 -5.21
CA ILE A 407 19.24 -21.73 -6.43
C ILE A 407 19.72 -23.20 -6.37
N TYR A 408 20.25 -23.63 -5.22
CA TYR A 408 20.64 -25.04 -5.05
C TYR A 408 19.55 -26.02 -5.43
N ASP A 409 18.29 -25.69 -5.12
CA ASP A 409 17.19 -26.60 -5.42
C ASP A 409 17.05 -26.88 -6.93
N VAL A 410 17.37 -25.89 -7.75
CA VAL A 410 17.38 -26.10 -9.18
C VAL A 410 18.53 -27.04 -9.51
N LEU A 411 19.71 -26.77 -8.96
CA LEU A 411 20.91 -27.58 -9.19
C LEU A 411 20.77 -29.02 -8.70
N ARG A 412 20.00 -29.18 -7.62
CA ARG A 412 19.66 -30.52 -7.07
C ARG A 412 18.84 -31.38 -8.03
N ALA A 413 17.83 -30.78 -8.66
CA ALA A 413 17.04 -31.47 -9.68
C ALA A 413 17.96 -31.99 -10.80
N TYR A 414 18.85 -31.14 -11.33
CA TYR A 414 19.83 -31.58 -12.35
C TYR A 414 20.79 -32.67 -11.86
N ARG A 415 21.25 -32.56 -10.61
CA ARG A 415 22.24 -33.51 -10.08
C ARG A 415 21.63 -34.90 -9.99
N TYR A 416 20.38 -34.96 -9.55
CA TYR A 416 19.62 -36.20 -9.58
C TYR A 416 19.62 -36.86 -10.97
N GLY A 417 19.46 -36.05 -12.03
CA GLY A 417 19.49 -36.54 -13.40
C GLY A 417 20.87 -36.92 -13.90
N CYS A 418 21.89 -36.17 -13.49
CA CYS A 418 23.24 -36.28 -14.04
C CYS A 418 24.19 -37.17 -13.25
N ALA A 419 23.75 -37.59 -12.07
CA ALA A 419 24.61 -38.39 -11.19
C ALA A 419 23.90 -39.65 -10.72
N GLU A 420 24.48 -40.79 -11.10
CA GLU A 420 24.42 -42.06 -10.35
C GLU A 420 23.21 -42.22 -9.41
N LYS B 2 -6.18 -50.11 21.45
CA LYS B 2 -5.52 -51.10 22.28
C LYS B 2 -4.67 -52.09 21.45
N THR B 3 -5.12 -52.42 20.23
CA THR B 3 -4.36 -53.32 19.34
C THR B 3 -3.12 -52.68 18.71
N LEU B 4 -3.18 -51.37 18.46
CA LEU B 4 -2.02 -50.63 17.95
C LEU B 4 -0.91 -50.65 19.01
N ILE B 5 -1.28 -50.30 20.23
CA ILE B 5 -0.36 -50.26 21.37
C ILE B 5 0.16 -51.65 21.72
N ALA B 6 -0.70 -52.67 21.62
CA ALA B 6 -0.28 -54.06 21.78
C ALA B 6 0.78 -54.48 20.76
N ARG B 7 0.64 -54.01 19.51
CA ARG B 7 1.66 -54.27 18.46
C ARG B 7 2.97 -53.57 18.80
N HIS B 8 2.86 -52.33 19.28
CA HIS B 8 4.01 -51.57 19.77
C HIS B 8 4.68 -52.26 20.95
N LYS B 9 3.90 -52.70 21.93
CA LYS B 9 4.48 -53.39 23.08
C LYS B 9 5.13 -54.71 22.66
N ALA B 10 4.64 -55.32 21.58
CA ALA B 10 5.23 -56.55 21.07
C ALA B 10 6.42 -56.33 20.11
N GLY B 11 6.83 -55.07 19.95
CA GLY B 11 8.06 -54.74 19.22
C GLY B 11 7.92 -54.17 17.81
N GLU B 12 6.69 -53.91 17.37
CA GLU B 12 6.46 -53.34 16.05
C GLU B 12 6.65 -51.82 16.06
N HIS B 13 7.30 -51.28 15.01
CA HIS B 13 7.42 -49.83 14.88
C HIS B 13 6.11 -49.20 14.38
N ILE B 14 5.26 -48.86 15.33
CA ILE B 14 3.98 -48.29 15.01
C ILE B 14 3.66 -47.23 16.05
N GLY B 15 3.11 -46.11 15.57
CA GLY B 15 2.67 -45.02 16.41
C GLY B 15 1.31 -44.56 15.92
N ILE B 16 0.72 -43.60 16.62
CA ILE B 16 -0.51 -42.94 16.15
C ILE B 16 -0.33 -41.43 16.29
N CYS B 17 -0.88 -40.72 15.31
CA CYS B 17 -0.91 -39.26 15.29
C CYS B 17 -2.23 -38.79 15.95
N SER B 18 -2.12 -38.02 17.03
CA SER B 18 -3.31 -37.49 17.68
C SER B 18 -3.55 -36.08 17.19
N VAL B 19 -4.61 -35.90 16.40
CA VAL B 19 -4.95 -34.61 15.81
C VAL B 19 -5.77 -33.81 16.84
N CYS B 20 -5.17 -32.78 17.41
CA CYS B 20 -5.81 -31.96 18.43
C CYS B 20 -6.26 -30.64 17.87
N SER B 21 -7.23 -30.68 16.95
CA SER B 21 -7.70 -29.50 16.26
C SER B 21 -9.20 -29.53 16.16
N ALA B 22 -9.82 -28.34 16.22
CA ALA B 22 -11.26 -28.21 16.01
C ALA B 22 -11.60 -27.65 14.61
N HIS B 23 -10.61 -27.15 13.88
CA HIS B 23 -10.87 -26.57 12.56
C HIS B 23 -11.44 -27.61 11.58
N PRO B 24 -12.62 -27.30 10.99
CA PRO B 24 -13.29 -28.24 10.07
C PRO B 24 -12.37 -28.68 8.92
N LEU B 25 -11.58 -27.76 8.37
CA LEU B 25 -10.67 -28.07 7.24
C LEU B 25 -9.52 -28.99 7.59
N VAL B 26 -9.03 -28.85 8.81
CA VAL B 26 -7.97 -29.72 9.31
C VAL B 26 -8.51 -31.12 9.62
N ILE B 27 -9.75 -31.15 10.11
CA ILE B 27 -10.41 -32.40 10.41
C ILE B 27 -10.68 -33.13 9.09
N GLU B 28 -11.18 -32.39 8.12
CA GLU B 28 -11.38 -32.93 6.79
C GLU B 28 -10.09 -33.44 6.14
N ALA B 29 -9.00 -32.70 6.29
CA ALA B 29 -7.71 -33.13 5.77
C ALA B 29 -7.26 -34.43 6.44
N ALA B 30 -7.40 -34.51 7.76
CA ALA B 30 -7.04 -35.72 8.51
C ALA B 30 -7.80 -36.93 7.97
N LEU B 31 -9.09 -36.75 7.71
CA LEU B 31 -9.91 -37.87 7.35
C LEU B 31 -9.65 -38.28 5.91
N ALA B 32 -9.44 -37.30 5.02
CA ALA B 32 -9.19 -37.54 3.60
C ALA B 32 -7.81 -38.14 3.37
N PHE B 33 -6.87 -37.76 4.22
CA PHE B 33 -5.50 -38.27 4.18
C PHE B 33 -5.44 -39.80 4.36
N ASP B 34 -6.28 -40.32 5.25
CA ASP B 34 -6.36 -41.75 5.51
C ASP B 34 -7.61 -42.44 4.92
N ARG B 35 -8.21 -41.82 3.91
CA ARG B 35 -9.44 -42.30 3.32
C ARG B 35 -9.31 -43.70 2.70
N ASN B 36 -8.13 -43.96 2.13
CA ASN B 36 -7.89 -45.17 1.36
C ASN B 36 -7.06 -46.23 2.08
N SER B 37 -6.40 -45.81 3.16
CA SER B 37 -5.67 -46.70 4.04
C SER B 37 -6.65 -47.47 4.95
N THR B 38 -6.11 -48.30 5.84
CA THR B 38 -6.90 -48.99 6.84
C THR B 38 -6.57 -48.47 8.25
N ARG B 39 -5.81 -47.38 8.30
CA ARG B 39 -5.46 -46.71 9.55
C ARG B 39 -6.68 -46.08 10.23
N LYS B 40 -6.69 -46.17 11.55
CA LYS B 40 -7.60 -45.41 12.38
C LYS B 40 -7.10 -43.99 12.56
N VAL B 41 -8.05 -43.06 12.63
CA VAL B 41 -7.75 -41.62 12.81
C VAL B 41 -8.22 -41.15 14.20
N LEU B 42 -7.29 -40.54 14.93
CA LEU B 42 -7.48 -40.05 16.29
C LEU B 42 -7.62 -38.53 16.29
N ILE B 43 -8.79 -38.09 16.74
CA ILE B 43 -9.11 -36.67 16.85
C ILE B 43 -9.47 -36.38 18.30
N GLU B 44 -8.82 -35.38 18.86
CA GLU B 44 -9.01 -35.05 20.25
C GLU B 44 -9.39 -33.59 20.49
N ALA B 45 -10.27 -33.39 21.45
CA ALA B 45 -10.62 -32.05 21.92
C ALA B 45 -10.17 -31.87 23.38
N THR B 46 -9.82 -30.62 23.71
CA THR B 46 -9.54 -30.21 25.09
C THR B 46 -10.83 -29.71 25.72
N SER B 47 -10.89 -29.65 27.05
CA SER B 47 -12.05 -29.07 27.77
C SER B 47 -12.32 -27.63 27.33
N ASN B 48 -11.24 -26.86 27.13
CA ASN B 48 -11.36 -25.48 26.68
C ASN B 48 -12.16 -25.39 25.38
N GLN B 49 -11.78 -26.21 24.40
CA GLN B 49 -12.52 -26.35 23.14
C GLN B 49 -13.96 -26.82 23.38
N VAL B 50 -14.09 -28.02 23.94
CA VAL B 50 -15.39 -28.67 24.13
C VAL B 50 -15.60 -29.25 25.56
N ASN B 51 -16.70 -28.81 26.19
CA ASN B 51 -17.10 -29.29 27.52
C ASN B 51 -18.62 -29.20 27.72
N GLN B 52 -19.10 -29.44 28.95
CA GLN B 52 -20.56 -29.36 29.29
C GLN B 52 -21.22 -28.09 28.78
N PHE B 53 -20.45 -27.00 28.81
CA PHE B 53 -20.94 -25.65 28.55
C PHE B 53 -20.56 -25.15 27.15
N GLY B 54 -20.03 -26.05 26.32
CA GLY B 54 -19.70 -25.76 24.93
C GLY B 54 -18.30 -25.24 24.71
N GLY B 55 -17.54 -25.06 25.79
CA GLY B 55 -16.18 -24.51 25.70
C GLY B 55 -16.20 -23.17 24.98
N TYR B 56 -15.21 -22.94 24.11
CA TYR B 56 -15.24 -21.77 23.22
C TYR B 56 -15.82 -22.08 21.82
N THR B 57 -15.83 -23.35 21.44
CA THR B 57 -16.36 -23.76 20.12
C THR B 57 -17.91 -23.71 20.04
N GLY B 58 -18.55 -23.63 21.21
CA GLY B 58 -19.99 -23.77 21.31
C GLY B 58 -20.45 -25.20 21.11
N THR B 60 -20.67 -29.09 22.82
CA THR B 60 -20.52 -30.12 23.82
C THR B 60 -19.76 -31.30 23.18
N PRO B 61 -19.35 -32.31 23.98
CA PRO B 61 -18.71 -33.46 23.35
C PRO B 61 -19.62 -34.21 22.35
N ALA B 62 -20.93 -34.25 22.62
CA ALA B 62 -21.90 -34.84 21.71
C ALA B 62 -21.92 -34.11 20.36
N ASP B 63 -21.98 -32.78 20.41
CA ASP B 63 -21.91 -31.90 19.23
C ASP B 63 -20.64 -32.13 18.41
N PHE B 64 -19.51 -32.21 19.12
CA PHE B 64 -18.23 -32.42 18.48
C PHE B 64 -18.19 -33.73 17.70
N ARG B 65 -18.79 -34.78 18.26
CA ARG B 65 -18.92 -36.09 17.59
C ARG B 65 -19.66 -35.98 16.24
N GLU B 66 -20.82 -35.33 16.25
CA GLU B 66 -21.62 -35.17 15.04
C GLU B 66 -20.93 -34.28 14.01
N PHE B 67 -20.18 -33.30 14.52
CA PHE B 67 -19.40 -32.38 13.70
C PHE B 67 -18.27 -33.13 12.97
N VAL B 68 -17.56 -33.99 13.70
CA VAL B 68 -16.58 -34.89 13.09
C VAL B 68 -17.26 -35.87 12.10
N PHE B 69 -18.33 -36.53 12.56
CA PHE B 69 -19.10 -37.45 11.69
C PHE B 69 -19.63 -36.81 10.40
N ALA B 70 -20.13 -35.57 10.47
CA ALA B 70 -20.63 -34.88 9.27
C ALA B 70 -19.54 -34.64 8.23
N ILE B 71 -18.35 -34.29 8.71
CA ILE B 71 -17.17 -34.15 7.87
C ILE B 71 -16.75 -35.53 7.29
N ALA B 72 -16.72 -36.55 8.14
CA ALA B 72 -16.44 -37.93 7.73
C ALA B 72 -17.39 -38.43 6.63
N ASP B 73 -18.68 -38.10 6.73
CA ASP B 73 -19.68 -38.48 5.73
C ASP B 73 -19.40 -37.88 4.33
N LYS B 74 -18.87 -36.66 4.30
CA LYS B 74 -18.55 -35.97 3.04
C LYS B 74 -17.31 -36.56 2.38
N VAL B 75 -16.30 -36.84 3.21
CA VAL B 75 -15.05 -37.43 2.73
C VAL B 75 -15.31 -38.82 2.15
N GLY B 76 -16.25 -39.55 2.75
CA GLY B 76 -16.39 -40.97 2.50
C GLY B 76 -15.48 -41.70 3.47
N PHE B 77 -15.43 -41.21 4.71
CA PHE B 77 -14.63 -41.85 5.75
C PHE B 77 -15.57 -42.59 6.67
N ALA B 78 -15.40 -43.91 6.76
CA ALA B 78 -16.26 -44.75 7.62
C ALA B 78 -16.11 -44.28 9.06
N ARG B 79 -17.24 -44.01 9.70
CA ARG B 79 -17.29 -43.41 11.02
C ARG B 79 -16.60 -44.28 12.06
N GLU B 80 -16.64 -45.59 11.83
CA GLU B 80 -16.06 -46.56 12.75
C GLU B 80 -14.53 -46.54 12.77
N ARG B 81 -13.91 -45.91 11.78
CA ARG B 81 -12.44 -45.81 11.72
C ARG B 81 -11.93 -44.60 12.49
N ILE B 82 -12.84 -43.89 13.13
CA ILE B 82 -12.52 -42.68 13.89
C ILE B 82 -12.40 -43.00 15.37
N ILE B 83 -11.37 -42.44 16.01
CA ILE B 83 -11.25 -42.50 17.47
C ILE B 83 -11.36 -41.07 17.96
N LEU B 84 -12.28 -40.86 18.88
CA LEU B 84 -12.53 -39.57 19.52
C LEU B 84 -12.00 -39.61 20.94
N GLY B 85 -11.18 -38.63 21.28
CA GLY B 85 -10.51 -38.59 22.59
C GLY B 85 -10.66 -37.23 23.25
N GLY B 86 -10.41 -37.20 24.56
CA GLY B 86 -10.46 -35.97 25.35
C GLY B 86 -9.08 -35.71 25.90
N ASP B 87 -8.57 -34.51 25.65
CA ASP B 87 -7.23 -34.12 26.06
C ASP B 87 -7.26 -33.26 27.34
N HIS B 88 -6.34 -33.55 28.27
CA HIS B 88 -6.20 -32.81 29.54
C HIS B 88 -7.52 -32.61 30.29
N LEU B 89 -8.32 -33.67 30.33
CA LEU B 89 -9.59 -33.63 31.03
C LEU B 89 -9.32 -33.54 32.52
N GLY B 90 -9.98 -32.59 33.18
CA GLY B 90 -9.67 -32.20 34.55
C GLY B 90 -10.07 -30.74 34.76
N PRO B 91 -9.71 -30.16 35.93
CA PRO B 91 -10.12 -28.80 36.32
C PRO B 91 -9.35 -27.62 35.69
N ASN B 92 -8.69 -27.82 34.55
CA ASN B 92 -7.89 -26.73 33.96
C ASN B 92 -8.66 -25.42 33.66
N CYS B 93 -9.89 -25.54 33.12
CA CYS B 93 -10.73 -24.38 32.80
C CYS B 93 -11.19 -23.62 34.04
N TRP B 94 -11.36 -24.35 35.14
CA TRP B 94 -12.02 -23.81 36.34
C TRP B 94 -11.08 -23.73 37.55
N GLN B 95 -9.79 -23.57 37.29
CA GLN B 95 -8.77 -23.44 38.33
C GLN B 95 -9.07 -22.31 39.32
N GLN B 96 -9.65 -21.23 38.81
CA GLN B 96 -10.00 -20.06 39.62
C GLN B 96 -11.02 -20.35 40.71
N GLU B 97 -11.80 -21.40 40.51
CA GLU B 97 -12.84 -21.82 41.46
C GLU B 97 -12.27 -22.72 42.55
N ASN B 98 -13.06 -22.93 43.60
CA ASN B 98 -12.69 -23.78 44.73
C ASN B 98 -12.43 -25.23 44.31
N VAL B 99 -11.64 -25.95 45.09
CA VAL B 99 -11.30 -27.36 44.83
C VAL B 99 -12.53 -28.20 44.47
N ASP B 100 -13.57 -28.13 45.30
CA ASP B 100 -14.75 -28.97 45.14
C ASP B 100 -15.72 -28.55 44.02
N ALA B 101 -15.80 -27.25 43.74
CA ALA B 101 -16.56 -26.75 42.59
C ALA B 101 -15.85 -27.07 41.23
N ALA B 102 -14.53 -26.95 41.21
CA ALA B 102 -13.74 -27.27 40.02
C ALA B 102 -13.73 -28.77 39.73
N GLU B 104 -16.34 -30.92 40.58
CA GLU B 104 -17.68 -31.35 40.18
C GLU B 104 -17.90 -31.06 38.69
N LYS B 105 -17.29 -29.98 38.20
CA LYS B 105 -17.31 -29.62 36.79
C LYS B 105 -16.51 -30.66 36.01
N SER B 106 -15.42 -31.12 36.62
CA SER B 106 -14.53 -32.07 36.00
C SER B 106 -15.14 -33.45 35.84
N VAL B 107 -15.87 -33.95 36.86
CA VAL B 107 -16.55 -35.25 36.73
C VAL B 107 -17.67 -35.21 35.67
N GLU B 108 -18.42 -34.11 35.62
CA GLU B 108 -19.51 -33.98 34.63
C GLU B 108 -18.92 -33.79 33.23
N LEU B 109 -17.80 -33.08 33.15
CA LEU B 109 -17.00 -33.01 31.93
C LEU B 109 -16.64 -34.39 31.40
N VAL B 110 -16.07 -35.21 32.27
CA VAL B 110 -15.56 -36.55 31.92
C VAL B 110 -16.70 -37.54 31.62
N LYS B 111 -17.81 -37.41 32.34
CA LYS B 111 -19.02 -38.21 32.07
C LYS B 111 -19.55 -37.87 30.67
N ALA B 112 -19.66 -36.59 30.36
CA ALA B 112 -20.20 -36.17 29.07
C ALA B 112 -19.35 -36.70 27.89
N TYR B 113 -18.04 -36.66 28.03
CA TYR B 113 -17.15 -37.26 27.04
C TYR B 113 -17.42 -38.74 26.81
N VAL B 114 -17.49 -39.48 27.92
CA VAL B 114 -17.72 -40.92 27.86
C VAL B 114 -19.09 -41.27 27.23
N ARG B 115 -20.13 -40.55 27.65
CA ARG B 115 -21.49 -40.76 27.14
C ARG B 115 -21.56 -40.50 25.65
N ALA B 116 -20.73 -39.57 25.18
CA ALA B 116 -20.75 -39.16 23.78
C ALA B 116 -19.92 -40.10 22.88
N GLY B 117 -19.25 -41.07 23.49
CA GLY B 117 -18.57 -42.11 22.74
C GLY B 117 -17.08 -41.86 22.59
N PHE B 118 -16.56 -40.87 23.31
CA PHE B 118 -15.12 -40.65 23.38
C PHE B 118 -14.50 -41.81 24.14
N SER B 119 -13.58 -42.50 23.48
CA SER B 119 -13.03 -43.75 24.00
C SER B 119 -11.60 -43.62 24.57
N LYS B 120 -10.96 -42.47 24.33
CA LYS B 120 -9.62 -42.18 24.86
C LYS B 120 -9.67 -40.99 25.79
N ILE B 121 -9.24 -41.19 27.02
CA ILE B 121 -9.47 -40.22 28.07
C ILE B 121 -8.19 -39.85 28.84
N HIS B 122 -7.68 -38.65 28.58
CA HIS B 122 -6.56 -38.11 29.36
C HIS B 122 -7.05 -37.51 30.66
N LEU B 123 -6.69 -38.17 31.76
CA LEU B 123 -7.02 -37.68 33.10
C LEU B 123 -5.83 -36.87 33.64
N ASP B 124 -6.05 -35.59 33.85
CA ASP B 124 -5.01 -34.69 34.36
C ASP B 124 -5.64 -33.62 35.27
N ALA B 125 -5.47 -33.82 36.57
CA ALA B 125 -5.95 -32.89 37.58
C ALA B 125 -4.78 -32.30 38.39
N SER B 126 -3.65 -32.12 37.69
CA SER B 126 -2.41 -31.64 38.32
C SER B 126 -2.39 -30.12 38.64
N SER B 128 -3.28 -26.74 40.46
CA SER B 128 -3.78 -26.34 41.76
C SER B 128 -4.97 -25.39 41.58
N CYS B 129 -6.06 -25.67 42.30
CA CYS B 129 -7.23 -24.79 42.26
C CYS B 129 -7.13 -23.71 43.36
N ALA B 130 -8.17 -22.88 43.48
CA ALA B 130 -8.25 -21.88 44.55
C ALA B 130 -8.30 -22.57 45.92
N GLY B 131 -7.33 -22.24 46.78
CA GLY B 131 -7.18 -22.87 48.10
C GLY B 131 -6.17 -24.01 48.16
N ASP B 132 -5.61 -24.37 47.00
CA ASP B 132 -4.64 -25.47 46.89
C ASP B 132 -3.20 -25.04 47.16
N PRO B 133 -2.37 -25.98 47.68
CA PRO B 133 -0.92 -25.75 47.72
C PRO B 133 -0.31 -25.80 46.31
N ILE B 134 0.59 -24.86 46.04
CA ILE B 134 1.34 -24.85 44.78
C ILE B 134 2.76 -25.33 45.07
N PRO B 135 3.15 -26.48 44.49
CA PRO B 135 2.26 -27.31 43.68
C PRO B 135 1.56 -28.38 44.53
N LEU B 136 0.59 -29.04 43.93
CA LEU B 136 -0.10 -30.17 44.54
C LEU B 136 0.87 -31.30 44.88
N ALA B 137 0.61 -31.99 45.99
CA ALA B 137 1.29 -33.26 46.28
C ALA B 137 0.95 -34.27 45.17
N PRO B 138 1.95 -35.07 44.73
CA PRO B 138 1.71 -36.10 43.70
C PRO B 138 0.59 -37.08 44.08
N GLU B 139 0.43 -37.33 45.38
CA GLU B 139 -0.68 -38.12 45.90
C GLU B 139 -2.02 -37.46 45.59
N THR B 140 -2.09 -36.15 45.80
CA THR B 140 -3.30 -35.37 45.50
C THR B 140 -3.64 -35.46 44.00
N VAL B 141 -2.65 -35.20 43.15
CA VAL B 141 -2.78 -35.37 41.70
C VAL B 141 -3.33 -36.77 41.39
N ALA B 142 -2.72 -37.80 41.99
CA ALA B 142 -3.15 -39.20 41.85
C ALA B 142 -4.61 -39.43 42.28
N GLU B 143 -4.97 -38.92 43.46
CA GLU B 143 -6.34 -39.00 44.01
C GLU B 143 -7.43 -38.46 43.09
N ARG B 144 -7.21 -37.24 42.59
CA ARG B 144 -8.15 -36.57 41.72
C ARG B 144 -8.27 -37.26 40.36
N ALA B 145 -7.19 -37.89 39.88
CA ALA B 145 -7.27 -38.70 38.67
C ALA B 145 -8.21 -39.88 38.91
N ALA B 146 -8.04 -40.53 40.07
CA ALA B 146 -8.89 -41.65 40.46
C ALA B 146 -10.37 -41.26 40.55
N VAL B 147 -10.68 -40.12 41.16
CA VAL B 147 -12.05 -39.56 41.15
C VAL B 147 -12.61 -39.45 39.72
N LEU B 148 -11.85 -38.83 38.81
CA LEU B 148 -12.30 -38.61 37.44
C LEU B 148 -12.49 -39.93 36.68
N CYS B 149 -11.58 -40.89 36.92
CA CYS B 149 -11.70 -42.23 36.34
C CYS B 149 -12.95 -42.95 36.86
N PHE B 150 -13.19 -42.86 38.16
CA PHE B 150 -14.40 -43.44 38.74
C PHE B 150 -15.65 -42.88 38.05
N ALA B 151 -15.67 -41.57 37.84
CA ALA B 151 -16.78 -40.91 37.14
C ALA B 151 -16.94 -41.42 35.71
N ALA B 152 -15.82 -41.59 34.99
CA ALA B 152 -15.84 -42.17 33.64
C ALA B 152 -16.40 -43.61 33.61
N GLU B 153 -15.95 -44.42 34.55
CA GLU B 153 -16.43 -45.80 34.71
C GLU B 153 -17.92 -45.89 35.06
N SER B 154 -18.37 -44.97 35.92
CA SER B 154 -19.73 -45.00 36.47
C SER B 154 -20.83 -44.87 35.42
N VAL B 155 -20.45 -44.41 34.20
CA VAL B 155 -21.45 -44.12 33.16
C VAL B 155 -21.35 -44.97 31.87
N ALA B 156 -20.20 -45.60 31.65
CA ALA B 156 -19.99 -46.40 30.44
C ALA B 156 -20.94 -47.61 30.36
N THR B 157 -21.34 -47.97 29.14
CA THR B 157 -21.97 -49.28 28.88
C THR B 157 -20.88 -50.36 29.01
N ASP B 158 -21.30 -51.63 29.12
CA ASP B 158 -20.36 -52.77 28.99
C ASP B 158 -19.46 -52.65 27.75
N CYS B 159 -20.06 -52.34 26.60
CA CYS B 159 -19.32 -52.10 25.35
C CYS B 159 -18.30 -50.97 25.45
N GLN B 160 -18.76 -49.80 25.88
CA GLN B 160 -17.91 -48.61 26.03
C GLN B 160 -16.77 -48.82 27.02
N ARG B 161 -17.04 -49.56 28.10
CA ARG B 161 -16.04 -49.83 29.13
C ARG B 161 -14.88 -50.68 28.57
N GLU B 162 -15.24 -51.70 27.80
CA GLU B 162 -14.27 -52.57 27.15
C GLU B 162 -13.37 -51.76 26.20
N GLN B 163 -13.88 -50.64 25.72
CA GLN B 163 -13.17 -49.82 24.73
C GLN B 163 -12.45 -48.60 25.31
N LEU B 164 -12.73 -48.30 26.58
CA LEU B 164 -12.24 -47.09 27.22
C LEU B 164 -10.76 -47.21 27.58
N SER B 165 -9.93 -46.34 26.99
CA SER B 165 -8.50 -46.21 27.33
C SER B 165 -8.22 -44.94 28.16
N TYR B 166 -7.37 -45.05 29.19
CA TYR B 166 -6.94 -43.85 29.93
C TYR B 166 -5.50 -43.47 29.65
N VAL B 167 -5.26 -42.16 29.67
CA VAL B 167 -3.91 -41.61 29.71
C VAL B 167 -3.75 -40.84 31.02
N ILE B 168 -2.56 -40.90 31.60
CA ILE B 168 -2.29 -40.15 32.83
C ILE B 168 -1.04 -39.27 32.70
N GLY B 169 -0.83 -38.40 33.68
CA GLY B 169 0.40 -37.62 33.74
C GLY B 169 0.28 -36.32 32.98
N THR B 170 1.37 -35.56 32.99
CA THR B 170 1.41 -34.29 32.29
C THR B 170 2.82 -33.91 31.85
N GLU B 171 2.88 -33.10 30.80
CA GLU B 171 4.15 -32.58 30.27
C GLU B 171 4.60 -31.33 31.05
N VAL B 172 3.63 -30.58 31.57
CA VAL B 172 3.88 -29.34 32.32
C VAL B 172 4.77 -29.62 33.56
N PRO B 173 5.93 -28.92 33.64
CA PRO B 173 6.86 -29.12 34.76
C PRO B 173 6.29 -28.64 36.10
N VAL B 174 6.77 -29.26 37.17
CA VAL B 174 6.31 -28.97 38.53
C VAL B 174 6.80 -27.60 39.00
N HIS B 186 12.71 -29.09 30.17
CA HIS B 186 13.65 -30.08 30.64
C HIS B 186 13.07 -31.50 30.74
N ILE B 187 13.88 -32.48 30.35
CA ILE B 187 13.40 -33.85 30.13
C ILE B 187 13.04 -34.55 31.46
N THR B 188 11.87 -35.19 31.48
CA THR B 188 11.36 -35.89 32.66
C THR B 188 12.37 -36.90 33.23
N HIS B 189 12.61 -36.80 34.55
CA HIS B 189 13.40 -37.79 35.26
C HIS B 189 12.61 -39.09 35.34
N VAL B 190 13.29 -40.20 35.04
CA VAL B 190 12.67 -41.54 35.06
C VAL B 190 11.98 -41.79 36.40
N GLU B 191 12.58 -41.20 37.43
CA GLU B 191 12.16 -41.32 38.83
C GLU B 191 10.78 -40.68 39.07
N ASP B 192 10.58 -39.51 38.47
CA ASP B 192 9.34 -38.76 38.60
C ASP B 192 8.21 -39.41 37.81
N ALA B 193 8.59 -40.01 36.68
CA ALA B 193 7.69 -40.79 35.85
C ALA B 193 7.21 -42.03 36.61
N ALA B 194 8.16 -42.73 37.24
CA ALA B 194 7.87 -43.90 38.06
C ALA B 194 7.00 -43.56 39.26
N ASN B 195 7.29 -42.41 39.88
CA ASN B 195 6.49 -41.92 40.99
C ASN B 195 5.06 -41.57 40.56
N THR B 196 4.91 -41.01 39.35
CA THR B 196 3.57 -40.69 38.82
C THR B 196 2.73 -41.96 38.65
N LEU B 197 3.30 -42.94 37.97
CA LEU B 197 2.66 -44.25 37.81
C LEU B 197 2.35 -44.89 39.18
N ARG B 198 3.34 -44.95 40.05
CA ARG B 198 3.20 -45.63 41.34
C ARG B 198 2.02 -45.06 42.14
N THR B 199 2.00 -43.74 42.32
CA THR B 199 0.94 -43.00 43.04
C THR B 199 -0.46 -43.17 42.42
N HIS B 200 -0.56 -43.07 41.10
CA HIS B 200 -1.81 -43.36 40.36
C HIS B 200 -2.32 -44.78 40.57
N GLN B 201 -1.41 -45.76 40.59
CA GLN B 201 -1.79 -47.15 40.85
C GLN B 201 -2.40 -47.26 42.24
N LYS B 202 -1.72 -46.68 43.23
CA LYS B 202 -2.14 -46.76 44.62
C LYS B 202 -3.49 -46.09 44.85
N ALA B 203 -3.65 -44.90 44.27
CA ALA B 203 -4.90 -44.13 44.35
C ALA B 203 -6.07 -44.81 43.61
N PHE B 204 -5.82 -45.33 42.40
CA PHE B 204 -6.81 -46.12 41.64
C PHE B 204 -7.27 -47.38 42.43
N ILE B 205 -6.29 -48.17 42.87
CA ILE B 205 -6.58 -49.34 43.70
C ILE B 205 -7.43 -48.96 44.92
N ALA B 206 -7.00 -47.94 45.66
CA ALA B 206 -7.70 -47.49 46.89
C ALA B 206 -9.16 -47.06 46.64
N ARG B 207 -9.45 -46.70 45.39
CA ARG B 207 -10.77 -46.23 44.95
C ARG B 207 -11.63 -47.40 44.40
N GLY B 208 -11.08 -48.61 44.49
CA GLY B 208 -11.71 -49.80 43.95
C GLY B 208 -11.53 -49.96 42.43
N LEU B 209 -10.59 -49.22 41.85
CA LEU B 209 -10.43 -49.18 40.38
C LEU B 209 -9.26 -50.03 39.84
N THR B 210 -9.10 -51.23 40.38
CA THR B 210 -8.07 -52.17 39.90
C THR B 210 -8.27 -52.57 38.42
N GLU B 211 -9.52 -52.80 38.01
CA GLU B 211 -9.78 -53.20 36.64
C GLU B 211 -9.56 -52.05 35.67
N ALA B 212 -10.01 -50.84 36.04
CA ALA B 212 -9.83 -49.64 35.21
C ALA B 212 -8.37 -49.28 35.00
N LEU B 213 -7.54 -49.67 35.97
CA LEU B 213 -6.11 -49.45 35.97
C LEU B 213 -5.46 -50.18 34.79
N THR B 214 -5.91 -51.41 34.50
CA THR B 214 -5.47 -52.20 33.34
C THR B 214 -5.76 -51.54 31.98
N ARG B 215 -6.51 -50.45 32.03
CA ARG B 215 -6.98 -49.76 30.84
C ARG B 215 -6.18 -48.45 30.63
N VAL B 216 -5.27 -48.15 31.56
CA VAL B 216 -4.33 -47.03 31.44
C VAL B 216 -3.30 -47.46 30.40
N ILE B 217 -3.25 -46.74 29.27
CA ILE B 217 -2.44 -47.15 28.12
C ILE B 217 -1.16 -46.34 27.99
N ALA B 218 -1.14 -45.16 28.59
CA ALA B 218 -0.04 -44.22 28.41
C ALA B 218 0.11 -43.24 29.57
N ILE B 219 1.34 -42.74 29.69
CA ILE B 219 1.69 -41.67 30.61
C ILE B 219 2.31 -40.54 29.80
N VAL B 220 1.96 -39.30 30.14
CA VAL B 220 2.58 -38.14 29.51
C VAL B 220 3.89 -37.79 30.22
N VAL B 221 4.94 -37.65 29.43
CA VAL B 221 6.22 -37.11 29.90
C VAL B 221 6.75 -36.06 28.90
N GLN B 222 7.79 -35.33 29.31
CA GLN B 222 8.54 -34.42 28.44
C GLN B 222 9.80 -35.11 27.87
N PRO B 223 9.78 -35.53 26.59
CA PRO B 223 10.97 -36.16 26.00
C PRO B 223 12.01 -35.17 25.45
N GLY B 224 11.77 -33.87 25.60
CA GLY B 224 12.64 -32.84 25.02
C GLY B 224 12.16 -32.27 23.69
N VAL B 225 10.83 -32.10 23.54
CA VAL B 225 10.22 -31.45 22.38
C VAL B 225 9.31 -30.30 22.80
N GLU B 226 9.54 -29.14 22.19
CA GLU B 226 8.80 -27.92 22.48
C GLU B 226 8.98 -26.89 21.34
N PHE B 227 8.06 -25.94 21.28
CA PHE B 227 8.20 -24.77 20.42
C PHE B 227 7.68 -23.55 21.16
N ASP B 228 8.17 -22.39 20.80
CA ASP B 228 7.41 -21.17 21.01
C ASP B 228 7.60 -20.23 19.79
N HIS B 229 7.24 -18.96 19.94
CA HIS B 229 7.02 -18.04 18.81
C HIS B 229 7.95 -18.21 17.60
N SER B 230 9.26 -18.13 17.83
CA SER B 230 10.25 -18.34 16.78
C SER B 230 11.39 -19.24 17.24
N ASN B 231 11.06 -20.33 17.91
CA ASN B 231 12.07 -21.31 18.31
C ASN B 231 11.47 -22.70 18.45
N ILE B 232 12.24 -23.71 18.06
CA ILE B 232 11.84 -25.11 18.20
C ILE B 232 12.94 -25.82 18.96
N ILE B 233 12.54 -26.52 20.02
CA ILE B 233 13.44 -27.40 20.72
C ILE B 233 13.30 -28.76 20.07
N HIS B 234 14.39 -29.17 19.44
CA HIS B 234 14.39 -30.40 18.67
C HIS B 234 14.67 -31.60 19.57
N TYR B 235 13.93 -32.67 19.30
CA TYR B 235 14.10 -33.93 20.01
C TYR B 235 15.56 -34.39 19.91
N GLN B 236 16.14 -34.73 21.06
CA GLN B 236 17.50 -35.24 21.16
C GLN B 236 17.42 -36.70 21.64
N PRO B 237 17.38 -37.67 20.70
CA PRO B 237 17.14 -39.08 21.03
C PRO B 237 17.96 -39.62 22.19
N GLN B 238 19.27 -39.37 22.20
CA GLN B 238 20.17 -39.87 23.25
C GLN B 238 19.84 -39.35 24.65
N GLU B 239 19.11 -38.23 24.71
CA GLU B 239 18.73 -37.63 25.99
C GLU B 239 17.46 -38.24 26.54
N ALA B 240 16.71 -38.92 25.69
CA ALA B 240 15.46 -39.58 26.07
C ALA B 240 15.58 -41.09 26.21
N GLN B 241 16.80 -41.61 26.14
CA GLN B 241 17.07 -43.05 26.25
C GLN B 241 16.69 -43.68 27.58
N ALA B 242 16.99 -43.01 28.69
CA ALA B 242 16.59 -43.51 30.00
C ALA B 242 15.04 -43.65 30.08
N LEU B 243 14.32 -42.64 29.62
CA LEU B 243 12.85 -42.75 29.53
C LEU B 243 12.39 -43.94 28.67
N ALA B 244 12.97 -44.06 27.47
CA ALA B 244 12.67 -45.16 26.54
C ALA B 244 12.86 -46.56 27.16
N GLN B 245 13.93 -46.75 27.92
CA GLN B 245 14.14 -48.06 28.50
C GLN B 245 13.26 -48.36 29.72
N TRP B 246 12.81 -47.30 30.42
CA TRP B 246 11.95 -47.50 31.60
C TRP B 246 10.54 -47.97 31.23
N ILE B 247 10.00 -47.36 30.19
CA ILE B 247 8.64 -47.67 29.72
C ILE B 247 8.53 -49.09 29.12
N GLU B 248 9.65 -49.65 28.68
CA GLU B 248 9.63 -51.00 28.10
C GLU B 248 9.17 -52.02 29.16
N ASN B 249 9.62 -51.83 30.41
CA ASN B 249 9.17 -52.61 31.57
C ASN B 249 7.68 -52.55 31.96
N THR B 250 7.00 -51.52 31.51
CA THR B 250 5.63 -51.23 31.93
C THR B 250 4.63 -51.74 30.90
N ARG B 251 3.34 -51.63 31.20
CA ARG B 251 2.31 -52.08 30.26
C ARG B 251 1.88 -50.96 29.32
N VAL B 253 2.71 -47.18 26.94
CA VAL B 253 3.62 -46.40 26.08
C VAL B 253 3.60 -44.94 26.60
N TYR B 254 4.42 -44.09 25.98
CA TYR B 254 4.37 -42.65 26.25
C TYR B 254 3.45 -41.93 25.26
N GLU B 255 2.72 -40.95 25.79
CA GLU B 255 2.06 -39.97 24.97
C GLU B 255 2.80 -38.64 25.14
N ALA B 256 3.18 -38.06 23.99
CA ALA B 256 3.92 -36.82 23.95
C ALA B 256 3.04 -35.72 23.39
N HIS B 257 3.08 -34.58 24.07
CA HIS B 257 2.33 -33.39 23.69
C HIS B 257 3.23 -32.36 22.97
N SER B 258 2.62 -31.37 22.31
CA SER B 258 3.36 -30.28 21.65
C SER B 258 4.51 -30.81 20.77
N THR B 259 4.21 -31.83 19.97
CA THR B 259 5.18 -32.44 19.05
C THR B 259 5.30 -31.70 17.70
N ASP B 260 4.57 -30.59 17.58
CA ASP B 260 4.49 -29.81 16.37
C ASP B 260 5.87 -29.28 15.97
N TYR B 261 6.15 -29.34 14.66
CA TYR B 261 7.31 -28.66 14.04
C TYR B 261 8.61 -29.42 14.11
N GLN B 262 8.56 -30.68 14.54
CA GLN B 262 9.76 -31.52 14.52
C GLN B 262 10.02 -32.06 13.11
N THR B 263 11.21 -32.59 12.90
CA THR B 263 11.53 -33.29 11.65
C THR B 263 10.81 -34.64 11.58
N ARG B 264 10.64 -35.14 10.36
CA ARG B 264 10.10 -36.48 10.16
C ARG B 264 10.98 -37.58 10.74
N THR B 265 12.28 -37.33 10.81
N THR B 265 12.30 -37.35 10.78
CA THR B 265 13.18 -38.29 11.40
CA THR B 265 13.22 -38.27 11.44
C THR B 265 13.12 -38.27 12.95
C THR B 265 12.98 -38.28 12.95
N ALA B 266 12.82 -37.10 13.53
CA ALA B 266 12.52 -37.01 14.98
C ALA B 266 11.22 -37.74 15.34
N TYR B 267 10.19 -37.61 14.50
CA TYR B 267 8.96 -38.38 14.71
C TYR B 267 9.26 -39.88 14.71
N TRP B 268 10.00 -40.33 13.70
CA TRP B 268 10.38 -41.74 13.63
C TRP B 268 11.13 -42.18 14.89
N GLU B 269 12.09 -41.35 15.32
CA GLU B 269 12.88 -41.61 16.54
C GLU B 269 12.01 -41.65 17.81
N LEU B 270 10.98 -40.80 17.85
CA LEU B 270 10.04 -40.75 18.95
C LEU B 270 9.29 -42.06 19.13
N VAL B 271 8.65 -42.53 18.06
CA VAL B 271 7.92 -43.79 18.07
C VAL B 271 8.82 -44.98 18.46
N ARG B 272 10.02 -45.03 17.89
CA ARG B 272 11.05 -46.02 18.24
C ARG B 272 11.34 -46.01 19.74
N ASP B 273 11.33 -44.81 20.34
CA ASP B 273 11.69 -44.64 21.76
C ASP B 273 10.44 -44.67 22.67
N HIS B 274 9.32 -45.13 22.07
CA HIS B 274 8.04 -45.47 22.73
C HIS B 274 7.16 -44.28 23.09
N PHE B 275 7.43 -43.17 22.39
CA PHE B 275 6.51 -42.06 22.33
C PHE B 275 5.57 -42.37 21.16
N ALA B 276 4.66 -43.31 21.43
CA ALA B 276 3.80 -43.93 20.41
C ALA B 276 2.52 -43.16 20.10
N ILE B 277 2.15 -42.21 20.96
CA ILE B 277 1.04 -41.31 20.68
C ILE B 277 1.60 -39.88 20.57
N LEU B 278 1.57 -39.33 19.36
CA LEU B 278 2.12 -38.00 19.10
C LEU B 278 1.05 -36.95 18.84
N LYS B 279 0.98 -35.98 19.74
CA LYS B 279 -0.04 -34.96 19.69
C LYS B 279 0.42 -33.77 18.85
N VAL B 280 -0.41 -33.44 17.85
CA VAL B 280 -0.21 -32.29 16.97
C VAL B 280 -1.45 -31.45 16.97
N GLY B 281 -1.26 -30.12 16.89
CA GLY B 281 -2.40 -29.22 16.75
C GLY B 281 -2.12 -27.92 15.99
N PRO B 282 -1.45 -26.96 16.67
CA PRO B 282 -1.07 -25.66 16.04
C PRO B 282 -0.33 -25.78 14.68
N ALA B 283 0.49 -26.80 14.45
CA ALA B 283 1.17 -26.96 13.15
C ALA B 283 0.16 -27.19 12.02
N LEU B 284 -0.98 -27.82 12.33
CA LEU B 284 -2.01 -28.10 11.33
C LEU B 284 -2.72 -26.82 10.90
N THR B 285 -3.08 -25.99 11.88
CA THR B 285 -3.72 -24.72 11.61
C THR B 285 -2.74 -23.63 11.16
N PHE B 286 -1.48 -23.75 11.60
CA PHE B 286 -0.39 -22.88 11.12
C PHE B 286 -0.24 -23.07 9.61
N ALA B 287 -0.22 -24.33 9.17
CA ALA B 287 -0.14 -24.66 7.75
C ALA B 287 -1.36 -24.13 6.97
N LEU B 288 -2.53 -24.22 7.58
CA LEU B 288 -3.77 -23.75 6.98
C LEU B 288 -3.73 -22.24 6.75
N ARG B 289 -3.22 -21.55 7.76
CA ARG B 289 -3.09 -20.11 7.75
C ARG B 289 -2.08 -19.61 6.69
N GLU B 290 -0.98 -20.34 6.49
CA GLU B 290 -0.03 -20.07 5.41
C GLU B 290 -0.69 -20.17 4.04
N ALA B 291 -1.50 -21.20 3.83
CA ALA B 291 -2.29 -21.34 2.59
C ALA B 291 -3.28 -20.18 2.42
N ILE B 292 -3.96 -19.80 3.50
CA ILE B 292 -4.88 -18.66 3.44
C ILE B 292 -4.16 -17.37 3.11
N PHE B 293 -3.03 -17.12 3.75
CA PHE B 293 -2.23 -15.92 3.52
C PHE B 293 -1.67 -15.85 2.09
N ALA B 294 -1.19 -16.98 1.58
CA ALA B 294 -0.69 -17.11 0.19
C ALA B 294 -1.77 -16.82 -0.80
N LEU B 295 -2.96 -17.36 -0.54
CA LEU B 295 -4.12 -17.16 -1.42
C LEU B 295 -4.60 -15.73 -1.38
N ALA B 296 -4.53 -15.10 -0.21
CA ALA B 296 -4.93 -13.69 -0.08
C ALA B 296 -3.98 -12.79 -0.90
N GLN B 297 -2.68 -13.09 -0.84
CA GLN B 297 -1.71 -12.38 -1.67
C GLN B 297 -1.98 -12.62 -3.17
N ILE B 298 -2.20 -13.87 -3.57
CA ILE B 298 -2.59 -14.18 -4.96
C ILE B 298 -3.86 -13.43 -5.39
N GLU B 299 -4.85 -13.41 -4.50
CA GLU B 299 -6.07 -12.65 -4.75
C GLU B 299 -5.81 -11.14 -4.98
N GLN B 300 -4.94 -10.54 -4.15
CA GLN B 300 -4.55 -9.11 -4.29
C GLN B 300 -4.06 -8.79 -5.72
N GLU B 301 -3.40 -9.76 -6.35
CA GLU B 301 -2.80 -9.55 -7.65
C GLU B 301 -3.61 -10.02 -8.86
N LEU B 302 -4.52 -10.97 -8.65
CA LEU B 302 -5.27 -11.57 -9.76
C LEU B 302 -6.67 -11.00 -9.94
N ILE B 303 -7.28 -10.54 -8.84
CA ILE B 303 -8.66 -10.16 -8.83
C ILE B 303 -8.82 -8.63 -9.00
N ALA B 304 -9.82 -8.21 -9.79
CA ALA B 304 -10.12 -6.77 -9.94
C ALA B 304 -10.30 -6.08 -8.57
N PRO B 305 -9.76 -4.85 -8.42
CA PRO B 305 -9.86 -3.99 -7.24
C PRO B 305 -11.25 -3.91 -6.62
N GLU B 306 -12.29 -3.80 -7.45
CA GLU B 306 -13.67 -3.69 -6.95
C GLU B 306 -14.22 -5.02 -6.40
N ASN B 307 -13.52 -6.12 -6.60
CA ASN B 307 -14.01 -7.42 -6.17
C ASN B 307 -13.16 -8.10 -5.08
N ARG B 308 -12.06 -7.48 -4.68
CA ARG B 308 -11.16 -8.08 -3.68
C ARG B 308 -11.84 -8.19 -2.34
N SER B 309 -11.51 -9.27 -1.62
CA SER B 309 -12.11 -9.59 -0.31
C SER B 309 -11.66 -8.68 0.82
N GLY B 310 -10.43 -8.16 0.74
CA GLY B 310 -9.79 -7.48 1.87
C GLY B 310 -9.55 -8.41 3.05
N CYS B 311 -9.33 -9.69 2.75
CA CYS B 311 -9.17 -10.77 3.71
C CYS B 311 -8.22 -10.43 4.85
N LEU B 312 -6.95 -10.19 4.50
CA LEU B 312 -5.94 -9.91 5.51
C LEU B 312 -6.25 -8.69 6.33
N ALA B 313 -6.80 -7.62 5.70
CA ALA B 313 -7.11 -6.39 6.44
C ALA B 313 -8.26 -6.61 7.42
N VAL B 314 -9.21 -7.46 7.03
CA VAL B 314 -10.31 -7.88 7.92
C VAL B 314 -9.75 -8.67 9.13
N ILE B 315 -8.96 -9.70 8.87
CA ILE B 315 -8.32 -10.50 9.95
C ILE B 315 -7.58 -9.61 10.97
N GLU B 316 -6.71 -8.73 10.48
CA GLU B 316 -5.88 -7.89 11.34
C GLU B 316 -6.75 -6.98 12.20
N GLU B 317 -7.75 -6.38 11.57
CA GLU B 317 -8.64 -5.47 12.28
C GLU B 317 -9.37 -6.20 13.39
N VAL B 318 -9.95 -7.36 13.05
CA VAL B 318 -10.72 -8.16 14.01
C VAL B 318 -9.83 -8.65 15.16
N LEU B 320 -6.94 -7.23 16.21
CA LEU B 320 -6.61 -6.04 17.00
C LEU B 320 -7.77 -5.56 17.89
N ASP B 321 -9.02 -5.70 17.42
CA ASP B 321 -10.20 -5.22 18.16
C ASP B 321 -10.72 -6.19 19.21
N GLU B 322 -10.60 -7.49 18.95
CA GLU B 322 -11.01 -8.50 19.91
C GLU B 322 -9.78 -9.34 20.22
N PRO B 323 -8.82 -8.79 21.00
CA PRO B 323 -7.52 -9.44 21.13
C PRO B 323 -7.36 -10.45 22.28
N GLN B 324 -8.45 -10.91 22.88
CA GLN B 324 -8.36 -11.73 24.10
C GLN B 324 -7.59 -13.05 23.96
N TYR B 325 -7.72 -13.71 22.80
CA TYR B 325 -7.10 -15.02 22.54
C TYR B 325 -5.59 -14.97 22.29
N TRP B 326 -5.06 -13.78 22.06
CA TRP B 326 -3.61 -13.65 21.81
C TRP B 326 -2.82 -12.73 22.75
N LYS B 327 -3.52 -11.79 23.37
CA LYS B 327 -2.92 -10.73 24.20
C LYS B 327 -1.85 -11.20 25.20
N LYS B 328 -2.13 -12.29 25.92
CA LYS B 328 -1.19 -12.85 26.89
C LYS B 328 -0.01 -13.61 26.27
N TYR B 329 -0.08 -13.86 24.95
CA TYR B 329 0.98 -14.61 24.26
C TYR B 329 2.00 -13.76 23.53
N TYR B 330 1.56 -12.66 22.92
CA TYR B 330 2.41 -11.95 21.95
C TYR B 330 3.07 -10.72 22.52
N ARG B 331 3.97 -10.13 21.73
CA ARG B 331 4.73 -8.96 22.18
C ARG B 331 3.91 -7.68 22.22
N THR B 332 4.50 -6.66 22.85
CA THR B 332 3.86 -5.41 23.25
C THR B 332 3.97 -4.31 22.17
N GLY B 333 5.13 -4.21 21.52
CA GLY B 333 5.33 -3.27 20.43
C GLY B 333 4.33 -3.54 19.33
N PHE B 334 3.83 -2.48 18.70
CA PHE B 334 2.77 -2.64 17.71
C PHE B 334 3.19 -3.48 16.49
N ASN B 335 4.29 -3.14 15.85
CA ASN B 335 4.74 -3.97 14.71
C ASN B 335 5.08 -5.40 15.15
N ASP B 336 5.76 -5.53 16.29
CA ASP B 336 6.08 -6.85 16.87
C ASP B 336 4.82 -7.69 17.05
N SER B 337 3.76 -7.07 17.56
CA SER B 337 2.51 -7.76 17.75
C SER B 337 1.87 -8.19 16.42
N LEU B 338 1.98 -7.35 15.38
CA LEU B 338 1.57 -7.78 14.03
C LEU B 338 2.35 -9.01 13.56
N LEU B 339 3.67 -9.01 13.75
CA LEU B 339 4.52 -10.15 13.33
C LEU B 339 4.18 -11.46 14.10
N ASP B 340 3.87 -11.33 15.38
CA ASP B 340 3.41 -12.45 16.19
C ASP B 340 2.01 -12.94 15.75
N ILE B 341 1.12 -12.00 15.55
CA ILE B 341 -0.21 -12.30 15.05
C ILE B 341 -0.15 -13.07 13.72
N ARG B 342 0.80 -12.74 12.86
CA ARG B 342 0.88 -13.38 11.54
C ARG B 342 1.61 -14.70 11.62
N TYR B 343 2.77 -14.68 12.29
CA TYR B 343 3.81 -15.68 12.05
C TYR B 343 4.25 -16.52 13.24
N SER B 344 3.78 -16.20 14.45
CA SER B 344 4.17 -17.01 15.60
C SER B 344 3.74 -18.47 15.49
N LEU B 345 4.65 -19.33 15.89
CA LEU B 345 4.43 -20.78 15.85
C LEU B 345 3.34 -21.23 16.82
N SER B 346 2.97 -20.34 17.75
CA SER B 346 1.84 -20.55 18.67
C SER B 346 0.48 -20.52 17.97
N ASP B 347 0.40 -19.81 16.84
CA ASP B 347 -0.78 -19.89 15.98
C ASP B 347 -2.03 -19.49 16.78
N ARG B 348 -1.97 -18.36 17.49
CA ARG B 348 -3.15 -17.90 18.23
C ARG B 348 -4.27 -17.44 17.27
N ILE B 349 -3.90 -17.16 16.01
CA ILE B 349 -4.87 -16.82 14.97
C ILE B 349 -5.91 -17.94 14.80
N ARG B 350 -5.55 -19.17 15.21
CA ARG B 350 -6.45 -20.32 15.01
C ARG B 350 -7.80 -20.10 15.71
N TYR B 351 -7.80 -19.28 16.76
CA TYR B 351 -9.02 -19.00 17.48
C TYR B 351 -9.95 -18.01 16.77
N TYR B 352 -9.49 -17.44 15.65
CA TYR B 352 -10.25 -16.37 14.96
C TYR B 352 -10.94 -16.82 13.68
N TRP B 353 -10.52 -17.96 13.14
CA TRP B 353 -11.21 -18.53 11.96
C TRP B 353 -12.76 -18.55 12.01
N PRO B 354 -13.37 -18.88 13.18
CA PRO B 354 -14.82 -18.85 13.25
C PRO B 354 -15.50 -17.46 13.35
N HIS B 355 -14.72 -16.37 13.40
CA HIS B 355 -15.31 -15.04 13.46
C HIS B 355 -16.06 -14.75 12.16
N SER B 356 -17.23 -14.14 12.29
CA SER B 356 -18.16 -13.84 11.19
C SER B 356 -17.59 -13.01 10.03
N ARG B 357 -16.85 -11.95 10.36
CA ARG B 357 -16.19 -11.08 9.35
C ARG B 357 -15.05 -11.82 8.66
N ILE B 358 -14.34 -12.67 9.41
CA ILE B 358 -13.20 -13.37 8.84
C ILE B 358 -13.71 -14.51 7.97
N LYS B 359 -14.70 -15.23 8.47
CA LYS B 359 -15.27 -16.33 7.73
C LYS B 359 -15.79 -15.87 6.35
N ASN B 360 -16.58 -14.79 6.35
CA ASN B 360 -17.17 -14.26 5.12
C ASN B 360 -16.14 -13.67 4.14
N SER B 361 -15.10 -13.02 4.65
CA SER B 361 -14.08 -12.48 3.76
C SER B 361 -13.20 -13.59 3.19
N VAL B 362 -12.87 -14.59 4.02
CA VAL B 362 -12.26 -15.81 3.51
C VAL B 362 -13.12 -16.50 2.44
N GLU B 363 -14.42 -16.65 2.65
CA GLU B 363 -15.23 -17.28 1.60
C GLU B 363 -15.40 -16.41 0.34
N THR B 364 -15.47 -15.10 0.49
CA THR B 364 -15.43 -14.18 -0.67
C THR B 364 -14.12 -14.40 -1.49
N VAL B 367 -14.32 -17.86 -3.39
CA VAL B 367 -15.22 -17.66 -4.52
C VAL B 367 -14.56 -16.87 -5.67
N ASN B 368 -13.79 -15.82 -5.36
CA ASN B 368 -13.07 -15.05 -6.37
C ASN B 368 -12.02 -15.92 -7.04
N LEU B 369 -11.32 -16.70 -6.22
CA LEU B 369 -10.17 -17.44 -6.70
C LEU B 369 -10.58 -18.69 -7.47
N GLN B 370 -11.77 -19.20 -7.20
CA GLN B 370 -12.27 -20.39 -7.87
C GLN B 370 -12.69 -20.14 -9.33
N GLY B 371 -12.95 -18.89 -9.68
CA GLY B 371 -13.25 -18.55 -11.05
C GLY B 371 -12.01 -18.13 -11.86
N VAL B 372 -10.85 -18.12 -11.23
CA VAL B 372 -9.68 -17.59 -11.90
C VAL B 372 -8.59 -18.65 -12.02
N ASP B 373 -7.82 -18.52 -13.09
CA ASP B 373 -6.68 -19.37 -13.35
C ASP B 373 -5.44 -18.84 -12.66
N ILE B 374 -4.93 -19.58 -11.68
CA ILE B 374 -3.75 -19.15 -10.94
C ILE B 374 -2.47 -19.55 -11.68
N PRO B 375 -1.73 -18.55 -12.18
CA PRO B 375 -0.49 -18.79 -12.89
C PRO B 375 0.45 -19.65 -12.06
N LEU B 376 1.10 -20.58 -12.73
CA LEU B 376 2.05 -21.50 -12.15
C LEU B 376 3.11 -20.77 -11.32
N GLY B 377 3.64 -19.70 -11.92
CA GLY B 377 4.67 -18.85 -11.35
C GLY B 377 4.32 -18.29 -9.99
N ILE B 379 2.27 -19.79 -7.76
CA ILE B 379 2.23 -20.91 -6.85
C ILE B 379 3.66 -21.29 -6.50
N SER B 380 4.54 -21.22 -7.47
CA SER B 380 5.95 -21.44 -7.19
C SER B 380 6.44 -20.37 -6.19
N GLN B 381 6.04 -19.12 -6.38
CA GLN B 381 6.47 -18.07 -5.47
C GLN B 381 5.92 -18.27 -4.06
N TYR B 382 4.62 -18.45 -3.95
CA TYR B 382 3.98 -18.41 -2.64
C TYR B 382 3.70 -19.77 -1.97
N LEU B 383 3.58 -20.82 -2.79
CA LEU B 383 3.30 -22.19 -2.36
C LEU B 383 4.26 -23.19 -3.06
N PRO B 384 5.58 -23.00 -2.89
CA PRO B 384 6.51 -23.82 -3.69
C PRO B 384 6.39 -25.35 -3.60
N LYS B 385 6.10 -25.89 -2.42
CA LYS B 385 5.92 -27.34 -2.26
C LYS B 385 4.68 -27.87 -3.00
N GLN B 386 3.64 -27.03 -3.08
CA GLN B 386 2.44 -27.34 -3.87
C GLN B 386 2.74 -27.27 -5.36
N PHE B 387 3.57 -26.31 -5.74
CA PHE B 387 3.99 -26.18 -7.12
C PHE B 387 4.79 -27.43 -7.59
N GLU B 388 5.65 -27.95 -6.73
CA GLU B 388 6.40 -29.13 -7.08
C GLU B 388 5.45 -30.31 -7.34
N ARG B 389 4.41 -30.43 -6.52
CA ARG B 389 3.39 -31.46 -6.69
C ARG B 389 2.62 -31.33 -7.99
N ILE B 390 2.18 -30.12 -8.31
CA ILE B 390 1.58 -29.83 -9.61
C ILE B 390 2.57 -30.18 -10.73
N GLN B 391 3.83 -29.78 -10.58
CA GLN B 391 4.90 -29.98 -11.56
C GLN B 391 5.03 -31.48 -11.92
N SER B 392 4.88 -32.34 -10.90
CA SER B 392 4.94 -33.77 -11.06
C SER B 392 3.55 -34.39 -11.24
N GLY B 393 2.54 -33.54 -11.49
CA GLY B 393 1.18 -33.97 -11.80
C GLY B 393 0.44 -34.77 -10.74
N GLU B 394 0.75 -34.53 -9.47
CA GLU B 394 0.03 -35.20 -8.36
C GLU B 394 -0.86 -34.27 -7.52
N LEU B 395 -1.21 -33.11 -8.08
CA LEU B 395 -1.99 -32.08 -7.42
C LEU B 395 -2.38 -31.04 -8.49
N SER B 396 -3.50 -30.34 -8.27
N SER B 396 -3.51 -30.35 -8.30
CA SER B 396 -3.90 -29.25 -9.18
CA SER B 396 -3.88 -29.26 -9.22
C SER B 396 -3.84 -27.88 -8.52
C SER B 396 -4.03 -27.91 -8.53
N ALA B 397 -3.96 -26.85 -9.35
CA ALA B 397 -4.02 -25.46 -8.88
C ALA B 397 -5.42 -25.03 -8.39
N ILE B 398 -6.05 -25.91 -7.59
CA ILE B 398 -7.38 -25.69 -7.09
C ILE B 398 -7.22 -25.15 -5.68
N PRO B 399 -7.77 -23.95 -5.40
CA PRO B 399 -7.51 -23.38 -4.05
C PRO B 399 -7.78 -24.33 -2.87
N HIS B 400 -8.91 -25.03 -2.88
CA HIS B 400 -9.24 -25.95 -1.78
C HIS B 400 -8.16 -27.05 -1.65
N GLN B 401 -7.73 -27.60 -2.80
CA GLN B 401 -6.67 -28.62 -2.82
C GLN B 401 -5.31 -28.08 -2.38
N LEU B 402 -5.05 -26.80 -2.61
CA LEU B 402 -3.81 -26.13 -2.14
C LEU B 402 -3.76 -26.05 -0.60
N ILE B 403 -4.89 -25.69 0.03
CA ILE B 403 -5.05 -25.69 1.50
C ILE B 403 -4.89 -27.09 2.08
N ASP B 405 -3.29 -29.63 0.76
CA ASP B 405 -1.93 -30.14 0.62
C ASP B 405 -0.94 -29.59 1.64
N LYS B 406 -1.16 -28.32 2.05
CA LYS B 406 -0.37 -27.66 3.10
C LYS B 406 -0.55 -28.40 4.41
N ILE B 407 -1.78 -28.79 4.70
CA ILE B 407 -2.11 -29.56 5.91
C ILE B 407 -1.62 -31.03 5.82
N TYR B 408 -1.80 -31.67 4.67
CA TYR B 408 -1.24 -33.03 4.42
C TYR B 408 0.26 -33.13 4.70
N ASP B 409 1.04 -32.07 4.39
CA ASP B 409 2.50 -32.10 4.63
C ASP B 409 2.86 -32.26 6.09
N VAL B 410 2.07 -31.67 6.98
CA VAL B 410 2.27 -31.87 8.42
C VAL B 410 1.99 -33.34 8.74
N LEU B 411 0.89 -33.83 8.17
CA LEU B 411 0.40 -35.17 8.40
C LEU B 411 1.33 -36.21 7.78
N ARG B 412 1.99 -35.84 6.67
CA ARG B 412 2.97 -36.75 6.04
C ARG B 412 4.16 -37.02 6.95
N ALA B 413 4.55 -36.00 7.72
CA ALA B 413 5.76 -36.09 8.57
C ALA B 413 5.48 -37.05 9.71
N TYR B 414 4.25 -36.98 10.22
CA TYR B 414 3.79 -37.89 11.27
C TYR B 414 3.68 -39.32 10.76
N ARG B 415 3.09 -39.49 9.57
CA ARG B 415 2.93 -40.82 8.96
C ARG B 415 4.25 -41.54 8.75
N TYR B 416 5.26 -40.78 8.34
CA TYR B 416 6.64 -41.26 8.23
C TYR B 416 7.13 -41.88 9.56
N GLY B 417 6.90 -41.16 10.66
CA GLY B 417 7.24 -41.66 11.99
C GLY B 417 6.37 -42.78 12.55
N CYS B 418 5.10 -42.82 12.15
CA CYS B 418 4.09 -43.68 12.82
C CYS B 418 3.77 -44.99 12.12
N ALA B 419 3.97 -45.02 10.80
CA ALA B 419 3.69 -46.21 9.99
C ALA B 419 4.98 -46.81 9.46
N LYS C 2 -29.17 37.64 -26.85
CA LYS C 2 -29.03 38.81 -27.69
C LYS C 2 -29.23 40.05 -26.84
N THR C 3 -30.14 39.97 -25.88
N THR C 3 -30.14 39.98 -25.87
CA THR C 3 -30.39 41.06 -24.93
CA THR C 3 -30.37 41.07 -24.91
C THR C 3 -29.17 41.32 -24.03
C THR C 3 -29.15 41.32 -24.03
N LEU C 4 -28.51 40.24 -23.58
CA LEU C 4 -27.26 40.33 -22.84
C LEU C 4 -26.11 41.00 -23.63
N ILE C 5 -25.91 40.61 -24.89
CA ILE C 5 -24.85 41.20 -25.72
C ILE C 5 -25.12 42.69 -25.96
N ALA C 6 -26.40 42.99 -26.21
CA ALA C 6 -26.85 44.39 -26.30
C ALA C 6 -26.62 45.17 -25.02
N ARG C 7 -26.81 44.55 -23.84
CA ARG C 7 -26.60 45.30 -22.61
C ARG C 7 -25.11 45.65 -22.55
N HIS C 8 -24.28 44.70 -22.96
CA HIS C 8 -22.83 44.87 -23.00
C HIS C 8 -22.42 45.94 -24.00
N LYS C 9 -22.92 45.83 -25.23
CA LYS C 9 -22.59 46.83 -26.25
C LYS C 9 -22.97 48.25 -25.85
N ALA C 10 -24.05 48.37 -25.08
CA ALA C 10 -24.53 49.66 -24.56
C ALA C 10 -23.72 50.16 -23.38
N GLY C 11 -22.71 49.38 -22.97
CA GLY C 11 -21.74 49.83 -21.95
C GLY C 11 -21.81 49.18 -20.58
N GLU C 12 -22.75 48.26 -20.40
CA GLU C 12 -22.93 47.56 -19.12
C GLU C 12 -21.86 46.48 -18.94
N HIS C 13 -21.27 46.41 -17.74
CA HIS C 13 -20.33 45.35 -17.42
C HIS C 13 -21.11 44.07 -17.18
N ILE C 14 -21.21 43.26 -18.24
CA ILE C 14 -21.98 42.02 -18.22
C ILE C 14 -21.38 41.00 -19.16
N GLY C 15 -21.32 39.76 -18.69
CA GLY C 15 -20.87 38.65 -19.50
C GLY C 15 -21.69 37.40 -19.27
N ILE C 16 -21.31 36.32 -19.97
CA ILE C 16 -21.94 35.02 -19.84
C ILE C 16 -20.83 33.99 -19.78
N CYS C 17 -20.97 33.07 -18.84
CA CYS C 17 -20.08 31.92 -18.72
C CYS C 17 -20.61 30.81 -19.63
N SER C 18 -19.73 30.32 -20.50
CA SER C 18 -20.12 29.27 -21.41
C SER C 18 -19.63 27.91 -20.94
N VAL C 19 -20.55 27.06 -20.50
CA VAL C 19 -20.16 25.80 -19.86
C VAL C 19 -19.96 24.70 -20.89
N CYS C 20 -18.71 24.35 -21.16
CA CYS C 20 -18.37 23.39 -22.20
C CYS C 20 -18.04 22.04 -21.59
N SER C 21 -19.07 21.34 -21.17
CA SER C 21 -18.87 20.06 -20.49
C SER C 21 -20.04 19.15 -20.79
N ALA C 22 -19.78 17.85 -20.87
CA ALA C 22 -20.85 16.87 -21.02
C ALA C 22 -21.08 16.05 -19.75
N HIS C 23 -20.32 16.34 -18.70
CA HIS C 23 -20.48 15.54 -17.47
C HIS C 23 -21.83 15.93 -16.84
N PRO C 24 -22.70 14.93 -16.57
CA PRO C 24 -24.01 15.15 -15.97
C PRO C 24 -24.03 15.94 -14.65
N LEU C 25 -23.04 15.74 -13.79
CA LEU C 25 -22.94 16.49 -12.52
C LEU C 25 -22.46 17.91 -12.69
N VAL C 26 -21.60 18.15 -13.68
CA VAL C 26 -21.22 19.52 -14.03
C VAL C 26 -22.41 20.30 -14.57
N ILE C 27 -23.18 19.66 -15.45
CA ILE C 27 -24.40 20.27 -15.99
C ILE C 27 -25.41 20.51 -14.86
N GLU C 28 -25.59 19.51 -13.99
CA GLU C 28 -26.42 19.70 -12.83
C GLU C 28 -25.94 20.90 -12.01
N ALA C 29 -24.66 20.91 -11.64
CA ALA C 29 -24.10 22.02 -10.89
C ALA C 29 -24.37 23.36 -11.60
N ALA C 30 -24.12 23.47 -12.90
CA ALA C 30 -24.33 24.72 -13.66
C ALA C 30 -25.75 25.26 -13.54
N LEU C 31 -26.73 24.38 -13.66
CA LEU C 31 -28.14 24.76 -13.60
C LEU C 31 -28.54 25.08 -12.14
N ALA C 32 -28.17 24.21 -11.20
CA ALA C 32 -28.50 24.43 -9.80
C ALA C 32 -27.90 25.74 -9.30
N PHE C 33 -26.69 26.08 -9.74
CA PHE C 33 -26.01 27.29 -9.29
C PHE C 33 -26.75 28.60 -9.63
N ASP C 34 -27.49 28.59 -10.74
CA ASP C 34 -28.21 29.76 -11.18
C ASP C 34 -29.72 29.58 -11.06
N ARG C 35 -30.14 28.54 -10.34
CA ARG C 35 -31.54 28.17 -10.23
C ARG C 35 -32.43 29.29 -9.66
N ASN C 36 -31.88 30.03 -8.71
CA ASN C 36 -32.63 31.04 -7.97
C ASN C 36 -32.60 32.39 -8.65
N SER C 37 -31.73 32.53 -9.65
CA SER C 37 -31.60 33.79 -10.37
C SER C 37 -32.53 33.82 -11.59
N THR C 38 -32.37 34.83 -12.44
CA THR C 38 -33.13 34.92 -13.71
C THR C 38 -32.21 34.71 -14.90
N ARG C 39 -30.93 34.45 -14.63
CA ARG C 39 -29.96 34.25 -15.69
C ARG C 39 -30.28 33.06 -16.56
N LYS C 40 -29.88 33.18 -17.82
CA LYS C 40 -29.75 32.06 -18.74
C LYS C 40 -28.46 31.30 -18.43
N VAL C 41 -28.53 29.98 -18.56
CA VAL C 41 -27.33 29.16 -18.49
C VAL C 41 -27.02 28.68 -19.90
N LEU C 42 -25.77 28.86 -20.30
CA LEU C 42 -25.24 28.44 -21.59
C LEU C 42 -24.41 27.15 -21.50
N ILE C 43 -24.92 26.10 -22.14
CA ILE C 43 -24.25 24.82 -22.26
C ILE C 43 -23.94 24.52 -23.75
N GLU C 44 -22.69 24.15 -24.00
CA GLU C 44 -22.20 23.96 -25.35
C GLU C 44 -21.52 22.62 -25.53
N ALA C 45 -21.80 21.98 -26.67
CA ALA C 45 -21.14 20.74 -27.03
C ALA C 45 -20.25 21.03 -28.24
N THR C 46 -19.13 20.30 -28.35
CA THR C 46 -18.26 20.39 -29.53
C THR C 46 -18.71 19.33 -30.51
N SER C 47 -18.30 19.48 -31.76
CA SER C 47 -18.63 18.51 -32.81
C SER C 47 -17.98 17.13 -32.59
N ASN C 48 -16.97 17.06 -31.71
CA ASN C 48 -16.31 15.80 -31.33
C ASN C 48 -17.11 15.02 -30.30
N GLN C 49 -17.69 15.74 -29.34
CA GLN C 49 -18.61 15.17 -28.36
C GLN C 49 -19.89 14.71 -29.05
N VAL C 50 -20.56 15.62 -29.75
CA VAL C 50 -21.87 15.32 -30.32
C VAL C 50 -21.97 15.75 -31.77
N ASN C 51 -22.43 14.83 -32.60
CA ASN C 51 -22.73 15.11 -33.99
C ASN C 51 -23.80 14.13 -34.50
N GLN C 52 -24.01 14.10 -35.81
CA GLN C 52 -25.03 13.22 -36.38
C GLN C 52 -24.66 11.73 -36.27
N PHE C 53 -23.39 11.46 -35.99
CA PHE C 53 -22.88 10.09 -35.77
C PHE C 53 -22.68 9.76 -34.29
N GLY C 54 -22.95 10.72 -33.41
CA GLY C 54 -22.90 10.51 -31.97
C GLY C 54 -21.61 10.95 -31.30
N GLY C 55 -20.65 11.44 -32.08
CA GLY C 55 -19.33 11.78 -31.54
C GLY C 55 -18.75 10.62 -30.76
N TYR C 56 -18.11 10.91 -29.62
CA TYR C 56 -17.56 9.86 -28.74
C TYR C 56 -18.46 9.62 -27.52
N THR C 57 -19.38 10.54 -27.28
CA THR C 57 -20.32 10.43 -26.17
C THR C 57 -21.45 9.43 -26.48
N GLY C 58 -21.66 9.15 -27.77
CA GLY C 58 -22.79 8.37 -28.23
C GLY C 58 -24.05 9.21 -28.42
N THR C 60 -26.28 12.23 -30.26
CA THR C 60 -26.60 13.22 -31.30
C THR C 60 -27.03 14.51 -30.60
N PRO C 61 -27.05 15.65 -31.32
CA PRO C 61 -27.56 16.92 -30.76
C PRO C 61 -28.95 16.83 -30.13
N ALA C 62 -29.85 16.06 -30.73
CA ALA C 62 -31.16 15.79 -30.16
C ALA C 62 -31.02 15.00 -28.85
N ASP C 63 -30.14 13.99 -28.85
CA ASP C 63 -29.83 13.21 -27.65
C ASP C 63 -29.32 14.11 -26.53
N PHE C 64 -28.44 15.03 -26.88
CA PHE C 64 -27.80 15.94 -25.95
C PHE C 64 -28.80 16.91 -25.34
N ARG C 65 -29.73 17.39 -26.15
CA ARG C 65 -30.76 18.29 -25.66
C ARG C 65 -31.63 17.60 -24.60
N GLU C 66 -32.02 16.35 -24.85
CA GLU C 66 -32.90 15.65 -23.91
C GLU C 66 -32.10 15.26 -22.68
N PHE C 67 -30.80 15.07 -22.88
CA PHE C 67 -29.87 14.77 -21.81
C PHE C 67 -29.76 15.96 -20.84
N VAL C 68 -29.59 17.17 -21.39
CA VAL C 68 -29.60 18.40 -20.60
C VAL C 68 -30.98 18.70 -19.96
N PHE C 69 -32.06 18.48 -20.73
CA PHE C 69 -33.43 18.74 -20.27
C PHE C 69 -33.83 17.89 -19.06
N ALA C 70 -33.48 16.61 -19.08
CA ALA C 70 -33.76 15.71 -17.95
C ALA C 70 -33.05 16.19 -16.69
N ILE C 71 -31.77 16.57 -16.82
CA ILE C 71 -31.03 17.13 -15.70
C ILE C 71 -31.75 18.40 -15.20
N ALA C 72 -32.18 19.24 -16.12
CA ALA C 72 -32.91 20.47 -15.78
C ALA C 72 -34.26 20.25 -15.07
N ASP C 73 -35.04 19.29 -15.54
CA ASP C 73 -36.31 18.92 -14.87
C ASP C 73 -36.03 18.44 -13.45
N LYS C 74 -35.05 17.55 -13.30
CA LYS C 74 -34.69 16.98 -12.00
C LYS C 74 -34.17 18.03 -10.99
N VAL C 75 -33.54 19.07 -11.52
CA VAL C 75 -33.09 20.23 -10.72
C VAL C 75 -34.23 21.27 -10.51
N GLY C 76 -35.21 21.28 -11.41
CA GLY C 76 -36.32 22.27 -11.39
C GLY C 76 -35.86 23.60 -12.00
N PHE C 77 -34.98 23.51 -13.00
CA PHE C 77 -34.47 24.66 -13.75
C PHE C 77 -35.28 24.70 -15.04
N ALA C 78 -35.98 25.81 -15.29
CA ALA C 78 -36.85 25.96 -16.48
C ALA C 78 -36.13 25.76 -17.80
N ARG C 79 -36.64 24.86 -18.62
CA ARG C 79 -36.05 24.54 -19.92
C ARG C 79 -35.76 25.76 -20.79
N GLU C 80 -36.65 26.77 -20.75
CA GLU C 80 -36.46 27.99 -21.55
C GLU C 80 -35.33 28.90 -21.06
N ARG C 81 -34.73 28.57 -19.92
CA ARG C 81 -33.59 29.36 -19.45
C ARG C 81 -32.27 28.80 -19.97
N ILE C 82 -32.34 27.68 -20.68
CA ILE C 82 -31.14 27.04 -21.20
C ILE C 82 -30.83 27.52 -22.62
N ILE C 83 -29.60 27.94 -22.83
CA ILE C 83 -29.10 28.16 -24.18
C ILE C 83 -28.17 27.00 -24.50
N LEU C 84 -28.47 26.32 -25.59
CA LEU C 84 -27.61 25.25 -26.08
C LEU C 84 -26.77 25.78 -27.24
N GLY C 85 -25.47 25.59 -27.14
CA GLY C 85 -24.55 26.08 -28.16
C GLY C 85 -23.69 25.00 -28.77
N GLY C 86 -23.28 25.23 -30.02
CA GLY C 86 -22.35 24.37 -30.74
C GLY C 86 -20.99 25.02 -30.85
N ASP C 87 -19.96 24.29 -30.40
CA ASP C 87 -18.62 24.84 -30.26
C ASP C 87 -17.76 24.34 -31.42
N HIS C 88 -17.04 25.24 -32.07
CA HIS C 88 -16.19 24.89 -33.23
C HIS C 88 -16.87 23.98 -34.26
N LEU C 89 -18.10 24.30 -34.62
CA LEU C 89 -18.82 23.51 -35.62
C LEU C 89 -18.29 23.81 -37.01
N GLY C 90 -18.07 22.73 -37.75
CA GLY C 90 -17.32 22.74 -39.00
C GLY C 90 -16.72 21.35 -39.17
N PRO C 91 -15.81 21.19 -40.14
CA PRO C 91 -15.21 19.88 -40.40
C PRO C 91 -13.97 19.49 -39.59
N ASN C 92 -13.84 19.90 -38.32
CA ASN C 92 -12.65 19.52 -37.54
C ASN C 92 -12.51 17.99 -37.35
N CYS C 93 -13.63 17.32 -37.15
CA CYS C 93 -13.70 15.85 -37.04
C CYS C 93 -13.26 15.12 -38.30
N TRP C 94 -13.52 15.73 -39.46
CA TRP C 94 -13.32 15.05 -40.74
C TRP C 94 -12.27 15.72 -41.60
N GLN C 95 -11.30 16.37 -40.95
CA GLN C 95 -10.14 16.96 -41.62
C GLN C 95 -9.54 16.02 -42.67
N GLN C 96 -9.11 14.84 -42.23
CA GLN C 96 -8.44 13.87 -43.11
C GLN C 96 -9.25 13.42 -44.35
N GLU C 97 -10.49 13.88 -44.44
CA GLU C 97 -11.39 13.55 -45.56
C GLU C 97 -11.38 14.64 -46.64
N ASN C 98 -11.90 14.27 -47.82
CA ASN C 98 -12.07 15.21 -48.92
C ASN C 98 -12.90 16.43 -48.54
N VAL C 99 -12.52 17.60 -49.07
CA VAL C 99 -13.25 18.85 -48.83
C VAL C 99 -14.76 18.67 -49.03
N ASP C 100 -15.14 18.12 -50.18
CA ASP C 100 -16.55 17.82 -50.49
C ASP C 100 -17.26 16.99 -49.42
N ALA C 101 -16.61 15.89 -48.99
CA ALA C 101 -17.14 15.00 -47.96
C ALA C 101 -17.15 15.68 -46.60
N ALA C 102 -16.02 16.31 -46.26
CA ALA C 102 -15.86 17.05 -45.01
C ALA C 102 -16.88 18.17 -44.86
N GLU C 104 -19.96 18.27 -46.55
CA GLU C 104 -21.30 17.67 -46.56
C GLU C 104 -21.70 17.20 -45.16
N LYS C 105 -20.72 16.72 -44.40
CA LYS C 105 -20.97 16.27 -43.05
C LYS C 105 -21.17 17.49 -42.17
N SER C 106 -20.40 18.54 -42.48
CA SER C 106 -20.44 19.81 -41.77
C SER C 106 -21.79 20.50 -41.91
N VAL C 107 -22.36 20.43 -43.11
CA VAL C 107 -23.66 21.01 -43.41
C VAL C 107 -24.72 20.26 -42.60
N GLU C 108 -24.60 18.93 -42.56
CA GLU C 108 -25.54 18.08 -41.83
C GLU C 108 -25.38 18.23 -40.33
N LEU C 109 -24.13 18.43 -39.88
CA LEU C 109 -23.78 18.73 -38.49
C LEU C 109 -24.45 20.01 -37.96
N VAL C 110 -24.35 21.06 -38.76
CA VAL C 110 -24.91 22.37 -38.42
C VAL C 110 -26.44 22.30 -38.43
N LYS C 111 -27.03 21.75 -39.51
CA LYS C 111 -28.48 21.49 -39.58
C LYS C 111 -29.03 20.70 -38.35
N ALA C 112 -28.33 19.63 -37.97
CA ALA C 112 -28.74 18.83 -36.79
C ALA C 112 -28.70 19.62 -35.46
N TYR C 113 -27.68 20.46 -35.28
CA TYR C 113 -27.61 21.31 -34.08
C TYR C 113 -28.79 22.28 -34.08
N VAL C 114 -29.02 22.94 -35.22
CA VAL C 114 -30.10 23.92 -35.33
C VAL C 114 -31.48 23.30 -35.07
N ARG C 115 -31.79 22.16 -35.69
CA ARG C 115 -33.07 21.45 -35.46
C ARG C 115 -33.28 20.94 -34.02
N ALA C 116 -32.18 20.61 -33.36
CA ALA C 116 -32.23 20.21 -31.96
C ALA C 116 -32.35 21.42 -31.03
N GLY C 117 -32.67 22.59 -31.62
CA GLY C 117 -32.87 23.84 -30.88
C GLY C 117 -31.64 24.48 -30.22
N PHE C 118 -30.46 24.28 -30.81
CA PHE C 118 -29.25 25.00 -30.39
C PHE C 118 -29.37 26.39 -31.03
N SER C 119 -29.20 27.43 -30.23
CA SER C 119 -29.42 28.78 -30.73
C SER C 119 -28.13 29.59 -30.83
N LYS C 120 -27.01 29.03 -30.32
CA LYS C 120 -25.70 29.67 -30.44
C LYS C 120 -24.79 28.76 -31.26
N ILE C 121 -24.31 29.27 -32.37
CA ILE C 121 -23.64 28.42 -33.36
C ILE C 121 -22.29 29.01 -33.76
N HIS C 122 -21.22 28.38 -33.28
CA HIS C 122 -19.87 28.76 -33.65
C HIS C 122 -19.42 28.10 -34.96
N LEU C 123 -19.36 28.92 -36.02
CA LEU C 123 -19.01 28.44 -37.34
C LEU C 123 -17.50 28.52 -37.52
N ASP C 124 -16.85 27.36 -37.64
CA ASP C 124 -15.40 27.32 -37.78
C ASP C 124 -14.93 26.28 -38.80
N ALA C 125 -14.59 26.79 -39.97
CA ALA C 125 -14.06 25.96 -41.04
C ALA C 125 -12.67 26.48 -41.41
N SER C 126 -11.90 26.89 -40.40
CA SER C 126 -10.54 27.43 -40.65
C SER C 126 -9.53 26.34 -40.96
N SER C 128 -7.66 23.11 -42.61
CA SER C 128 -7.48 22.48 -43.91
C SER C 128 -7.97 21.02 -43.89
N CYS C 129 -8.61 20.62 -44.98
CA CYS C 129 -9.01 19.23 -45.14
C CYS C 129 -8.08 18.57 -46.16
N ALA C 130 -8.15 17.25 -46.29
CA ALA C 130 -7.36 16.55 -47.31
C ALA C 130 -7.48 17.27 -48.65
N GLY C 131 -6.32 17.59 -49.26
CA GLY C 131 -6.28 18.29 -50.55
C GLY C 131 -6.15 19.80 -50.45
N ASP C 132 -6.53 20.37 -49.31
CA ASP C 132 -6.45 21.82 -49.10
C ASP C 132 -5.02 22.28 -48.85
N PRO C 133 -4.68 23.52 -49.28
CA PRO C 133 -3.46 24.21 -48.86
C PRO C 133 -3.38 24.46 -47.35
N ILE C 134 -2.17 24.55 -46.81
CA ILE C 134 -1.94 24.91 -45.40
C ILE C 134 -1.06 26.17 -45.29
N PRO C 135 -1.59 27.26 -44.67
CA PRO C 135 -2.96 27.43 -44.14
C PRO C 135 -4.00 27.75 -45.23
N LEU C 136 -5.28 27.70 -44.86
CA LEU C 136 -6.37 28.12 -45.75
C LEU C 136 -6.34 29.63 -46.04
N ALA C 137 -6.67 30.00 -47.27
CA ALA C 137 -6.87 31.42 -47.59
C ALA C 137 -7.97 31.98 -46.69
N PRO C 138 -7.76 33.19 -46.12
CA PRO C 138 -8.78 33.79 -45.25
C PRO C 138 -10.18 33.86 -45.89
N GLU C 139 -10.22 34.12 -47.20
CA GLU C 139 -11.44 34.15 -47.98
C GLU C 139 -12.10 32.78 -48.06
N THR C 140 -11.31 31.72 -48.12
CA THR C 140 -11.82 30.34 -48.10
C THR C 140 -12.44 29.99 -46.74
N VAL C 141 -11.73 30.32 -45.66
CA VAL C 141 -12.28 30.21 -44.31
C VAL C 141 -13.64 30.90 -44.23
N ALA C 142 -13.69 32.16 -44.72
CA ALA C 142 -14.91 32.98 -44.75
C ALA C 142 -16.00 32.33 -45.59
N GLU C 143 -15.58 31.84 -46.76
CA GLU C 143 -16.44 31.20 -47.75
C GLU C 143 -17.17 30.00 -47.14
N ARG C 144 -16.42 29.13 -46.50
CA ARG C 144 -16.98 27.93 -45.88
C ARG C 144 -17.86 28.25 -44.69
N ALA C 145 -17.51 29.27 -43.93
CA ALA C 145 -18.35 29.73 -42.80
C ALA C 145 -19.74 30.13 -43.31
N ALA C 146 -19.77 30.88 -44.42
CA ALA C 146 -21.00 31.28 -45.10
C ALA C 146 -21.84 30.09 -45.54
N VAL C 147 -21.21 29.06 -46.12
CA VAL C 147 -21.90 27.83 -46.49
C VAL C 147 -22.57 27.20 -45.27
N LEU C 148 -21.87 27.18 -44.14
CA LEU C 148 -22.43 26.63 -42.91
C LEU C 148 -23.50 27.53 -42.31
N CYS C 149 -23.35 28.84 -42.47
CA CYS C 149 -24.40 29.75 -42.05
C CYS C 149 -25.65 29.50 -42.89
N PHE C 150 -25.49 29.39 -44.20
CA PHE C 150 -26.62 29.09 -45.10
C PHE C 150 -27.38 27.81 -44.64
N ALA C 151 -26.63 26.75 -44.35
CA ALA C 151 -27.23 25.49 -43.88
C ALA C 151 -28.07 25.70 -42.62
N ALA C 152 -27.52 26.45 -41.66
CA ALA C 152 -28.19 26.80 -40.42
C ALA C 152 -29.50 27.59 -40.63
N GLU C 153 -29.41 28.69 -41.35
CA GLU C 153 -30.57 29.49 -41.78
C GLU C 153 -31.63 28.69 -42.54
N SER C 154 -31.20 27.72 -43.35
CA SER C 154 -32.11 26.98 -44.23
C SER C 154 -33.09 26.05 -43.48
N VAL C 155 -32.82 25.83 -42.20
CA VAL C 155 -33.53 24.83 -41.42
C VAL C 155 -34.44 25.44 -40.33
N ALA C 156 -34.27 26.72 -40.07
CA ALA C 156 -35.09 27.45 -39.12
C ALA C 156 -36.18 28.22 -39.86
N THR C 157 -37.36 28.40 -39.24
CA THR C 157 -38.38 29.33 -39.78
C THR C 157 -38.00 30.77 -39.42
N ASP C 158 -38.77 31.74 -39.92
CA ASP C 158 -38.56 33.17 -39.62
C ASP C 158 -38.49 33.46 -38.13
N CYS C 159 -39.46 32.93 -37.38
N CYS C 159 -39.47 32.94 -37.39
CA CYS C 159 -39.49 33.03 -35.92
CA CYS C 159 -39.49 33.03 -35.93
C CYS C 159 -38.27 32.43 -35.23
C CYS C 159 -38.23 32.48 -35.29
N GLN C 160 -37.78 31.31 -35.74
CA GLN C 160 -36.60 30.64 -35.13
C GLN C 160 -35.28 31.37 -35.41
N ARG C 161 -35.23 31.95 -36.59
CA ARG C 161 -34.09 32.66 -37.12
C ARG C 161 -33.69 33.86 -36.26
N GLU C 162 -34.68 34.66 -35.86
CA GLU C 162 -34.45 35.85 -35.02
C GLU C 162 -33.71 35.51 -33.74
N GLN C 163 -33.78 34.24 -33.33
CA GLN C 163 -33.13 33.79 -32.11
C GLN C 163 -31.79 33.12 -32.32
N LEU C 164 -31.38 32.93 -33.59
CA LEU C 164 -30.05 32.36 -33.90
C LEU C 164 -28.89 33.34 -33.79
N SER C 165 -27.94 33.03 -32.92
CA SER C 165 -26.70 33.78 -32.75
C SER C 165 -25.54 32.97 -33.33
N TYR C 166 -24.64 33.67 -34.01
CA TYR C 166 -23.46 33.09 -34.65
C TYR C 166 -22.16 33.62 -34.06
N VAL C 167 -21.15 32.75 -34.02
CA VAL C 167 -19.82 33.13 -33.62
C VAL C 167 -18.85 32.74 -34.74
N ILE C 168 -17.86 33.60 -34.97
CA ILE C 168 -16.87 33.37 -36.03
C ILE C 168 -15.45 33.44 -35.51
N GLY C 169 -14.52 32.91 -36.31
CA GLY C 169 -13.11 32.93 -36.01
C GLY C 169 -12.65 31.77 -35.16
N THR C 170 -11.36 31.79 -34.79
CA THR C 170 -10.73 30.78 -33.93
C THR C 170 -9.58 31.36 -33.06
N GLU C 171 -9.38 30.75 -31.90
CA GLU C 171 -8.27 31.06 -30.98
C GLU C 171 -6.99 30.37 -31.46
N VAL C 172 -7.15 29.36 -32.31
CA VAL C 172 -6.05 28.61 -32.90
C VAL C 172 -5.19 29.48 -33.85
N PRO C 173 -3.89 29.61 -33.52
CA PRO C 173 -2.97 30.40 -34.34
C PRO C 173 -2.82 29.86 -35.76
N VAL C 174 -2.62 30.79 -36.71
CA VAL C 174 -2.47 30.44 -38.12
C VAL C 174 -1.25 29.52 -38.30
N PRO C 175 -1.48 28.29 -38.82
CA PRO C 175 -0.40 27.36 -39.16
C PRO C 175 0.36 27.80 -40.40
N VAL C 185 2.10 31.76 -25.69
CA VAL C 185 0.82 32.12 -26.29
C VAL C 185 0.94 33.39 -27.16
N HIS C 186 0.18 33.48 -28.25
CA HIS C 186 0.28 34.66 -29.09
C HIS C 186 -1.03 35.43 -29.20
N ILE C 187 -1.01 36.67 -28.74
CA ILE C 187 -2.21 37.51 -28.70
C ILE C 187 -2.63 37.94 -30.10
N THR C 188 -3.88 37.72 -30.45
CA THR C 188 -4.41 38.09 -31.76
C THR C 188 -4.09 39.56 -32.14
N HIS C 189 -3.50 39.74 -33.33
CA HIS C 189 -3.24 41.06 -33.88
C HIS C 189 -4.55 41.67 -34.32
N VAL C 190 -4.79 42.93 -33.99
CA VAL C 190 -6.04 43.56 -34.40
C VAL C 190 -6.22 43.57 -35.91
N GLU C 191 -5.13 43.66 -36.67
CA GLU C 191 -5.21 43.60 -38.14
C GLU C 191 -5.71 42.24 -38.62
N ASP C 192 -5.45 41.19 -37.84
CA ASP C 192 -5.94 39.86 -38.18
C ASP C 192 -7.44 39.68 -37.83
N ALA C 193 -7.83 40.07 -36.61
CA ALA C 193 -9.24 40.13 -36.20
C ALA C 193 -10.05 40.93 -37.23
N ALA C 194 -9.54 42.11 -37.60
CA ALA C 194 -10.19 42.97 -38.60
C ALA C 194 -10.43 42.28 -39.94
N ASN C 195 -9.43 41.53 -40.41
CA ASN C 195 -9.51 40.86 -41.71
C ASN C 195 -10.43 39.65 -41.67
N THR C 196 -10.39 38.92 -40.56
CA THR C 196 -11.35 37.84 -40.29
C THR C 196 -12.79 38.36 -40.33
N LEU C 197 -13.06 39.50 -39.69
CA LEU C 197 -14.38 40.10 -39.75
C LEU C 197 -14.73 40.54 -41.18
N ARG C 198 -13.82 41.30 -41.79
N ARG C 198 -13.82 41.31 -41.78
CA ARG C 198 -14.01 41.86 -43.14
CA ARG C 198 -13.99 41.85 -43.14
C ARG C 198 -14.29 40.78 -44.20
C ARG C 198 -14.31 40.76 -44.16
N THR C 199 -13.50 39.70 -44.18
CA THR C 199 -13.67 38.61 -45.15
C THR C 199 -14.98 37.86 -44.91
N HIS C 200 -15.37 37.72 -43.64
CA HIS C 200 -16.63 37.10 -43.28
C HIS C 200 -17.84 37.91 -43.70
N GLN C 201 -17.80 39.23 -43.49
CA GLN C 201 -18.92 40.10 -43.90
C GLN C 201 -19.17 39.90 -45.37
N LYS C 202 -18.10 39.96 -46.17
CA LYS C 202 -18.25 39.89 -47.63
C LYS C 202 -18.73 38.54 -48.14
N ALA C 203 -18.33 37.45 -47.49
CA ALA C 203 -18.71 36.11 -47.96
C ALA C 203 -20.14 35.81 -47.56
N PHE C 204 -20.53 36.29 -46.37
CA PHE C 204 -21.92 36.24 -45.95
C PHE C 204 -22.83 37.04 -46.89
N ILE C 205 -22.48 38.30 -47.15
CA ILE C 205 -23.31 39.15 -48.04
C ILE C 205 -23.40 38.57 -49.47
N ALA C 206 -22.30 38.04 -49.97
CA ALA C 206 -22.26 37.47 -51.33
C ALA C 206 -23.09 36.20 -51.42
N ARG C 207 -23.15 35.45 -50.32
CA ARG C 207 -24.05 34.28 -50.20
C ARG C 207 -25.54 34.64 -50.01
N GLY C 208 -25.85 35.94 -49.83
CA GLY C 208 -27.21 36.38 -49.56
C GLY C 208 -27.61 36.33 -48.10
N LEU C 209 -26.61 36.31 -47.22
CA LEU C 209 -26.83 36.19 -45.78
C LEU C 209 -26.72 37.51 -45.02
N THR C 210 -27.09 38.61 -45.67
CA THR C 210 -27.11 39.95 -45.08
C THR C 210 -27.73 39.95 -43.68
N GLU C 211 -28.92 39.37 -43.56
CA GLU C 211 -29.64 39.33 -42.28
C GLU C 211 -28.97 38.46 -41.24
N ALA C 212 -28.60 37.24 -41.63
CA ALA C 212 -27.90 36.33 -40.76
C ALA C 212 -26.62 36.98 -40.24
N LEU C 213 -25.96 37.77 -41.10
CA LEU C 213 -24.73 38.48 -40.70
C LEU C 213 -24.97 39.42 -39.52
N THR C 214 -26.14 40.08 -39.48
CA THR C 214 -26.53 40.95 -38.35
C THR C 214 -26.66 40.15 -37.05
N ARG C 215 -26.72 38.82 -37.17
CA ARG C 215 -26.79 37.99 -35.96
C ARG C 215 -25.50 37.30 -35.58
N VAL C 216 -24.41 37.62 -36.29
CA VAL C 216 -23.08 37.28 -35.78
C VAL C 216 -22.86 38.16 -34.57
N ILE C 217 -22.66 37.53 -33.41
CA ILE C 217 -22.59 38.26 -32.15
C ILE C 217 -21.17 38.38 -31.60
N ALA C 218 -20.27 37.51 -32.04
CA ALA C 218 -18.94 37.47 -31.45
C ALA C 218 -17.89 36.92 -32.38
N ILE C 219 -16.65 37.35 -32.15
CA ILE C 219 -15.50 36.79 -32.86
C ILE C 219 -14.59 36.16 -31.82
N VAL C 220 -14.06 35.00 -32.15
CA VAL C 220 -13.12 34.31 -31.30
C VAL C 220 -11.72 34.86 -31.56
N VAL C 221 -11.07 35.32 -30.50
CA VAL C 221 -9.65 35.70 -30.53
C VAL C 221 -8.86 35.16 -29.32
N GLN C 222 -7.55 35.34 -29.34
CA GLN C 222 -6.68 34.93 -28.24
C GLN C 222 -6.26 36.17 -27.45
N PRO C 223 -6.88 36.41 -26.27
CA PRO C 223 -6.55 37.56 -25.41
C PRO C 223 -5.26 37.38 -24.59
N GLY C 224 -4.66 36.20 -24.64
CA GLY C 224 -3.43 35.93 -23.89
C GLY C 224 -3.77 35.09 -22.67
N VAL C 225 -4.57 34.07 -22.94
CA VAL C 225 -5.11 33.19 -21.92
C VAL C 225 -4.99 31.74 -22.36
N GLU C 226 -4.44 30.90 -21.47
CA GLU C 226 -4.20 29.50 -21.76
C GLU C 226 -3.68 28.80 -20.53
N PHE C 227 -3.75 27.47 -20.57
CA PHE C 227 -3.24 26.65 -19.49
C PHE C 227 -2.59 25.43 -20.10
N ASP C 228 -1.57 24.95 -19.42
CA ASP C 228 -0.90 23.72 -19.77
C ASP C 228 -1.08 22.72 -18.63
N HIS C 229 -0.30 21.63 -18.61
CA HIS C 229 -0.45 20.58 -17.60
C HIS C 229 -0.28 21.08 -16.17
N SER C 230 0.75 21.90 -15.96
CA SER C 230 1.07 22.46 -14.66
C SER C 230 1.48 23.92 -14.80
N ASN C 231 0.80 24.62 -15.69
CA ASN C 231 1.15 26.01 -15.93
C ASN C 231 -0.05 26.79 -16.42
N ILE C 232 -0.23 27.99 -15.87
CA ILE C 232 -1.32 28.86 -16.30
C ILE C 232 -0.75 30.16 -16.85
N ILE C 233 -1.14 30.50 -18.06
CA ILE C 233 -0.85 31.81 -18.65
C ILE C 233 -1.95 32.78 -18.22
N HIS C 234 -1.61 33.66 -17.29
CA HIS C 234 -2.55 34.59 -16.70
C HIS C 234 -2.80 35.80 -17.58
N TYR C 235 -4.07 36.17 -17.67
CA TYR C 235 -4.47 37.31 -18.50
C TYR C 235 -3.66 38.52 -18.13
N GLN C 236 -3.22 39.24 -19.15
CA GLN C 236 -2.49 40.47 -18.93
C GLN C 236 -3.21 41.55 -19.67
N PRO C 237 -4.11 42.27 -18.95
CA PRO C 237 -5.01 43.28 -19.54
C PRO C 237 -4.32 44.27 -20.46
N GLN C 238 -3.13 44.75 -20.08
CA GLN C 238 -2.36 45.70 -20.89
C GLN C 238 -2.07 45.19 -22.30
N GLU C 239 -1.60 43.96 -22.39
CA GLU C 239 -1.25 43.38 -23.67
C GLU C 239 -2.45 43.15 -24.61
N ALA C 240 -3.67 43.24 -24.07
CA ALA C 240 -4.90 43.02 -24.84
C ALA C 240 -5.69 44.30 -25.13
N GLN C 241 -5.13 45.44 -24.76
CA GLN C 241 -5.79 46.73 -24.84
C GLN C 241 -6.17 47.14 -26.26
N ALA C 242 -5.28 46.87 -27.21
CA ALA C 242 -5.52 47.19 -28.61
C ALA C 242 -6.77 46.44 -29.10
N LEU C 243 -6.84 45.16 -28.74
CA LEU C 243 -7.99 44.31 -29.07
C LEU C 243 -9.28 44.85 -28.49
N ALA C 244 -9.22 45.23 -27.20
CA ALA C 244 -10.37 45.76 -26.46
C ALA C 244 -10.91 47.03 -27.10
N GLN C 245 -10.00 47.89 -27.58
CA GLN C 245 -10.38 49.14 -28.25
C GLN C 245 -11.01 48.91 -29.62
N TRP C 246 -10.46 47.94 -30.38
CA TRP C 246 -10.93 47.69 -31.74
C TRP C 246 -12.39 47.17 -31.78
N ILE C 247 -12.67 46.17 -30.94
CA ILE C 247 -14.01 45.55 -30.90
C ILE C 247 -15.15 46.55 -30.62
N GLU C 248 -14.81 47.64 -29.94
CA GLU C 248 -15.80 48.60 -29.47
C GLU C 248 -16.50 49.27 -30.64
N ASN C 249 -15.78 49.42 -31.75
CA ASN C 249 -16.31 49.99 -33.01
C ASN C 249 -17.04 49.00 -33.92
N THR C 250 -17.21 47.77 -33.46
CA THR C 250 -17.99 46.78 -34.19
C THR C 250 -19.32 46.55 -33.48
N ARG C 251 -20.16 45.70 -34.07
CA ARG C 251 -21.42 45.26 -33.51
C ARG C 251 -21.23 44.06 -32.54
N VAL C 253 -18.90 41.39 -29.56
CA VAL C 253 -18.01 41.19 -28.44
C VAL C 253 -17.01 40.12 -28.86
N TYR C 254 -15.99 39.90 -28.05
CA TYR C 254 -15.14 38.72 -28.20
C TYR C 254 -15.68 37.53 -27.43
N GLU C 255 -15.49 36.35 -28.02
CA GLU C 255 -15.56 35.10 -27.28
C GLU C 255 -14.15 34.58 -26.96
N ALA C 256 -13.87 34.28 -25.70
CA ALA C 256 -12.56 33.68 -25.34
C ALA C 256 -12.68 32.20 -24.93
N HIS C 257 -11.73 31.41 -25.39
CA HIS C 257 -11.70 29.97 -25.14
C HIS C 257 -10.63 29.66 -24.14
N SER C 258 -10.71 28.49 -23.52
CA SER C 258 -9.62 28.02 -22.67
C SER C 258 -9.35 29.00 -21.52
N THR C 259 -10.41 29.58 -20.97
CA THR C 259 -10.31 30.58 -19.91
C THR C 259 -10.22 29.95 -18.51
N ASP C 260 -10.17 28.62 -18.44
CA ASP C 260 -10.08 27.90 -17.16
C ASP C 260 -8.87 28.30 -16.31
N TYR C 261 -9.10 28.38 -15.00
CA TYR C 261 -8.03 28.51 -14.01
C TYR C 261 -7.48 29.96 -13.85
N GLN C 262 -8.16 30.95 -14.42
CA GLN C 262 -7.73 32.33 -14.23
C GLN C 262 -8.22 32.81 -12.87
N THR C 263 -7.74 33.96 -12.40
CA THR C 263 -8.29 34.57 -11.18
C THR C 263 -9.66 35.24 -11.43
N ARG C 264 -10.48 35.38 -10.39
N ARG C 264 -10.39 35.45 -10.33
CA ARG C 264 -11.81 35.96 -10.56
CA ARG C 264 -11.52 36.39 -10.21
C ARG C 264 -11.71 37.43 -10.99
C ARG C 264 -11.28 37.71 -10.93
N THR C 265 -10.61 38.09 -10.62
N THR C 265 -10.29 38.45 -10.44
CA THR C 265 -10.33 39.45 -11.09
CA THR C 265 -9.95 39.73 -11.04
C THR C 265 -9.93 39.47 -12.57
C THR C 265 -9.77 39.58 -12.56
N ALA C 266 -9.14 38.49 -13.00
CA ALA C 266 -8.90 38.29 -14.46
C ALA C 266 -10.21 38.13 -15.25
N TYR C 267 -11.10 37.25 -14.80
CA TYR C 267 -12.44 37.17 -15.43
C TYR C 267 -13.15 38.51 -15.44
N TRP C 268 -13.00 39.29 -14.38
CA TRP C 268 -13.57 40.64 -14.33
C TRP C 268 -12.95 41.54 -15.39
N GLU C 269 -11.63 41.49 -15.51
CA GLU C 269 -10.89 42.31 -16.45
C GLU C 269 -11.16 41.89 -17.88
N LEU C 270 -11.37 40.60 -18.09
CA LEU C 270 -11.69 40.10 -19.41
C LEU C 270 -13.03 40.63 -19.90
N VAL C 271 -14.06 40.56 -19.06
CA VAL C 271 -15.41 41.04 -19.43
C VAL C 271 -15.46 42.55 -19.66
N ARG C 272 -14.80 43.33 -18.80
CA ARG C 272 -14.54 44.76 -19.02
C ARG C 272 -13.88 45.05 -20.37
N ASP C 273 -12.96 44.16 -20.78
CA ASP C 273 -12.22 44.31 -22.04
C ASP C 273 -12.94 43.72 -23.25
N HIS C 274 -14.21 43.36 -23.04
CA HIS C 274 -15.17 42.92 -24.10
C HIS C 274 -14.99 41.45 -24.50
N PHE C 275 -14.27 40.72 -23.68
CA PHE C 275 -14.29 39.25 -23.74
C PHE C 275 -15.48 38.79 -22.87
N ALA C 276 -16.66 38.97 -23.46
CA ALA C 276 -17.93 38.85 -22.73
C ALA C 276 -18.50 37.46 -22.76
N ILE C 277 -17.97 36.61 -23.65
CA ILE C 277 -18.32 35.20 -23.64
C ILE C 277 -17.09 34.43 -23.25
N LEU C 278 -17.20 33.72 -22.13
CA LEU C 278 -16.03 33.07 -21.55
C LEU C 278 -16.28 31.58 -21.42
N LYS C 279 -15.52 30.81 -22.19
CA LYS C 279 -15.64 29.37 -22.22
C LYS C 279 -14.79 28.67 -21.16
N VAL C 280 -15.46 27.87 -20.34
CA VAL C 280 -14.81 27.02 -19.34
C VAL C 280 -15.20 25.54 -19.61
N GLY C 281 -14.35 24.59 -19.26
CA GLY C 281 -14.74 23.19 -19.39
C GLY C 281 -13.90 22.29 -18.49
N PRO C 282 -12.62 22.11 -18.84
CA PRO C 282 -11.72 21.33 -17.99
C PRO C 282 -11.73 21.70 -16.51
N ALA C 283 -11.87 22.99 -16.15
CA ALA C 283 -11.77 23.42 -14.73
C ALA C 283 -12.89 22.80 -13.90
N LEU C 284 -14.03 22.60 -14.54
CA LEU C 284 -15.23 22.12 -13.87
C LEU C 284 -15.17 20.63 -13.55
N THR C 285 -14.78 19.83 -14.54
CA THR C 285 -14.56 18.40 -14.31
C THR C 285 -13.29 18.14 -13.51
N PHE C 286 -12.32 19.06 -13.57
CA PHE C 286 -11.14 19.00 -12.70
C PHE C 286 -11.53 19.12 -11.20
N ALA C 287 -12.38 20.12 -10.91
CA ALA C 287 -13.03 20.32 -9.60
C ALA C 287 -13.80 19.08 -9.18
N LEU C 288 -14.59 18.52 -10.09
CA LEU C 288 -15.36 17.32 -9.82
C LEU C 288 -14.48 16.15 -9.41
N ARG C 289 -13.37 16.00 -10.14
CA ARG C 289 -12.39 14.96 -9.93
C ARG C 289 -11.69 15.12 -8.57
N GLU C 290 -11.31 16.34 -8.20
CA GLU C 290 -10.74 16.59 -6.87
C GLU C 290 -11.68 16.13 -5.76
N ALA C 291 -12.99 16.37 -5.94
CA ALA C 291 -14.00 15.98 -4.95
C ALA C 291 -14.12 14.46 -4.83
N ILE C 292 -14.19 13.78 -5.97
CA ILE C 292 -14.17 12.32 -6.06
C ILE C 292 -12.93 11.71 -5.37
N PHE C 293 -11.75 12.27 -5.64
CA PHE C 293 -10.48 11.79 -5.08
C PHE C 293 -10.47 11.98 -3.57
N ALA C 294 -10.96 13.14 -3.11
CA ALA C 294 -11.05 13.42 -1.67
C ALA C 294 -12.02 12.47 -0.99
N LEU C 295 -13.18 12.23 -1.61
CA LEU C 295 -14.18 11.30 -1.07
C LEU C 295 -13.70 9.86 -1.05
N ALA C 296 -13.00 9.47 -2.12
CA ALA C 296 -12.37 8.16 -2.19
C ALA C 296 -11.35 7.94 -1.09
N GLN C 297 -10.54 8.95 -0.81
CA GLN C 297 -9.60 8.88 0.30
C GLN C 297 -10.34 8.80 1.65
N ILE C 298 -11.38 9.61 1.81
CA ILE C 298 -12.27 9.49 2.97
C ILE C 298 -12.85 8.07 3.09
N GLU C 299 -13.45 7.55 2.00
CA GLU C 299 -13.91 6.16 1.98
C GLU C 299 -12.84 5.14 2.48
N GLN C 300 -11.63 5.26 1.97
CA GLN C 300 -10.54 4.34 2.36
C GLN C 300 -10.41 4.23 3.87
N GLU C 301 -10.57 5.36 4.55
CA GLU C 301 -10.29 5.43 5.99
C GLU C 301 -11.49 5.14 6.87
N LEU C 302 -12.69 5.40 6.38
CA LEU C 302 -13.90 5.23 7.17
C LEU C 302 -14.61 3.89 6.97
N ILE C 303 -14.49 3.34 5.77
CA ILE C 303 -15.29 2.20 5.38
C ILE C 303 -14.50 0.92 5.66
N ALA C 304 -15.20 -0.10 6.18
CA ALA C 304 -14.67 -1.44 6.46
C ALA C 304 -13.92 -2.03 5.25
N PRO C 305 -12.75 -2.67 5.48
CA PRO C 305 -11.98 -3.15 4.33
C PRO C 305 -12.76 -4.03 3.34
N GLU C 306 -13.65 -4.88 3.82
CA GLU C 306 -14.47 -5.73 2.94
C GLU C 306 -15.52 -5.00 2.09
N ASN C 307 -15.84 -3.75 2.42
CA ASN C 307 -16.90 -3.01 1.70
C ASN C 307 -16.39 -1.87 0.81
N ARG C 308 -15.10 -1.53 0.90
CA ARG C 308 -14.55 -0.43 0.10
C ARG C 308 -14.72 -0.64 -1.41
N SER C 309 -15.10 0.43 -2.12
CA SER C 309 -15.27 0.40 -3.59
C SER C 309 -14.02 0.08 -4.45
N GLY C 310 -12.83 0.41 -3.93
CA GLY C 310 -11.60 0.40 -4.73
C GLY C 310 -11.61 1.38 -5.93
N CYS C 311 -12.34 2.49 -5.84
CA CYS C 311 -12.59 3.26 -7.06
C CYS C 311 -11.38 3.96 -7.68
N LEU C 312 -10.45 4.46 -6.86
CA LEU C 312 -9.22 5.04 -7.42
C LEU C 312 -8.37 4.01 -8.17
N ALA C 313 -8.36 2.78 -7.70
CA ALA C 313 -7.57 1.74 -8.34
C ALA C 313 -8.27 1.26 -9.60
N VAL C 314 -9.60 1.20 -9.55
CA VAL C 314 -10.41 0.97 -10.74
C VAL C 314 -10.12 2.03 -11.82
N ILE C 315 -10.21 3.30 -11.46
CA ILE C 315 -9.98 4.40 -12.42
C ILE C 315 -8.59 4.27 -13.08
N GLU C 316 -7.58 3.98 -12.27
CA GLU C 316 -6.21 3.86 -12.75
C GLU C 316 -6.00 2.68 -13.69
N GLU C 317 -6.55 1.52 -13.34
CA GLU C 317 -6.49 0.35 -14.20
C GLU C 317 -7.16 0.59 -15.57
N VAL C 318 -8.35 1.19 -15.57
CA VAL C 318 -9.11 1.46 -16.78
C VAL C 318 -8.36 2.43 -17.70
N LEU C 320 -5.06 3.03 -17.72
CA LEU C 320 -3.84 2.41 -18.20
C LEU C 320 -4.17 1.44 -19.33
N ASP C 321 -5.33 0.81 -19.28
CA ASP C 321 -5.69 -0.18 -20.30
C ASP C 321 -6.40 0.35 -21.52
N GLU C 322 -7.03 1.51 -21.37
CA GLU C 322 -7.77 2.12 -22.44
C GLU C 322 -7.25 3.55 -22.56
N PRO C 323 -6.00 3.69 -23.04
CA PRO C 323 -5.30 4.97 -22.91
C PRO C 323 -5.62 6.00 -24.01
N GLN C 324 -6.41 5.62 -25.01
CA GLN C 324 -6.62 6.44 -26.20
C GLN C 324 -6.90 7.93 -25.95
N TYR C 325 -7.70 8.24 -24.94
CA TYR C 325 -8.10 9.64 -24.66
C TYR C 325 -7.04 10.49 -23.93
N TRP C 326 -5.99 9.87 -23.40
CA TRP C 326 -4.96 10.62 -22.71
C TRP C 326 -3.55 10.45 -23.32
N LYS C 327 -3.39 9.41 -24.13
CA LYS C 327 -2.09 8.94 -24.63
C LYS C 327 -1.25 9.99 -25.37
N LYS C 328 -1.89 10.75 -26.25
CA LYS C 328 -1.23 11.77 -27.08
C LYS C 328 -0.97 13.06 -26.29
N TYR C 329 -1.57 13.12 -25.10
CA TYR C 329 -1.52 14.30 -24.24
C TYR C 329 -0.42 14.23 -23.18
N TYR C 330 -0.21 13.03 -22.63
CA TYR C 330 0.58 12.90 -21.39
C TYR C 330 1.98 12.36 -21.61
N ARG C 331 2.81 12.46 -20.56
CA ARG C 331 4.21 12.04 -20.65
C ARG C 331 4.34 10.53 -20.74
N THR C 332 5.51 10.06 -21.14
CA THR C 332 5.71 8.62 -21.38
C THR C 332 6.31 7.85 -20.21
N GLY C 333 7.04 8.51 -19.30
CA GLY C 333 7.55 7.85 -18.09
C GLY C 333 6.38 7.28 -17.31
N PHE C 334 6.55 6.15 -16.65
CA PHE C 334 5.40 5.51 -16.06
C PHE C 334 4.78 6.36 -14.94
N ASN C 335 5.56 6.72 -13.93
CA ASN C 335 5.06 7.54 -12.85
C ASN C 335 4.65 8.94 -13.31
N ASP C 336 5.41 9.52 -14.24
CA ASP C 336 5.04 10.80 -14.90
C ASP C 336 3.64 10.75 -15.50
N SER C 337 3.31 9.65 -16.16
CA SER C 337 1.98 9.51 -16.76
C SER C 337 0.90 9.41 -15.68
N LEU C 338 1.21 8.80 -14.54
CA LEU C 338 0.26 8.71 -13.41
C LEU C 338 -0.04 10.08 -12.86
N LEU C 339 1.02 10.89 -12.69
CA LEU C 339 0.83 12.25 -12.18
C LEU C 339 0.03 13.09 -13.16
N ASP C 340 0.26 12.90 -14.47
CA ASP C 340 -0.53 13.57 -15.49
C ASP C 340 -1.98 13.12 -15.44
N ILE C 341 -2.17 11.81 -15.43
CA ILE C 341 -3.48 11.20 -15.37
C ILE C 341 -4.26 11.74 -14.15
N ARG C 342 -3.57 11.99 -13.07
CA ARG C 342 -4.26 12.49 -11.86
C ARG C 342 -4.42 14.02 -11.89
N TYR C 343 -3.35 14.74 -12.25
CA TYR C 343 -3.28 16.13 -11.84
C TYR C 343 -3.15 17.15 -12.90
N SER C 344 -2.97 16.73 -14.15
CA SER C 344 -2.86 17.67 -15.24
C SER C 344 -4.06 18.60 -15.29
N LEU C 345 -3.79 19.89 -15.46
CA LEU C 345 -4.83 20.87 -15.74
C LEU C 345 -5.66 20.52 -16.98
N SER C 346 -5.09 19.70 -17.87
CA SER C 346 -5.81 19.24 -19.08
C SER C 346 -7.01 18.37 -18.75
N ASP C 347 -6.97 17.65 -17.62
CA ASP C 347 -8.15 16.91 -17.20
C ASP C 347 -8.57 15.85 -18.26
N ARG C 348 -7.62 15.10 -18.82
CA ARG C 348 -7.95 14.03 -19.78
C ARG C 348 -8.79 12.90 -19.10
N ILE C 349 -8.71 12.84 -17.76
CA ILE C 349 -9.60 11.96 -16.98
C ILE C 349 -11.09 12.14 -17.28
N ARG C 350 -11.49 13.34 -17.68
CA ARG C 350 -12.91 13.59 -17.95
C ARG C 350 -13.59 12.65 -18.98
N TYR C 351 -12.82 12.10 -19.91
CA TYR C 351 -13.34 11.17 -20.92
C TYR C 351 -13.67 9.77 -20.37
N TYR C 352 -13.31 9.52 -19.11
CA TYR C 352 -13.42 8.18 -18.54
C TYR C 352 -14.55 8.00 -17.54
N TRP C 353 -15.10 9.10 -17.04
CA TRP C 353 -16.20 8.98 -16.09
C TRP C 353 -17.38 8.10 -16.57
N PRO C 354 -17.70 8.11 -17.90
CA PRO C 354 -18.78 7.24 -18.38
C PRO C 354 -18.44 5.74 -18.44
N HIS C 355 -17.17 5.36 -18.33
CA HIS C 355 -16.80 3.94 -18.33
C HIS C 355 -17.58 3.19 -17.24
N SER C 356 -18.11 2.01 -17.57
CA SER C 356 -19.03 1.33 -16.64
C SER C 356 -18.37 0.87 -15.34
N ARG C 357 -17.10 0.44 -15.40
CA ARG C 357 -16.36 0.04 -14.18
C ARG C 357 -16.17 1.20 -13.24
N ILE C 358 -15.90 2.36 -13.81
CA ILE C 358 -15.66 3.57 -13.03
C ILE C 358 -16.98 4.07 -12.44
N LYS C 359 -18.00 4.07 -13.28
CA LYS C 359 -19.34 4.43 -12.86
C LYS C 359 -19.82 3.57 -11.69
N ASN C 360 -19.64 2.26 -11.82
CA ASN C 360 -20.05 1.31 -10.77
C ASN C 360 -19.30 1.50 -9.47
N SER C 361 -17.99 1.81 -9.56
CA SER C 361 -17.16 1.92 -8.35
C SER C 361 -17.33 3.27 -7.65
N VAL C 362 -17.44 4.34 -8.41
CA VAL C 362 -17.85 5.62 -7.81
C VAL C 362 -19.21 5.53 -7.11
N GLU C 363 -20.20 4.90 -7.74
CA GLU C 363 -21.51 4.76 -7.11
C GLU C 363 -21.48 3.93 -5.79
N THR C 364 -20.74 2.82 -5.81
CA THR C 364 -20.49 2.01 -4.61
C THR C 364 -19.89 2.84 -3.47
N VAL C 367 -22.59 5.26 -2.17
CA VAL C 367 -23.53 4.55 -1.30
C VAL C 367 -22.89 4.26 0.07
N ASN C 368 -21.60 3.89 0.08
CA ASN C 368 -20.86 3.64 1.30
C ASN C 368 -20.85 4.89 2.18
N LEU C 369 -20.68 6.05 1.56
CA LEU C 369 -20.55 7.29 2.34
C LEU C 369 -21.88 7.94 2.74
N GLN C 370 -22.96 7.42 2.17
CA GLN C 370 -24.29 7.93 2.43
C GLN C 370 -24.72 7.58 3.85
N GLY C 371 -25.10 8.59 4.62
CA GLY C 371 -25.44 8.41 6.03
C GLY C 371 -24.29 8.25 7.03
N VAL C 372 -23.04 8.20 6.53
CA VAL C 372 -21.85 8.21 7.37
C VAL C 372 -21.56 9.62 7.87
N ASP C 373 -21.37 9.79 9.17
CA ASP C 373 -20.84 11.04 9.71
C ASP C 373 -19.36 11.17 9.38
N ILE C 374 -19.01 12.04 8.44
CA ILE C 374 -17.61 12.22 8.09
C ILE C 374 -16.99 13.16 9.11
N PRO C 375 -15.98 12.68 9.88
CA PRO C 375 -15.32 13.58 10.83
C PRO C 375 -14.96 14.91 10.16
N LEU C 376 -15.30 16.00 10.82
CA LEU C 376 -15.04 17.35 10.34
C LEU C 376 -13.58 17.57 9.98
N GLY C 377 -12.68 16.96 10.75
CA GLY C 377 -11.25 17.08 10.53
C GLY C 377 -10.80 16.43 9.24
N ILE C 379 -12.86 16.50 6.54
CA ILE C 379 -13.25 17.50 5.54
C ILE C 379 -12.22 18.63 5.50
N SER C 380 -11.72 19.01 6.67
CA SER C 380 -10.74 20.07 6.77
C SER C 380 -9.45 19.69 6.04
N GLN C 381 -8.99 18.46 6.23
CA GLN C 381 -7.79 17.95 5.55
C GLN C 381 -7.94 17.90 4.02
N TYR C 382 -9.02 17.27 3.55
CA TYR C 382 -9.16 16.94 2.13
C TYR C 382 -9.98 17.93 1.34
N LEU C 383 -10.84 18.70 2.00
CA LEU C 383 -11.79 19.63 1.35
C LEU C 383 -11.97 20.94 2.16
N PRO C 384 -10.86 21.64 2.40
CA PRO C 384 -10.79 22.80 3.32
C PRO C 384 -11.82 23.89 3.04
N LYS C 385 -12.02 24.21 1.78
CA LYS C 385 -12.96 25.28 1.40
C LYS C 385 -14.39 24.88 1.70
N GLN C 386 -14.70 23.61 1.44
CA GLN C 386 -15.97 23.04 1.84
C GLN C 386 -16.13 23.04 3.36
N PHE C 387 -15.07 22.67 4.08
CA PHE C 387 -15.08 22.70 5.55
C PHE C 387 -15.41 24.08 6.07
N GLU C 388 -14.90 25.12 5.40
CA GLU C 388 -15.07 26.49 5.84
C GLU C 388 -16.52 26.92 5.67
N ARG C 389 -17.13 26.44 4.60
CA ARG C 389 -18.51 26.68 4.30
C ARG C 389 -19.46 25.96 5.26
N ILE C 390 -19.19 24.69 5.59
CA ILE C 390 -19.88 23.96 6.67
C ILE C 390 -19.84 24.71 8.02
N GLN C 391 -18.66 25.20 8.40
CA GLN C 391 -18.49 25.96 9.64
C GLN C 391 -19.27 27.27 9.62
N SER C 392 -19.47 27.83 8.42
CA SER C 392 -20.31 29.01 8.23
C SER C 392 -21.81 28.72 8.16
N GLY C 393 -22.19 27.45 8.12
CA GLY C 393 -23.59 27.04 8.04
C GLY C 393 -24.14 27.16 6.63
N GLU C 394 -23.25 27.17 5.64
CA GLU C 394 -23.67 27.38 4.24
C GLU C 394 -23.61 26.10 3.39
N LEU C 395 -23.24 25.00 4.03
CA LEU C 395 -23.11 23.72 3.35
C LEU C 395 -23.20 22.63 4.40
N SER C 396 -23.48 21.40 3.98
CA SER C 396 -23.42 20.23 4.84
C SER C 396 -22.40 19.22 4.31
N ALA C 397 -21.93 18.34 5.19
CA ALA C 397 -20.93 17.31 4.89
C ALA C 397 -21.56 16.10 4.17
N ILE C 398 -22.46 16.39 3.22
CA ILE C 398 -23.15 15.38 2.41
C ILE C 398 -22.37 15.22 1.11
N PRO C 399 -21.92 13.98 0.80
CA PRO C 399 -21.06 13.74 -0.36
C PRO C 399 -21.50 14.48 -1.65
N HIS C 400 -22.78 14.39 -2.04
CA HIS C 400 -23.25 15.07 -3.27
C HIS C 400 -23.12 16.59 -3.18
N GLN C 401 -23.38 17.15 -2.00
CA GLN C 401 -23.24 18.60 -1.84
C GLN C 401 -21.78 19.05 -1.80
N LEU C 402 -20.88 18.17 -1.37
CA LEU C 402 -19.43 18.47 -1.40
C LEU C 402 -18.90 18.54 -2.86
N ILE C 403 -19.33 17.61 -3.70
CA ILE C 403 -18.99 17.61 -5.13
C ILE C 403 -19.53 18.89 -5.79
N ASP C 405 -20.30 21.85 -4.43
CA ASP C 405 -19.58 23.04 -4.00
C ASP C 405 -18.21 23.20 -4.65
N LYS C 406 -17.49 22.08 -4.84
CA LYS C 406 -16.24 22.08 -5.61
C LYS C 406 -16.45 22.65 -7.02
N ILE C 407 -17.51 22.21 -7.71
CA ILE C 407 -17.87 22.75 -9.00
C ILE C 407 -18.38 24.23 -8.92
N TYR C 408 -19.17 24.55 -7.89
CA TYR C 408 -19.66 25.93 -7.68
C TYR C 408 -18.54 26.97 -7.58
N ASP C 409 -17.48 26.59 -6.88
CA ASP C 409 -16.30 27.44 -6.72
C ASP C 409 -15.67 27.85 -8.06
N VAL C 410 -15.73 27.00 -9.07
CA VAL C 410 -15.35 27.42 -10.44
C VAL C 410 -16.36 28.45 -10.97
N LEU C 411 -17.64 28.10 -10.88
CA LEU C 411 -18.70 28.95 -11.38
C LEU C 411 -18.77 30.30 -10.69
N ARG C 412 -18.43 30.30 -9.40
CA ARG C 412 -18.33 31.53 -8.58
C ARG C 412 -17.32 32.52 -9.14
N ALA C 413 -16.18 32.01 -9.59
CA ALA C 413 -15.16 32.86 -10.19
C ALA C 413 -15.68 33.54 -11.46
N TYR C 414 -16.37 32.81 -12.31
CA TYR C 414 -16.95 33.38 -13.51
C TYR C 414 -18.09 34.37 -13.21
N ARG C 415 -18.91 34.05 -12.21
CA ARG C 415 -20.04 34.92 -11.82
C ARG C 415 -19.47 36.23 -11.35
N TYR C 416 -18.45 36.17 -10.48
CA TYR C 416 -17.71 37.38 -10.13
C TYR C 416 -17.34 38.23 -11.36
N GLY C 417 -16.72 37.62 -12.37
CA GLY C 417 -16.28 38.32 -13.57
C GLY C 417 -17.41 38.81 -14.44
N CYS C 418 -18.53 38.09 -14.49
CA CYS C 418 -19.61 38.38 -15.43
C CYS C 418 -20.70 39.30 -14.90
N ALA C 419 -20.68 39.59 -13.59
CA ALA C 419 -21.67 40.54 -13.01
C ALA C 419 -21.00 41.84 -12.51
N LYS D 2 -0.27 46.47 28.67
CA LYS D 2 -1.13 47.11 29.65
C LYS D 2 -1.78 48.28 28.93
N THR D 3 -1.01 48.85 28.02
CA THR D 3 -1.42 49.89 27.09
C THR D 3 -2.57 49.40 26.20
N LEU D 4 -2.50 48.13 25.80
CA LEU D 4 -3.53 47.54 24.95
C LEU D 4 -4.79 47.22 25.71
N ILE D 5 -4.64 46.70 26.92
CA ILE D 5 -5.79 46.45 27.80
C ILE D 5 -6.47 47.76 28.17
N ALA D 6 -5.69 48.78 28.52
CA ALA D 6 -6.24 50.13 28.82
C ALA D 6 -7.06 50.70 27.66
N ARG D 7 -6.57 50.54 26.42
CA ARG D 7 -7.28 50.99 25.23
C ARG D 7 -8.59 50.25 25.08
N HIS D 8 -8.58 48.93 25.26
CA HIS D 8 -9.83 48.14 25.27
C HIS D 8 -10.83 48.68 26.33
N LYS D 9 -10.36 48.89 27.57
CA LYS D 9 -11.18 49.38 28.68
C LYS D 9 -11.76 50.76 28.38
N ALA D 10 -11.04 51.53 27.57
CA ALA D 10 -11.48 52.87 27.18
C ALA D 10 -12.44 52.85 25.97
N GLY D 11 -12.80 51.64 25.52
CA GLY D 11 -13.88 51.50 24.54
C GLY D 11 -13.44 51.19 23.11
N GLU D 12 -12.16 50.94 22.91
CA GLU D 12 -11.63 50.61 21.59
C GLU D 12 -11.69 49.10 21.31
N HIS D 13 -12.23 48.73 20.15
CA HIS D 13 -12.20 47.34 19.71
C HIS D 13 -10.77 46.86 19.42
N ILE D 14 -10.17 46.23 20.42
CA ILE D 14 -8.81 45.74 20.32
C ILE D 14 -8.62 44.52 21.22
N GLY D 15 -7.99 43.50 20.68
CA GLY D 15 -7.70 42.27 21.39
C GLY D 15 -6.26 41.85 21.18
N ILE D 16 -5.86 40.78 21.85
CA ILE D 16 -4.60 40.16 21.56
C ILE D 16 -4.77 38.66 21.46
N CYS D 17 -4.16 38.08 20.41
CA CYS D 17 -4.00 36.65 20.27
C CYS D 17 -2.77 36.16 21.07
N SER D 18 -3.02 35.25 21.99
CA SER D 18 -1.99 34.61 22.79
C SER D 18 -1.67 33.24 22.17
N VAL D 19 -0.46 33.14 21.62
CA VAL D 19 -0.03 31.95 20.93
C VAL D 19 0.57 30.97 21.95
N CYS D 20 -0.20 29.92 22.25
CA CYS D 20 0.18 28.89 23.24
C CYS D 20 0.76 27.64 22.56
N SER D 21 1.98 27.75 22.10
CA SER D 21 2.57 26.68 21.29
C SER D 21 4.04 26.68 21.49
N ALA D 22 4.61 25.47 21.53
CA ALA D 22 6.04 25.30 21.63
C ALA D 22 6.65 24.98 20.26
N HIS D 23 5.83 24.85 19.22
CA HIS D 23 6.37 24.37 17.94
C HIS D 23 7.22 25.47 17.27
N PRO D 24 8.49 25.18 16.92
CA PRO D 24 9.27 26.26 16.33
C PRO D 24 8.68 26.88 15.04
N LEU D 25 7.93 26.11 14.25
CA LEU D 25 7.37 26.62 12.99
C LEU D 25 6.16 27.50 13.18
N VAL D 26 5.35 27.16 14.18
CA VAL D 26 4.22 27.95 14.64
C VAL D 26 4.69 29.28 15.27
N ILE D 27 5.74 29.22 16.08
CA ILE D 27 6.31 30.45 16.63
C ILE D 27 6.95 31.34 15.55
N GLU D 28 7.79 30.74 14.69
CA GLU D 28 8.22 31.39 13.46
C GLU D 28 7.06 32.03 12.69
N ALA D 29 6.00 31.27 12.42
CA ALA D 29 4.83 31.85 11.75
C ALA D 29 4.18 33.01 12.52
N ALA D 30 4.13 32.93 13.85
CA ALA D 30 3.56 34.00 14.65
C ALA D 30 4.38 35.27 14.52
N LEU D 31 5.71 35.14 14.55
CA LEU D 31 6.60 36.28 14.35
C LEU D 31 6.55 36.88 12.90
N ALA D 32 6.71 36.02 11.88
CA ALA D 32 6.68 36.47 10.49
C ALA D 32 5.36 37.12 10.07
N PHE D 33 4.26 36.61 10.63
CA PHE D 33 2.94 37.14 10.34
C PHE D 33 2.85 38.64 10.72
N ASP D 34 3.49 39.01 11.82
CA ASP D 34 3.49 40.39 12.29
C ASP D 34 4.79 41.17 12.06
N ARG D 35 5.70 40.60 11.26
CA ARG D 35 7.01 41.24 11.06
C ARG D 35 6.89 42.70 10.62
N ASN D 36 5.95 43.01 9.73
CA ASN D 36 5.85 44.35 9.17
C ASN D 36 4.73 45.21 9.79
N SER D 37 4.09 44.69 10.82
CA SER D 37 3.11 45.47 11.58
C SER D 37 3.83 46.21 12.72
N THR D 38 3.07 46.71 13.69
CA THR D 38 3.65 47.28 14.93
C THR D 38 2.99 46.61 16.13
N ARG D 39 2.27 45.52 15.86
CA ARG D 39 1.62 44.72 16.90
C ARG D 39 2.66 43.99 17.73
N LYS D 40 2.43 43.88 19.05
CA LYS D 40 3.25 42.99 19.88
C LYS D 40 2.79 41.56 19.59
N VAL D 41 3.70 40.60 19.69
CA VAL D 41 3.32 39.19 19.63
C VAL D 41 3.48 38.57 21.01
N LEU D 42 2.44 37.86 21.43
CA LEU D 42 2.41 37.22 22.74
C LEU D 42 2.53 35.71 22.58
N ILE D 43 3.58 35.17 23.18
CA ILE D 43 3.87 33.74 23.11
C ILE D 43 3.91 33.15 24.51
N GLU D 44 3.17 32.07 24.73
CA GLU D 44 3.03 31.53 26.09
C GLU D 44 3.35 30.05 26.19
N ALA D 45 4.10 29.69 27.23
CA ALA D 45 4.36 28.30 27.59
C ALA D 45 3.55 27.90 28.85
N THR D 46 3.17 26.61 28.95
CA THR D 46 2.56 26.03 30.16
C THR D 46 3.67 25.45 31.05
N SER D 47 3.38 25.14 32.32
CA SER D 47 4.37 24.56 33.23
C SER D 47 4.81 23.17 32.80
N ASN D 48 3.88 22.43 32.21
CA ASN D 48 4.15 21.15 31.59
C ASN D 48 5.22 21.22 30.49
N GLN D 49 5.16 22.27 29.66
CA GLN D 49 6.06 22.53 28.55
C GLN D 49 7.43 22.97 29.02
N VAL D 50 7.46 24.08 29.76
CA VAL D 50 8.69 24.63 30.30
C VAL D 50 8.59 24.94 31.79
N ASN D 51 9.47 24.32 32.57
CA ASN D 51 9.62 24.66 33.97
C ASN D 51 11.10 24.60 34.37
N GLN D 52 11.40 24.60 35.67
CA GLN D 52 12.78 24.60 36.14
C GLN D 52 13.45 23.22 36.02
N PHE D 53 12.64 22.20 35.75
CA PHE D 53 13.20 20.87 35.46
C PHE D 53 13.21 20.61 33.95
N GLY D 54 12.75 21.59 33.16
CA GLY D 54 12.76 21.45 31.72
C GLY D 54 11.44 21.04 31.08
N GLY D 55 10.38 20.91 31.88
CA GLY D 55 9.07 20.51 31.35
C GLY D 55 9.16 19.21 30.55
N TYR D 56 8.39 19.10 29.46
CA TYR D 56 8.59 17.97 28.54
C TYR D 56 9.41 18.36 27.32
N THR D 57 9.70 19.64 27.19
CA THR D 57 10.44 20.12 26.02
C THR D 57 11.95 20.16 26.28
N GLY D 58 12.35 19.84 27.52
CA GLY D 58 13.72 20.01 27.96
C GLY D 58 14.09 21.47 28.19
N THR D 60 14.03 25.08 30.24
CA THR D 60 13.81 26.03 31.33
C THR D 60 13.17 27.30 30.74
N PRO D 61 12.58 28.15 31.60
CA PRO D 61 12.01 29.40 31.03
C PRO D 61 13.03 30.29 30.29
N ALA D 62 14.25 30.37 30.81
CA ALA D 62 15.38 31.03 30.14
C ALA D 62 15.70 30.39 28.78
N ASP D 63 15.71 29.05 28.74
CA ASP D 63 15.90 28.33 27.49
C ASP D 63 14.80 28.72 26.50
N PHE D 64 13.54 28.68 26.95
CA PHE D 64 12.39 29.00 26.10
C PHE D 64 12.52 30.40 25.54
N ARG D 65 12.85 31.37 26.40
CA ARG D 65 13.12 32.75 25.98
C ARG D 65 14.20 32.79 24.89
N GLU D 66 15.31 32.09 25.10
CA GLU D 66 16.38 32.11 24.09
C GLU D 66 15.97 31.41 22.79
N PHE D 67 15.10 30.41 22.91
CA PHE D 67 14.60 29.64 21.77
C PHE D 67 13.68 30.51 20.90
N VAL D 68 12.80 31.28 21.55
CA VAL D 68 11.93 32.23 20.87
C VAL D 68 12.75 33.37 20.24
N PHE D 69 13.69 33.92 21.01
CA PHE D 69 14.61 34.96 20.56
C PHE D 69 15.42 34.57 19.33
N ALA D 70 15.89 33.33 19.27
CA ALA D 70 16.67 32.86 18.12
C ALA D 70 15.78 32.78 16.87
N ILE D 71 14.52 32.41 17.06
CA ILE D 71 13.58 32.32 15.94
C ILE D 71 13.23 33.74 15.53
N ALA D 72 13.02 34.61 16.50
CA ALA D 72 12.77 36.02 16.22
C ALA D 72 13.90 36.63 15.39
N ASP D 73 15.16 36.43 15.82
CA ASP D 73 16.31 36.97 15.13
C ASP D 73 16.35 36.49 13.68
N LYS D 74 16.07 35.21 13.47
CA LYS D 74 16.05 34.62 12.12
C LYS D 74 14.96 35.29 11.26
N VAL D 75 13.81 35.54 11.85
CA VAL D 75 12.72 36.25 11.18
C VAL D 75 13.07 37.73 10.87
N GLY D 76 13.82 38.37 11.76
CA GLY D 76 14.00 39.83 11.73
C GLY D 76 12.89 40.54 12.51
N PHE D 77 12.42 39.90 13.58
CA PHE D 77 11.37 40.44 14.45
C PHE D 77 12.01 40.91 15.74
N ALA D 78 11.92 42.21 16.03
CA ALA D 78 12.63 42.80 17.18
C ALA D 78 12.21 42.18 18.51
N ARG D 79 13.20 41.82 19.33
CA ARG D 79 12.90 41.12 20.59
C ARG D 79 11.94 41.91 21.47
N GLU D 80 12.00 43.24 21.35
CA GLU D 80 11.20 44.16 22.18
C GLU D 80 9.70 44.11 21.88
N ARG D 81 9.33 43.44 20.78
CA ARG D 81 7.93 43.29 20.42
C ARG D 81 7.36 41.95 20.88
N ILE D 82 8.17 41.14 21.56
CA ILE D 82 7.67 39.85 22.01
C ILE D 82 7.21 39.99 23.45
N ILE D 83 6.01 39.50 23.75
CA ILE D 83 5.60 39.28 25.12
C ILE D 83 5.66 37.78 25.45
N LEU D 84 6.33 37.45 26.55
CA LEU D 84 6.44 36.06 26.99
C LEU D 84 5.58 35.79 28.20
N GLY D 85 4.73 34.78 28.07
CA GLY D 85 3.76 34.45 29.09
C GLY D 85 3.89 33.04 29.63
N GLY D 86 3.43 32.86 30.87
CA GLY D 86 3.28 31.55 31.49
C GLY D 86 1.79 31.28 31.63
N ASP D 87 1.35 30.20 30.97
CA ASP D 87 -0.02 29.77 30.97
C ASP D 87 -0.26 28.76 32.07
N HIS D 88 -1.30 28.95 32.87
CA HIS D 88 -1.67 28.01 33.95
C HIS D 88 -0.56 27.68 34.92
N LEU D 89 0.20 28.70 35.34
CA LEU D 89 1.30 28.47 36.31
C LEU D 89 0.73 28.15 37.71
N GLY D 90 1.38 27.22 38.39
CA GLY D 90 0.82 26.56 39.56
C GLY D 90 1.25 25.09 39.60
N PRO D 91 0.65 24.29 40.50
CA PRO D 91 0.99 22.86 40.72
C PRO D 91 0.40 21.82 39.75
N ASN D 92 -0.13 22.24 38.60
CA ASN D 92 -0.91 21.30 37.78
C ASN D 92 -0.20 20.01 37.33
N CYS D 93 1.11 20.05 37.17
CA CYS D 93 1.82 18.85 36.76
C CYS D 93 2.53 18.18 37.94
N TRP D 94 2.32 18.73 39.13
CA TRP D 94 2.78 18.09 40.35
C TRP D 94 1.62 17.75 41.27
N GLN D 95 0.41 17.64 40.73
CA GLN D 95 -0.78 17.39 41.57
C GLN D 95 -0.91 15.97 42.09
N GLN D 96 0.04 15.17 41.63
CA GLN D 96 0.05 13.81 42.13
C GLN D 96 0.77 13.71 43.47
N GLU D 97 1.71 14.62 43.70
CA GLU D 97 2.32 14.78 45.02
C GLU D 97 1.36 15.45 45.99
N ASN D 98 1.79 15.57 47.25
CA ASN D 98 1.05 16.32 48.24
C ASN D 98 1.24 17.82 48.10
N VAL D 99 0.53 18.59 48.93
CA VAL D 99 0.39 20.02 48.70
C VAL D 99 1.66 20.77 49.05
N ASP D 100 2.28 20.41 50.17
CA ASP D 100 3.45 21.10 50.67
C ASP D 100 4.61 20.98 49.69
N ALA D 101 4.86 19.77 49.21
CA ALA D 101 5.87 19.54 48.18
C ALA D 101 5.47 20.15 46.86
N ALA D 102 4.19 19.99 46.50
CA ALA D 102 3.71 20.40 45.19
C ALA D 102 3.82 21.91 45.00
N GLU D 104 5.76 24.23 46.87
CA GLU D 104 7.16 24.65 46.86
C GLU D 104 7.77 24.54 45.47
N LYS D 105 7.42 23.47 44.77
CA LYS D 105 7.80 23.33 43.36
C LYS D 105 7.18 24.41 42.50
N SER D 106 5.92 24.76 42.80
CA SER D 106 5.22 25.80 42.06
C SER D 106 5.82 27.17 42.33
N VAL D 107 6.26 27.38 43.58
CA VAL D 107 6.84 28.66 43.97
C VAL D 107 8.11 28.96 43.19
N GLU D 108 8.89 27.92 42.92
CA GLU D 108 10.11 28.05 42.12
C GLU D 108 9.78 28.14 40.64
N LEU D 109 8.77 27.40 40.21
CA LEU D 109 8.25 27.51 38.85
C LEU D 109 8.03 28.97 38.47
N VAL D 110 7.20 29.67 39.33
CA VAL D 110 6.89 31.08 39.09
C VAL D 110 8.14 31.99 39.15
N LYS D 111 9.03 31.68 40.09
CA LYS D 111 10.26 32.45 40.28
C LYS D 111 11.15 32.38 39.04
N ALA D 112 11.21 31.18 38.45
CA ALA D 112 12.02 30.97 37.24
C ALA D 112 11.49 31.78 36.03
N TYR D 113 10.16 31.86 35.90
CA TYR D 113 9.50 32.58 34.80
C TYR D 113 9.71 34.09 34.87
N VAL D 114 9.69 34.61 36.10
CA VAL D 114 9.79 36.04 36.33
C VAL D 114 11.24 36.50 36.19
N ARG D 115 12.17 35.72 36.75
CA ARG D 115 13.58 36.01 36.62
C ARG D 115 13.96 36.00 35.15
N ALA D 116 13.40 35.05 34.40
CA ALA D 116 13.69 34.90 32.97
C ALA D 116 13.02 35.97 32.12
N GLY D 117 12.20 36.82 32.73
CA GLY D 117 11.61 37.98 32.03
C GLY D 117 10.23 37.83 31.40
N PHE D 118 9.53 36.74 31.70
CA PHE D 118 8.13 36.58 31.32
C PHE D 118 7.34 37.65 32.07
N SER D 119 6.52 38.40 31.36
CA SER D 119 5.84 39.55 31.96
C SER D 119 4.37 39.29 32.15
N LYS D 120 3.87 38.19 31.58
CA LYS D 120 2.48 37.76 31.74
C LYS D 120 2.41 36.43 32.49
N ILE D 121 1.87 36.46 33.71
CA ILE D 121 1.82 35.27 34.55
C ILE D 121 0.36 34.89 34.91
N HIS D 122 -0.07 33.72 34.45
CA HIS D 122 -1.38 33.19 34.81
C HIS D 122 -1.25 32.35 36.07
N LEU D 123 -1.88 32.82 37.14
CA LEU D 123 -1.85 32.14 38.45
C LEU D 123 -3.03 31.22 38.60
N ASP D 124 -2.77 29.92 38.52
CA ASP D 124 -3.83 28.94 38.62
C ASP D 124 -3.47 27.78 39.54
N ALA D 125 -4.00 27.82 40.76
CA ALA D 125 -3.84 26.72 41.70
C ALA D 125 -5.21 26.18 42.11
N SER D 126 -6.11 26.15 41.13
CA SER D 126 -7.49 25.69 41.31
C SER D 126 -7.59 24.18 41.51
N SER D 128 -6.75 20.35 42.98
CA SER D 128 -6.47 19.66 44.21
C SER D 128 -5.26 18.79 44.00
N CYS D 129 -4.48 18.63 45.06
CA CYS D 129 -3.31 17.75 45.02
C CYS D 129 -3.61 16.53 45.88
N ALA D 130 -2.63 15.65 46.06
CA ALA D 130 -2.86 14.48 46.87
C ALA D 130 -3.25 14.93 48.29
N GLY D 131 -4.40 14.48 48.75
CA GLY D 131 -4.88 14.82 50.10
C GLY D 131 -5.98 15.86 50.12
N ASP D 132 -5.92 16.80 49.18
CA ASP D 132 -6.92 17.87 49.04
C ASP D 132 -8.35 17.35 48.86
N PRO D 133 -9.35 18.14 49.27
CA PRO D 133 -10.72 17.77 48.91
C PRO D 133 -10.98 18.06 47.43
N ILE D 134 -11.91 17.32 46.82
CA ILE D 134 -12.32 17.55 45.42
C ILE D 134 -13.76 18.07 45.39
N PRO D 135 -13.95 19.36 45.01
CA PRO D 135 -12.88 20.26 44.61
C PRO D 135 -12.32 21.09 45.77
N LEU D 136 -11.47 22.06 45.46
CA LEU D 136 -10.97 23.02 46.43
C LEU D 136 -11.97 24.16 46.66
N ALA D 137 -12.16 24.55 47.92
CA ALA D 137 -12.94 25.74 48.26
C ALA D 137 -12.26 26.96 47.64
N PRO D 138 -13.05 27.92 47.11
CA PRO D 138 -12.48 29.08 46.42
C PRO D 138 -11.58 29.91 47.33
N GLU D 139 -11.77 29.80 48.64
CA GLU D 139 -10.89 30.45 49.58
C GLU D 139 -9.47 29.89 49.39
N THR D 140 -9.36 28.56 49.27
CA THR D 140 -8.03 27.96 49.18
C THR D 140 -7.41 28.13 47.81
N VAL D 141 -8.24 28.14 46.76
CA VAL D 141 -7.82 28.50 45.39
C VAL D 141 -7.19 29.90 45.44
N ALA D 142 -7.85 30.84 46.13
CA ALA D 142 -7.35 32.22 46.26
C ALA D 142 -6.01 32.33 47.04
N GLU D 143 -5.89 31.62 48.18
CA GLU D 143 -4.67 31.68 49.01
C GLU D 143 -3.47 31.18 48.23
N ARG D 144 -3.67 30.04 47.56
CA ARG D 144 -2.66 29.42 46.72
C ARG D 144 -2.18 30.34 45.61
N ALA D 145 -3.11 31.07 44.96
CA ALA D 145 -2.72 32.11 44.00
C ALA D 145 -1.96 33.27 44.65
N ALA D 146 -2.38 33.69 45.84
CA ALA D 146 -1.71 34.78 46.56
C ALA D 146 -0.25 34.39 46.94
N VAL D 147 -0.04 33.11 47.24
CA VAL D 147 1.32 32.56 47.45
C VAL D 147 2.15 32.68 46.16
N LEU D 148 1.54 32.35 45.02
CA LEU D 148 2.26 32.36 43.73
C LEU D 148 2.68 33.77 43.32
N CYS D 149 1.76 34.72 43.53
CA CYS D 149 2.01 36.15 43.34
C CYS D 149 3.11 36.72 44.30
N PHE D 150 3.08 36.31 45.58
CA PHE D 150 4.15 36.66 46.52
C PHE D 150 5.52 36.16 46.03
N ALA D 151 5.57 34.90 45.58
CA ALA D 151 6.78 34.35 44.97
C ALA D 151 7.22 35.20 43.76
N ALA D 152 6.30 35.42 42.83
CA ALA D 152 6.57 36.24 41.63
C ALA D 152 7.11 37.62 41.99
N GLU D 153 6.45 38.24 42.96
CA GLU D 153 6.70 39.61 43.37
C GLU D 153 8.02 39.80 44.05
N SER D 154 8.39 38.81 44.87
CA SER D 154 9.63 38.82 45.65
C SER D 154 10.94 38.76 44.80
N VAL D 155 10.85 38.28 43.56
CA VAL D 155 12.04 38.14 42.71
C VAL D 155 12.15 39.13 41.52
N ALA D 156 11.08 39.88 41.23
CA ALA D 156 11.11 40.84 40.12
C ALA D 156 11.98 42.07 40.43
N THR D 157 12.64 42.60 39.41
CA THR D 157 13.40 43.86 39.57
C THR D 157 12.40 45.02 39.62
N ASP D 158 12.87 46.22 39.93
CA ASP D 158 11.96 47.37 39.92
C ASP D 158 11.35 47.63 38.52
N CYS D 159 12.12 47.38 37.46
CA CYS D 159 11.61 47.52 36.10
C CYS D 159 10.69 46.37 35.68
N GLN D 160 11.08 45.14 36.02
CA GLN D 160 10.26 43.96 35.78
C GLN D 160 8.91 44.06 36.50
N ARG D 161 8.93 44.52 37.75
CA ARG D 161 7.73 44.60 38.58
C ARG D 161 6.64 45.47 37.95
N GLU D 162 7.06 46.65 37.47
CA GLU D 162 6.15 47.60 36.85
C GLU D 162 5.55 47.08 35.53
N GLN D 163 6.17 46.02 34.99
CA GLN D 163 5.74 45.37 33.74
C GLN D 163 4.95 44.07 33.90
N LEU D 164 4.89 43.52 35.12
CA LEU D 164 4.19 42.27 35.40
C LEU D 164 2.68 42.42 35.34
N SER D 165 2.03 41.48 34.67
CA SER D 165 0.57 41.40 34.59
C SER D 165 0.14 40.00 35.02
N TYR D 166 -0.86 39.93 35.89
CA TYR D 166 -1.40 38.65 36.31
C TYR D 166 -2.79 38.36 35.71
N VAL D 167 -3.03 37.06 35.50
CA VAL D 167 -4.34 36.55 35.12
C VAL D 167 -4.73 35.54 36.20
N ILE D 168 -5.95 35.65 36.69
CA ILE D 168 -6.42 34.73 37.70
C ILE D 168 -7.56 33.92 37.12
N GLY D 169 -7.91 32.83 37.80
CA GLY D 169 -9.10 32.07 37.41
C GLY D 169 -8.75 30.92 36.48
N THR D 170 -9.77 30.12 36.18
CA THR D 170 -9.64 28.98 35.28
C THR D 170 -10.93 28.72 34.46
N GLU D 171 -10.76 28.15 33.27
CA GLU D 171 -11.88 27.77 32.39
C GLU D 171 -12.48 26.42 32.83
N VAL D 172 -11.69 25.64 33.56
CA VAL D 172 -12.05 24.27 33.96
C VAL D 172 -13.28 24.23 34.91
N PRO D 173 -14.26 23.36 34.59
CA PRO D 173 -15.46 23.24 35.43
C PRO D 173 -15.14 22.73 36.82
N VAL D 174 -15.97 23.08 37.80
CA VAL D 174 -15.78 22.62 39.17
C VAL D 174 -16.44 21.26 39.37
N HIS D 186 -21.63 24.72 32.48
CA HIS D 186 -20.92 25.08 31.26
C HIS D 186 -20.47 26.55 31.27
N ILE D 187 -21.37 27.49 30.97
CA ILE D 187 -21.02 28.93 30.95
C ILE D 187 -20.93 29.48 32.37
N THR D 188 -19.80 30.14 32.69
CA THR D 188 -19.56 30.68 34.04
C THR D 188 -20.65 31.66 34.48
N HIS D 189 -21.27 31.36 35.63
CA HIS D 189 -22.23 32.27 36.27
C HIS D 189 -21.47 33.51 36.71
N VAL D 190 -22.13 34.67 36.63
CA VAL D 190 -21.51 35.94 37.02
C VAL D 190 -21.13 35.93 38.50
N GLU D 191 -22.02 35.39 39.34
CA GLU D 191 -21.78 35.28 40.78
C GLU D 191 -20.49 34.52 41.12
N ASP D 192 -20.15 33.50 40.33
CA ASP D 192 -18.93 32.73 40.56
C ASP D 192 -17.67 33.51 40.20
N ALA D 193 -17.71 34.20 39.06
CA ALA D 193 -16.61 35.07 38.64
C ALA D 193 -16.37 36.15 39.66
N ALA D 194 -17.48 36.75 40.13
CA ALA D 194 -17.46 37.77 41.18
C ALA D 194 -16.83 37.26 42.49
N ASN D 195 -17.16 36.03 42.85
CA ASN D 195 -16.66 35.43 44.08
C ASN D 195 -15.18 35.11 43.91
N THR D 196 -14.79 34.71 42.68
CA THR D 196 -13.38 34.44 42.34
C THR D 196 -12.51 35.71 42.52
N LEU D 197 -12.98 36.82 41.95
CA LEU D 197 -12.33 38.13 42.13
C LEU D 197 -12.27 38.52 43.61
N ARG D 198 -13.42 38.43 44.27
N ARG D 198 -13.42 38.43 44.28
CA ARG D 198 -13.57 38.75 45.70
CA ARG D 198 -13.54 38.78 45.70
C ARG D 198 -12.55 38.03 46.57
C ARG D 198 -12.53 38.03 46.59
N THR D 199 -12.61 36.70 46.58
CA THR D 199 -11.69 35.89 47.41
C THR D 199 -10.20 36.12 47.05
N HIS D 200 -9.93 36.36 45.77
CA HIS D 200 -8.55 36.67 45.35
C HIS D 200 -8.10 38.02 45.90
N GLN D 201 -8.98 39.01 45.90
CA GLN D 201 -8.66 40.33 46.49
C GLN D 201 -8.39 40.21 47.98
N LYS D 202 -9.22 39.45 48.68
CA LYS D 202 -9.06 39.21 50.11
C LYS D 202 -7.78 38.46 50.46
N ALA D 203 -7.54 37.35 49.76
CA ALA D 203 -6.32 36.57 50.02
C ALA D 203 -5.06 37.36 49.67
N PHE D 204 -5.11 38.15 48.60
CA PHE D 204 -3.95 38.95 48.18
C PHE D 204 -3.62 40.06 49.19
N ILE D 205 -4.64 40.82 49.59
CA ILE D 205 -4.49 41.88 50.61
C ILE D 205 -3.95 41.29 51.90
N ALA D 206 -4.42 40.10 52.25
CA ALA D 206 -4.04 39.40 53.48
C ALA D 206 -2.57 38.99 53.48
N ARG D 207 -1.96 39.02 52.30
CA ARG D 207 -0.56 38.62 52.13
C ARG D 207 0.41 39.80 51.86
N GLY D 208 -0.16 41.06 51.99
CA GLY D 208 0.63 42.27 51.70
C GLY D 208 0.59 42.72 50.23
N LEU D 209 -0.28 42.09 49.44
CA LEU D 209 -0.25 42.28 47.99
C LEU D 209 -1.34 43.21 47.40
N THR D 210 -1.47 44.40 48.00
CA THR D 210 -2.36 45.46 47.48
C THR D 210 -1.89 46.04 46.12
N GLU D 211 -0.63 46.45 46.04
CA GLU D 211 -0.05 47.02 44.83
C GLU D 211 0.07 45.97 43.71
N ALA D 212 0.37 44.73 44.08
CA ALA D 212 0.38 43.61 43.13
C ALA D 212 -1.01 43.30 42.56
N LEU D 213 -2.04 43.53 43.36
CA LEU D 213 -3.39 43.23 42.94
C LEU D 213 -3.80 44.18 41.82
N THR D 214 -3.23 45.39 41.82
CA THR D 214 -3.48 46.35 40.75
C THR D 214 -2.89 45.84 39.43
N ARG D 215 -2.01 44.85 39.50
CA ARG D 215 -1.41 44.30 38.30
C ARG D 215 -2.22 43.14 37.71
N VAL D 216 -3.28 42.72 38.41
CA VAL D 216 -4.21 41.74 37.85
C VAL D 216 -5.02 42.34 36.69
N ILE D 217 -4.77 41.88 35.46
CA ILE D 217 -5.38 42.49 34.25
C ILE D 217 -6.62 41.74 33.72
N ALA D 218 -6.70 40.45 34.06
CA ALA D 218 -7.71 39.58 33.44
C ALA D 218 -8.12 38.46 34.37
N ILE D 219 -9.33 37.94 34.14
CA ILE D 219 -9.79 36.75 34.80
C ILE D 219 -10.26 35.79 33.68
N VAL D 220 -10.01 34.50 33.87
CA VAL D 220 -10.47 33.47 32.93
C VAL D 220 -11.86 33.03 33.34
N VAL D 221 -12.79 33.09 32.41
CA VAL D 221 -14.10 32.44 32.59
C VAL D 221 -14.34 31.53 31.38
N GLN D 222 -15.40 30.72 31.47
CA GLN D 222 -15.90 29.97 30.32
C GLN D 222 -17.15 30.67 29.73
N PRO D 223 -16.99 31.31 28.55
CA PRO D 223 -18.01 32.02 27.81
C PRO D 223 -18.80 31.17 26.80
N GLY D 224 -18.49 29.88 26.70
CA GLY D 224 -19.17 28.95 25.81
C GLY D 224 -18.42 28.67 24.53
N VAL D 225 -17.09 28.52 24.62
CA VAL D 225 -16.24 28.04 23.52
C VAL D 225 -15.41 26.84 23.94
N GLU D 226 -15.45 25.79 23.12
CA GLU D 226 -14.93 24.49 23.47
C GLU D 226 -14.84 23.67 22.19
N PHE D 227 -13.91 22.72 22.19
CA PHE D 227 -13.87 21.69 21.17
C PHE D 227 -13.52 20.35 21.82
N ASP D 228 -13.86 19.28 21.10
CA ASP D 228 -13.24 17.97 21.28
C ASP D 228 -13.18 17.39 19.87
N HIS D 229 -12.96 16.08 19.77
CA HIS D 229 -12.45 15.47 18.55
C HIS D 229 -13.10 15.88 17.25
N SER D 230 -14.43 15.83 17.17
CA SER D 230 -15.15 16.20 15.95
C SER D 230 -16.34 17.11 16.26
N ASN D 231 -16.26 17.84 17.36
CA ASN D 231 -17.32 18.79 17.72
C ASN D 231 -16.78 20.12 18.23
N ILE D 232 -17.26 21.22 17.63
CA ILE D 232 -16.94 22.56 18.08
C ILE D 232 -18.16 23.20 18.72
N ILE D 233 -17.98 23.72 19.93
CA ILE D 233 -19.00 24.51 20.61
C ILE D 233 -18.74 25.97 20.22
N HIS D 234 -19.57 26.44 19.30
CA HIS D 234 -19.44 27.78 18.77
C HIS D 234 -19.99 28.81 19.74
N TYR D 235 -19.28 29.91 19.83
CA TYR D 235 -19.65 31.02 20.69
C TYR D 235 -21.05 31.52 20.35
N GLN D 236 -21.84 31.76 21.41
CA GLN D 236 -23.19 32.31 21.29
C GLN D 236 -23.17 33.52 22.22
N PRO D 237 -23.00 34.74 21.63
CA PRO D 237 -22.87 36.00 22.38
C PRO D 237 -24.02 36.28 23.35
N GLN D 238 -25.24 35.86 22.99
CA GLN D 238 -26.41 36.08 23.84
C GLN D 238 -26.24 35.39 25.19
N GLU D 239 -25.70 34.17 25.15
CA GLU D 239 -25.46 33.34 26.33
C GLU D 239 -24.37 33.87 27.26
N ALA D 240 -23.46 34.67 26.69
CA ALA D 240 -22.35 35.25 27.40
C ALA D 240 -22.52 36.73 27.78
N GLN D 241 -23.66 37.33 27.41
CA GLN D 241 -23.85 38.75 27.65
C GLN D 241 -23.81 39.19 29.12
N ALA D 242 -24.28 38.37 30.06
CA ALA D 242 -24.19 38.73 31.48
C ALA D 242 -22.72 38.82 31.92
N LEU D 243 -21.91 37.87 31.47
CA LEU D 243 -20.47 37.94 31.72
C LEU D 243 -19.84 39.24 31.17
N ALA D 244 -20.18 39.56 29.92
CA ALA D 244 -19.71 40.78 29.23
C ALA D 244 -20.16 42.05 29.95
N GLN D 245 -21.34 42.03 30.57
CA GLN D 245 -21.81 43.19 31.26
C GLN D 245 -21.10 43.38 32.61
N TRP D 246 -20.80 42.28 33.29
CA TRP D 246 -20.12 42.38 34.59
C TRP D 246 -18.66 42.86 34.43
N ILE D 247 -17.93 42.27 33.50
CA ILE D 247 -16.53 42.67 33.28
C ILE D 247 -16.40 44.18 33.04
N GLU D 248 -17.37 44.79 32.36
CA GLU D 248 -17.35 46.23 32.04
C GLU D 248 -17.17 47.13 33.23
N ASN D 249 -17.75 46.73 34.37
CA ASN D 249 -17.65 47.53 35.57
C ASN D 249 -16.37 47.32 36.40
N THR D 250 -15.54 46.37 35.98
CA THR D 250 -14.29 46.10 36.67
C THR D 250 -13.15 46.77 35.92
N ARG D 251 -11.93 46.56 36.40
CA ARG D 251 -10.72 47.15 35.85
C ARG D 251 -10.02 46.17 34.90
N VAL D 253 -10.16 42.69 31.94
CA VAL D 253 -10.83 42.10 30.78
C VAL D 253 -10.90 40.62 31.08
N TYR D 254 -11.51 39.88 30.16
CA TYR D 254 -11.49 38.45 30.20
C TYR D 254 -10.36 37.91 29.32
N GLU D 255 -9.76 36.81 29.77
CA GLU D 255 -8.90 35.96 28.92
C GLU D 255 -9.66 34.66 28.67
N ALA D 256 -9.91 34.34 27.40
CA ALA D 256 -10.60 33.10 27.03
C ALA D 256 -9.59 32.03 26.57
N HIS D 257 -9.77 30.81 27.08
CA HIS D 257 -8.95 29.68 26.67
C HIS D 257 -9.69 28.80 25.68
N SER D 258 -8.98 27.96 24.95
CA SER D 258 -9.61 26.97 24.11
C SER D 258 -10.48 27.66 23.08
N THR D 259 -10.01 28.79 22.55
CA THR D 259 -10.76 29.54 21.52
C THR D 259 -10.59 28.95 20.12
N ASP D 260 -9.79 27.89 19.99
CA ASP D 260 -9.43 27.36 18.67
C ASP D 260 -10.65 26.97 17.86
N TYR D 261 -10.51 27.12 16.55
CA TYR D 261 -11.47 26.63 15.56
C TYR D 261 -12.79 27.40 15.51
N GLN D 262 -12.84 28.60 16.08
CA GLN D 262 -14.08 29.41 15.98
C GLN D 262 -14.05 30.15 14.65
N THR D 263 -15.19 30.66 14.19
CA THR D 263 -15.18 31.50 13.02
C THR D 263 -14.56 32.86 13.37
N ARG D 264 -14.14 33.60 12.35
CA ARG D 264 -13.60 34.95 12.55
C ARG D 264 -14.64 35.93 13.10
N THR D 265 -15.92 35.67 12.80
CA THR D 265 -17.02 36.44 13.34
C THR D 265 -17.05 36.22 14.85
N ALA D 266 -16.87 34.97 15.29
CA ALA D 266 -16.87 34.68 16.73
C ALA D 266 -15.75 35.42 17.44
N TYR D 267 -14.56 35.45 16.82
CA TYR D 267 -13.42 36.16 17.39
C TYR D 267 -13.67 37.63 17.54
N TRP D 268 -14.25 38.24 16.52
CA TRP D 268 -14.65 39.64 16.62
C TRP D 268 -15.71 39.88 17.71
N GLU D 269 -16.71 39.00 17.80
CA GLU D 269 -17.74 39.07 18.85
C GLU D 269 -17.14 38.90 20.23
N LEU D 270 -16.30 37.88 20.39
CA LEU D 270 -15.53 37.67 21.61
C LEU D 270 -14.84 38.94 22.08
N VAL D 271 -14.02 39.55 21.22
CA VAL D 271 -13.30 40.78 21.60
C VAL D 271 -14.23 41.94 21.93
N ARG D 272 -15.34 42.04 21.18
CA ARG D 272 -16.42 42.99 21.46
C ARG D 272 -17.00 42.80 22.86
N ASP D 273 -17.16 41.54 23.24
CA ASP D 273 -17.75 41.20 24.52
C ASP D 273 -16.65 41.11 25.62
N HIS D 274 -15.50 41.72 25.35
CA HIS D 274 -14.41 41.92 26.34
C HIS D 274 -13.58 40.68 26.67
N PHE D 275 -13.65 39.69 25.78
CA PHE D 275 -12.70 38.57 25.82
C PHE D 275 -11.54 39.02 24.96
N ALA D 276 -10.73 39.87 25.59
CA ALA D 276 -9.73 40.68 24.91
C ALA D 276 -8.42 39.95 24.70
N ILE D 277 -8.19 38.90 25.49
CA ILE D 277 -7.02 38.05 25.33
C ILE D 277 -7.52 36.67 24.88
N LEU D 278 -7.06 36.22 23.71
CA LEU D 278 -7.64 35.02 23.11
C LEU D 278 -6.56 33.99 22.94
N LYS D 279 -6.63 32.91 23.71
CA LYS D 279 -5.58 31.87 23.67
C LYS D 279 -5.85 30.83 22.59
N VAL D 280 -4.83 30.56 21.79
CA VAL D 280 -4.90 29.58 20.72
C VAL D 280 -3.63 28.70 20.79
N GLY D 281 -3.77 27.41 20.53
CA GLY D 281 -2.63 26.56 20.41
C GLY D 281 -2.88 25.45 19.43
N PRO D 282 -3.72 24.48 19.82
CA PRO D 282 -4.10 23.32 19.03
C PRO D 282 -4.50 23.63 17.55
N ALA D 283 -5.18 24.75 17.30
CA ALA D 283 -5.56 25.13 15.92
C ALA D 283 -4.32 25.39 15.06
N LEU D 284 -3.28 25.95 15.68
CA LEU D 284 -2.03 26.26 14.95
C LEU D 284 -1.22 25.02 14.60
N THR D 285 -1.12 24.07 15.51
CA THR D 285 -0.41 22.82 15.20
C THR D 285 -1.27 21.88 14.33
N PHE D 286 -2.58 22.01 14.47
CA PHE D 286 -3.53 21.29 13.63
C PHE D 286 -3.36 21.71 12.16
N ALA D 287 -3.33 23.02 11.90
CA ALA D 287 -3.02 23.54 10.55
C ALA D 287 -1.67 23.02 10.06
N LEU D 288 -0.67 23.07 10.93
CA LEU D 288 0.67 22.58 10.61
C LEU D 288 0.62 21.09 10.21
N ARG D 289 -0.04 20.29 11.04
CA ARG D 289 -0.20 18.87 10.75
C ARG D 289 -0.86 18.66 9.37
N GLU D 290 -1.87 19.46 9.05
CA GLU D 290 -2.55 19.42 7.73
C GLU D 290 -1.58 19.64 6.58
N ALA D 291 -0.75 20.66 6.69
CA ALA D 291 0.35 20.88 5.73
C ALA D 291 1.28 19.67 5.61
N ILE D 292 1.77 19.14 6.74
CA ILE D 292 2.64 17.95 6.75
C ILE D 292 2.00 16.77 6.03
N PHE D 293 0.74 16.48 6.36
CA PHE D 293 -0.01 15.35 5.80
C PHE D 293 -0.24 15.54 4.32
N ALA D 294 -0.57 16.76 3.89
CA ALA D 294 -0.68 17.06 2.45
C ALA D 294 0.65 16.89 1.72
N LEU D 295 1.74 17.44 2.28
CA LEU D 295 3.08 17.25 1.72
C LEU D 295 3.55 15.78 1.68
N ALA D 296 3.19 15.00 2.69
CA ALA D 296 3.53 13.57 2.71
C ALA D 296 2.77 12.77 1.64
N GLN D 297 1.50 13.12 1.41
CA GLN D 297 0.72 12.52 0.34
C GLN D 297 1.38 12.83 -1.04
N ILE D 298 1.75 14.10 -1.23
CA ILE D 298 2.48 14.56 -2.41
C ILE D 298 3.82 13.81 -2.57
N GLU D 299 4.58 13.70 -1.48
CA GLU D 299 5.84 12.96 -1.50
C GLU D 299 5.66 11.48 -1.89
N GLN D 300 4.62 10.83 -1.37
CA GLN D 300 4.31 9.44 -1.73
C GLN D 300 4.22 9.27 -3.26
N GLU D 301 3.76 10.29 -3.97
CA GLU D 301 3.55 10.17 -5.37
C GLU D 301 4.68 10.74 -6.25
N LEU D 302 5.33 11.79 -5.78
CA LEU D 302 6.30 12.55 -6.54
C LEU D 302 7.71 11.97 -6.46
N ILE D 303 7.99 11.25 -5.37
CA ILE D 303 9.33 10.85 -5.06
C ILE D 303 9.55 9.35 -5.32
N ALA D 304 10.71 9.02 -5.89
CA ALA D 304 11.13 7.65 -6.13
C ALA D 304 11.00 6.74 -4.88
N PRO D 305 10.55 5.47 -5.09
CA PRO D 305 10.18 4.59 -3.99
C PRO D 305 11.30 4.35 -2.99
N GLU D 306 12.54 4.27 -3.47
CA GLU D 306 13.68 4.05 -2.59
C GLU D 306 14.02 5.24 -1.67
N ASN D 307 13.57 6.45 -2.04
CA ASN D 307 13.88 7.65 -1.23
C ASN D 307 12.74 8.26 -0.40
N ARG D 308 11.53 7.71 -0.51
CA ARG D 308 10.37 8.27 0.22
C ARG D 308 10.59 8.14 1.71
N SER D 309 10.19 9.16 2.47
CA SER D 309 10.48 9.22 3.91
C SER D 309 9.73 8.18 4.76
N GLY D 310 8.59 7.72 4.24
CA GLY D 310 7.67 6.90 5.03
C GLY D 310 7.10 7.64 6.22
N CYS D 311 7.01 8.97 6.10
N CYS D 311 7.01 8.97 6.17
CA CYS D 311 6.60 9.88 7.19
CA CYS D 311 6.70 9.73 7.40
C CYS D 311 5.35 9.44 7.95
C CYS D 311 5.29 9.55 8.01
N LEU D 312 4.26 9.29 7.22
CA LEU D 312 2.94 8.96 7.82
C LEU D 312 2.95 7.64 8.58
N ALA D 313 3.63 6.65 8.04
CA ALA D 313 3.75 5.34 8.67
C ALA D 313 4.60 5.43 9.97
N VAL D 314 5.67 6.25 9.93
CA VAL D 314 6.50 6.52 11.10
C VAL D 314 5.69 7.16 12.20
N ILE D 315 4.98 8.25 11.86
CA ILE D 315 4.16 8.95 12.84
C ILE D 315 3.16 7.96 13.50
N GLU D 316 2.48 7.18 12.67
CA GLU D 316 1.49 6.25 13.15
C GLU D 316 2.10 5.21 14.08
N GLU D 317 3.27 4.66 13.71
CA GLU D 317 3.90 3.66 14.54
C GLU D 317 4.43 4.24 15.87
N VAL D 318 4.99 5.46 15.84
CA VAL D 318 5.53 6.05 17.06
C VAL D 318 4.37 6.33 18.02
N LEU D 320 1.25 4.84 18.04
CA LEU D 320 0.73 3.56 18.56
C LEU D 320 1.63 2.94 19.64
N ASP D 321 2.95 3.12 19.54
CA ASP D 321 3.89 2.49 20.50
C ASP D 321 4.14 3.30 21.75
N GLU D 322 3.91 4.61 21.65
CA GLU D 322 4.12 5.49 22.78
C GLU D 322 2.85 6.33 22.95
N PRO D 323 1.76 5.67 23.39
CA PRO D 323 0.44 6.27 23.39
C PRO D 323 0.13 7.23 24.55
N GLN D 324 1.08 7.50 25.43
N GLN D 324 1.10 7.49 25.43
CA GLN D 324 0.84 8.25 26.66
CA GLN D 324 0.88 8.27 26.66
C GLN D 324 0.12 9.59 26.44
C GLN D 324 0.17 9.61 26.47
N TYR D 325 0.55 10.35 25.43
CA TYR D 325 0.01 11.70 25.22
C TYR D 325 -1.37 11.76 24.59
N TRP D 326 -1.91 10.63 24.13
CA TRP D 326 -3.24 10.60 23.51
C TRP D 326 -4.23 9.59 24.08
N LYS D 327 -3.72 8.61 24.82
CA LYS D 327 -4.50 7.48 25.33
C LYS D 327 -5.80 7.93 26.02
N LYS D 328 -5.68 8.91 26.91
CA LYS D 328 -6.82 9.41 27.68
C LYS D 328 -7.82 10.19 26.82
N TYR D 329 -7.42 10.62 25.63
CA TYR D 329 -8.31 11.41 24.76
C TYR D 329 -9.12 10.61 23.76
N TYR D 330 -8.51 9.58 23.18
CA TYR D 330 -9.05 8.99 21.94
C TYR D 330 -9.86 7.71 22.16
N ARG D 331 -10.59 7.27 21.13
CA ARG D 331 -11.40 6.05 21.20
C ARG D 331 -10.52 4.77 21.26
N THR D 332 -11.11 3.65 21.69
CA THR D 332 -10.38 2.40 21.91
C THR D 332 -10.41 1.43 20.70
N GLY D 333 -11.43 1.53 19.85
CA GLY D 333 -11.45 0.75 18.60
C GLY D 333 -10.22 1.07 17.79
N PHE D 334 -9.67 0.11 17.05
CA PHE D 334 -8.37 0.34 16.41
C PHE D 334 -8.41 1.41 15.30
N ASN D 335 -9.35 1.28 14.35
CA ASN D 335 -9.45 2.26 13.25
C ASN D 335 -9.95 3.60 13.77
N ASP D 336 -10.90 3.57 14.69
CA ASP D 336 -11.38 4.76 15.37
C ASP D 336 -10.23 5.56 15.96
N SER D 337 -9.29 4.87 16.61
CA SER D 337 -8.15 5.54 17.25
C SER D 337 -7.23 6.15 16.21
N LEU D 338 -7.13 5.53 15.03
CA LEU D 338 -6.33 6.09 13.93
C LEU D 338 -6.99 7.34 13.36
N LEU D 339 -8.30 7.34 13.29
CA LEU D 339 -9.02 8.52 12.84
C LEU D 339 -8.79 9.72 13.79
N ASP D 340 -8.88 9.48 15.10
CA ASP D 340 -8.52 10.45 16.12
C ASP D 340 -7.06 10.90 16.07
N ILE D 341 -6.14 9.94 16.05
CA ILE D 341 -4.71 10.28 15.96
C ILE D 341 -4.48 11.23 14.77
N ARG D 342 -5.17 10.95 13.68
CA ARG D 342 -5.04 11.74 12.48
C ARG D 342 -5.81 13.06 12.56
N TYR D 343 -7.10 13.00 12.88
CA TYR D 343 -7.97 14.14 12.56
C TYR D 343 -8.64 14.88 13.70
N SER D 344 -8.46 14.41 14.93
CA SER D 344 -9.11 15.05 16.08
C SER D 344 -8.64 16.48 16.33
N LEU D 345 -9.61 17.34 16.67
CA LEU D 345 -9.37 18.72 17.04
C LEU D 345 -8.48 18.87 18.29
N SER D 346 -8.47 17.86 19.17
CA SER D 346 -7.55 17.83 20.33
C SER D 346 -6.08 17.92 19.91
N ASP D 347 -5.76 17.47 18.71
CA ASP D 347 -4.42 17.68 18.14
C ASP D 347 -3.34 17.04 19.03
N ARG D 348 -3.62 15.87 19.55
CA ARG D 348 -2.66 15.23 20.47
C ARG D 348 -1.33 14.87 19.77
N ILE D 349 -1.39 14.76 18.43
CA ILE D 349 -0.21 14.58 17.59
C ILE D 349 0.84 15.66 17.82
N ARG D 350 0.42 16.82 18.31
CA ARG D 350 1.37 17.92 18.52
C ARG D 350 2.51 17.58 19.50
N TYR D 351 2.25 16.67 20.44
CA TYR D 351 3.31 16.23 21.38
C TYR D 351 4.34 15.26 20.79
N TYR D 352 4.14 14.87 19.53
CA TYR D 352 4.97 13.86 18.92
C TYR D 352 5.94 14.41 17.89
N TRP D 353 5.69 15.64 17.42
CA TRP D 353 6.60 16.32 16.48
C TRP D 353 8.07 16.33 16.92
N PRO D 354 8.36 16.52 18.24
CA PRO D 354 9.77 16.48 18.65
C PRO D 354 10.47 15.11 18.64
N HIS D 355 9.70 14.02 18.51
CA HIS D 355 10.27 12.67 18.56
C HIS D 355 11.26 12.53 17.40
N SER D 356 12.46 12.02 17.68
CA SER D 356 13.52 11.98 16.69
C SER D 356 13.16 11.22 15.42
N ARG D 357 12.43 10.12 15.54
CA ARG D 357 12.00 9.37 14.32
C ARG D 357 11.08 10.21 13.46
N ILE D 358 10.16 10.93 14.09
CA ILE D 358 9.25 11.81 13.37
C ILE D 358 9.96 13.02 12.77
N LYS D 359 10.72 13.73 13.58
CA LYS D 359 11.61 14.77 13.12
C LYS D 359 12.47 14.38 11.91
N ASN D 360 13.09 13.21 11.96
CA ASN D 360 13.98 12.80 10.90
C ASN D 360 13.22 12.47 9.62
N SER D 361 12.07 11.81 9.74
CA SER D 361 11.36 11.41 8.54
C SER D 361 10.69 12.64 7.91
N VAL D 362 10.21 13.56 8.74
CA VAL D 362 9.74 14.84 8.24
C VAL D 362 10.87 15.63 7.56
N GLU D 363 12.06 15.65 8.12
CA GLU D 363 13.15 16.34 7.42
C GLU D 363 13.53 15.69 6.07
N THR D 364 13.56 14.37 6.04
CA THR D 364 13.82 13.64 4.77
C THR D 364 12.77 14.00 3.71
N VAL D 367 13.48 17.59 2.48
CA VAL D 367 14.62 17.49 1.55
C VAL D 367 14.17 17.00 0.17
N ASN D 368 13.38 15.93 0.14
CA ASN D 368 12.92 15.34 -1.11
C ASN D 368 12.10 16.36 -1.87
N LEU D 369 11.11 16.93 -1.20
CA LEU D 369 10.21 17.89 -1.79
C LEU D 369 10.86 19.21 -2.23
N GLN D 370 11.81 19.70 -1.44
CA GLN D 370 12.51 20.95 -1.74
C GLN D 370 13.43 20.82 -2.94
N GLY D 371 13.71 19.59 -3.34
CA GLY D 371 14.56 19.33 -4.48
C GLY D 371 13.84 19.22 -5.81
N VAL D 372 12.51 19.10 -5.77
N VAL D 372 12.50 19.19 -5.77
CA VAL D 372 11.70 18.99 -6.97
CA VAL D 372 11.67 18.93 -6.94
C VAL D 372 10.65 20.10 -7.07
C VAL D 372 10.53 19.96 -7.06
N ASP D 373 10.16 20.33 -8.29
CA ASP D 373 9.02 21.24 -8.53
C ASP D 373 7.73 20.45 -8.26
N ILE D 374 6.88 20.95 -7.36
CA ILE D 374 5.59 20.31 -7.11
C ILE D 374 4.54 20.79 -8.14
N PRO D 375 3.93 19.85 -8.89
CA PRO D 375 2.94 20.25 -9.88
C PRO D 375 1.78 21.04 -9.26
N LEU D 376 1.35 22.08 -9.96
CA LEU D 376 0.23 22.92 -9.55
C LEU D 376 -1.01 22.12 -9.14
N GLY D 377 -1.34 21.11 -9.94
CA GLY D 377 -2.55 20.29 -9.73
C GLY D 377 -2.50 19.53 -8.41
N ILE D 379 -0.97 20.77 -5.66
CA ILE D 379 -1.35 21.81 -4.71
C ILE D 379 -2.86 22.02 -4.70
N SER D 380 -3.50 22.01 -5.86
CA SER D 380 -4.93 22.21 -5.94
C SER D 380 -5.67 21.09 -5.24
N GLN D 381 -5.19 19.86 -5.40
CA GLN D 381 -5.82 18.70 -4.77
C GLN D 381 -5.69 18.71 -3.23
N TYR D 382 -4.49 18.97 -2.73
CA TYR D 382 -4.18 18.72 -1.35
C TYR D 382 -4.17 19.96 -0.50
N LEU D 383 -3.92 21.11 -1.12
CA LEU D 383 -3.80 22.38 -0.44
C LEU D 383 -4.53 23.50 -1.22
N PRO D 384 -5.84 23.33 -1.48
CA PRO D 384 -6.53 24.23 -2.42
C PRO D 384 -6.50 25.72 -2.09
N LYS D 385 -6.53 26.09 -0.82
CA LYS D 385 -6.48 27.51 -0.44
C LYS D 385 -5.08 28.10 -0.76
N GLN D 386 -4.05 27.28 -0.61
CA GLN D 386 -2.68 27.68 -0.99
C GLN D 386 -2.60 27.76 -2.53
N PHE D 387 -3.28 26.84 -3.20
CA PHE D 387 -3.35 26.90 -4.67
C PHE D 387 -3.94 28.24 -5.19
N GLU D 388 -5.05 28.66 -4.58
CA GLU D 388 -5.70 29.90 -4.93
C GLU D 388 -4.77 31.09 -4.78
N ARG D 389 -4.03 31.12 -3.67
CA ARG D 389 -2.99 32.14 -3.47
C ARG D 389 -1.80 32.04 -4.44
N ILE D 390 -1.45 30.84 -4.89
CA ILE D 390 -0.42 30.75 -5.94
C ILE D 390 -1.00 31.37 -7.23
N GLN D 391 -2.23 31.01 -7.59
CA GLN D 391 -2.89 31.54 -8.78
C GLN D 391 -2.89 33.09 -8.82
N SER D 392 -3.04 33.70 -7.64
CA SER D 392 -3.10 35.18 -7.51
C SER D 392 -1.74 35.82 -7.38
N GLY D 393 -0.68 34.99 -7.46
CA GLY D 393 0.71 35.44 -7.40
C GLY D 393 1.14 35.89 -6.01
N GLU D 394 0.55 35.31 -4.97
CA GLU D 394 0.75 35.76 -3.59
C GLU D 394 1.50 34.72 -2.77
N LEU D 395 1.89 33.62 -3.42
CA LEU D 395 2.48 32.45 -2.74
C LEU D 395 3.11 31.61 -3.82
N SER D 396 4.02 30.71 -3.46
CA SER D 396 4.63 29.78 -4.41
C SER D 396 4.43 28.39 -3.89
N ALA D 397 4.64 27.41 -4.78
CA ALA D 397 4.39 26.01 -4.49
C ALA D 397 5.62 25.42 -3.80
N ILE D 398 6.03 26.06 -2.73
CA ILE D 398 7.31 25.80 -2.10
C ILE D 398 6.99 25.29 -0.68
N PRO D 399 7.49 24.09 -0.33
CA PRO D 399 7.09 23.38 0.91
C PRO D 399 7.00 24.26 2.13
N HIS D 400 8.04 25.05 2.38
CA HIS D 400 8.08 25.86 3.58
C HIS D 400 6.99 26.94 3.57
N GLN D 401 6.85 27.59 2.42
CA GLN D 401 5.84 28.62 2.25
C GLN D 401 4.42 28.08 2.42
N LEU D 402 4.23 26.82 2.02
CA LEU D 402 2.93 26.17 2.05
C LEU D 402 2.51 25.91 3.50
N ILE D 403 3.46 25.44 4.31
CA ILE D 403 3.27 25.29 5.76
C ILE D 403 2.98 26.61 6.51
N ASP D 405 1.77 29.27 5.28
CA ASP D 405 0.46 29.78 4.87
C ASP D 405 -0.70 29.08 5.57
N LYS D 406 -0.59 27.78 5.75
CA LYS D 406 -1.60 27.06 6.49
C LYS D 406 -1.73 27.63 7.91
N ILE D 407 -0.60 27.88 8.55
CA ILE D 407 -0.61 28.47 9.89
C ILE D 407 -1.15 29.90 9.85
N TYR D 408 -0.73 30.68 8.83
CA TYR D 408 -1.22 32.06 8.65
C TYR D 408 -2.71 32.17 8.64
N ASP D 409 -3.42 31.25 7.97
CA ASP D 409 -4.90 31.29 7.91
C ASP D 409 -5.57 31.22 9.30
N VAL D 410 -4.95 30.53 10.25
CA VAL D 410 -5.44 30.55 11.64
C VAL D 410 -5.17 31.94 12.25
N LEU D 411 -3.93 32.43 12.12
CA LEU D 411 -3.60 33.79 12.57
C LEU D 411 -4.43 34.91 11.96
N ARG D 412 -4.83 34.77 10.68
CA ARG D 412 -5.68 35.77 10.00
C ARG D 412 -7.06 35.86 10.58
N ALA D 413 -7.59 34.72 11.04
CA ALA D 413 -8.92 34.71 11.66
C ALA D 413 -8.87 35.45 13.02
N TYR D 414 -7.74 35.30 13.74
CA TYR D 414 -7.56 35.99 15.02
C TYR D 414 -7.39 37.49 14.85
N ARG D 415 -6.59 37.87 13.87
CA ARG D 415 -6.35 39.27 13.56
C ARG D 415 -7.64 39.98 13.16
N TYR D 416 -8.51 39.29 12.43
CA TYR D 416 -9.82 39.81 12.10
C TYR D 416 -10.62 40.21 13.37
N GLY D 417 -10.67 39.34 14.37
CA GLY D 417 -11.34 39.67 15.63
C GLY D 417 -10.63 40.70 16.49
N CYS D 418 -9.30 40.71 16.44
CA CYS D 418 -8.47 41.50 17.39
C CYS D 418 -8.11 42.89 16.92
N ALA D 419 -8.26 43.11 15.62
CA ALA D 419 -7.83 44.33 14.95
C ALA D 419 -8.90 44.70 13.94
N GLU D 420 -9.35 45.97 13.88
CA GLU D 420 -8.67 47.19 14.39
C GLU D 420 -8.17 47.21 15.85
#